data_1OM2
#
_entry.id   1OM2
#
_cell.length_a   1.000
_cell.length_b   1.000
_cell.length_c   1.000
_cell.angle_alpha   90.00
_cell.angle_beta   90.00
_cell.angle_gamma   90.00
#
_symmetry.space_group_name_H-M   'P 1'
#
loop_
_entity.id
_entity.type
_entity.pdbx_description
1 polymer 'PROTEIN (MITOCHONDRIAL IMPORT RECEPTOR SUBUNIT TOM20)'
2 polymer 'PROTEIN (MITOCHONDRIAL ALDEHYDE DEHYDROGENASE)'
#
loop_
_entity_poly.entity_id
_entity_poly.type
_entity_poly.pdbx_seq_one_letter_code
_entity_poly.pdbx_strand_id
1 'polypeptide(L)'
;RAGLSKLPDLKDAEAVQKFFLEEIQLGEELLAQGDYEKGVDHLTNAIAVCGQPQQLLQVLQQTLPPPVFQMLLTKLPTIS
QRIVSAQSLGEDDVE
;
A
2 'polypeptide(L)' GPRLSRLLSYA B
#
# COMPACT_ATOMS: atom_id res chain seq x y z
N ARG A 1 12.64 -2.70 30.51
CA ARG A 1 11.27 -2.94 30.03
C ARG A 1 11.23 -4.19 29.15
N ALA A 2 11.37 -4.04 27.82
CA ALA A 2 11.37 -5.15 26.88
C ALA A 2 12.03 -4.68 25.58
N GLY A 3 12.20 -5.60 24.63
CA GLY A 3 12.80 -5.32 23.33
C GLY A 3 11.82 -4.60 22.40
N LEU A 4 12.23 -4.39 21.15
CA LEU A 4 11.44 -3.73 20.12
C LEU A 4 11.84 -4.33 18.76
N SER A 5 10.85 -4.67 17.93
CA SER A 5 11.04 -5.23 16.61
C SER A 5 9.73 -5.14 15.83
N LYS A 6 9.75 -5.62 14.58
CA LYS A 6 8.61 -5.63 13.67
C LYS A 6 7.84 -6.94 13.88
N LEU A 7 6.51 -6.92 13.80
CA LEU A 7 5.62 -8.08 13.96
C LEU A 7 6.06 -9.00 15.10
N PRO A 8 6.06 -8.49 16.35
CA PRO A 8 6.45 -9.26 17.52
C PRO A 8 5.50 -10.45 17.76
N ASP A 9 4.21 -10.18 17.98
CA ASP A 9 3.21 -11.22 18.23
C ASP A 9 1.81 -10.85 17.74
N LEU A 10 1.52 -9.55 17.54
CA LEU A 10 0.25 -9.01 17.05
C LEU A 10 -0.88 -8.94 18.06
N LYS A 11 -0.77 -9.69 19.16
CA LYS A 11 -1.77 -9.62 20.22
C LYS A 11 -1.85 -8.17 20.70
N ASP A 12 -0.71 -7.49 20.79
CA ASP A 12 -0.64 -6.10 21.20
C ASP A 12 -1.01 -5.22 20.01
N ALA A 13 -1.85 -4.23 20.28
CA ALA A 13 -2.34 -3.28 19.28
C ALA A 13 -1.29 -2.21 19.02
N GLU A 14 -0.60 -1.80 20.09
CA GLU A 14 0.44 -0.78 20.04
C GLU A 14 1.57 -1.23 19.10
N ALA A 15 1.94 -2.51 19.15
CA ALA A 15 3.01 -3.06 18.30
C ALA A 15 2.59 -3.04 16.84
N VAL A 16 1.32 -3.37 16.61
CA VAL A 16 0.73 -3.43 15.29
C VAL A 16 0.66 -1.99 14.77
N GLN A 17 0.33 -1.04 15.64
CA GLN A 17 0.25 0.37 15.26
C GLN A 17 1.66 0.86 14.92
N LYS A 18 2.66 0.50 15.75
CA LYS A 18 4.03 0.93 15.53
C LYS A 18 4.52 0.44 14.17
N PHE A 19 4.42 -0.87 13.95
CA PHE A 19 4.85 -1.49 12.69
C PHE A 19 4.05 -0.95 11.51
N PHE A 20 2.71 -0.85 11.65
CA PHE A 20 1.82 -0.39 10.58
C PHE A 20 2.32 0.98 10.11
N LEU A 21 2.58 1.88 11.06
CA LEU A 21 3.12 3.21 10.80
C LEU A 21 4.52 3.14 10.23
N GLU A 22 5.38 2.25 10.76
CA GLU A 22 6.73 2.10 10.25
C GLU A 22 6.69 1.76 8.76
N GLU A 23 5.69 0.98 8.33
CA GLU A 23 5.54 0.54 6.95
C GLU A 23 4.95 1.66 6.11
N ILE A 24 3.91 2.34 6.62
CA ILE A 24 3.28 3.50 5.98
C ILE A 24 4.40 4.51 5.64
N GLN A 25 5.24 4.82 6.64
CA GLN A 25 6.32 5.79 6.48
C GLN A 25 7.46 5.26 5.60
N LEU A 26 7.94 4.04 5.89
CA LEU A 26 9.00 3.38 5.15
C LEU A 26 8.65 3.40 3.66
N GLY A 27 7.41 3.02 3.32
CA GLY A 27 6.92 3.03 1.95
C GLY A 27 7.04 4.44 1.40
N GLU A 28 6.32 5.42 1.98
CA GLU A 28 6.45 6.79 1.46
C GLU A 28 7.91 7.21 1.23
N GLU A 29 8.80 6.87 2.15
CA GLU A 29 10.22 7.16 2.09
C GLU A 29 10.92 6.43 0.93
N LEU A 30 10.59 5.15 0.70
CA LEU A 30 11.18 4.41 -0.41
C LEU A 30 10.70 5.03 -1.72
N LEU A 31 9.43 5.45 -1.77
CA LEU A 31 8.89 6.11 -2.95
C LEU A 31 9.56 7.47 -3.12
N ALA A 32 9.94 8.09 -2.00
CA ALA A 32 10.71 9.33 -2.03
C ALA A 32 12.04 9.11 -2.76
N GLN A 33 12.48 7.85 -2.89
CA GLN A 33 13.67 7.44 -3.61
C GLN A 33 13.23 7.08 -5.04
N GLY A 34 12.06 6.44 -5.14
CA GLY A 34 11.40 6.03 -6.37
C GLY A 34 10.98 4.56 -6.39
N ASP A 35 11.05 3.83 -5.27
CA ASP A 35 10.71 2.40 -5.30
C ASP A 35 9.20 2.10 -5.14
N TYR A 36 8.39 2.67 -6.03
CA TYR A 36 6.94 2.53 -6.14
C TYR A 36 6.49 1.09 -5.98
N GLU A 37 7.21 0.19 -6.63
CA GLU A 37 6.94 -1.25 -6.60
C GLU A 37 6.94 -1.76 -5.18
N LYS A 38 7.93 -1.32 -4.40
CA LYS A 38 8.02 -1.69 -2.99
C LYS A 38 6.93 -0.98 -2.21
N GLY A 39 6.55 0.23 -2.60
CA GLY A 39 5.47 0.93 -1.94
C GLY A 39 4.17 0.14 -2.06
N VAL A 40 3.92 -0.45 -3.23
CA VAL A 40 2.70 -1.23 -3.42
C VAL A 40 2.68 -2.40 -2.46
N ASP A 41 3.78 -3.15 -2.40
CA ASP A 41 3.95 -4.32 -1.54
C ASP A 41 3.82 -3.95 -0.06
N HIS A 42 4.59 -2.96 0.37
CA HIS A 42 4.62 -2.49 1.73
C HIS A 42 3.25 -1.95 2.12
N LEU A 43 2.58 -1.24 1.21
CA LEU A 43 1.28 -0.72 1.56
C LEU A 43 0.36 -1.93 1.70
N THR A 44 0.43 -2.90 0.78
CA THR A 44 -0.39 -4.11 0.85
C THR A 44 -0.21 -4.78 2.23
N ASN A 45 1.02 -4.74 2.74
CA ASN A 45 1.35 -5.33 4.05
C ASN A 45 0.69 -4.50 5.15
N ALA A 46 0.72 -3.16 5.02
CA ALA A 46 0.07 -2.28 5.98
C ALA A 46 -1.41 -2.70 6.09
N ILE A 47 -2.07 -2.97 4.95
CA ILE A 47 -3.45 -3.47 4.93
C ILE A 47 -3.57 -4.83 5.58
N ALA A 48 -2.56 -5.68 5.41
CA ALA A 48 -2.55 -7.04 5.94
C ALA A 48 -2.58 -7.04 7.47
N VAL A 49 -2.03 -6.01 8.08
CA VAL A 49 -2.02 -5.90 9.53
C VAL A 49 -3.12 -4.98 10.03
N CYS A 50 -3.69 -4.14 9.16
CA CYS A 50 -4.79 -3.26 9.56
C CYS A 50 -6.13 -3.97 9.46
N GLY A 51 -6.41 -4.59 8.31
CA GLY A 51 -7.66 -5.32 8.08
C GLY A 51 -8.84 -4.40 7.73
N GLN A 52 -8.57 -3.10 7.58
CA GLN A 52 -9.56 -2.08 7.25
C GLN A 52 -8.95 -1.25 6.11
N PRO A 53 -8.73 -1.86 4.92
CA PRO A 53 -8.13 -1.17 3.80
C PRO A 53 -8.83 0.13 3.45
N GLN A 54 -10.15 0.07 3.23
CA GLN A 54 -10.97 1.19 2.82
C GLN A 54 -10.81 2.42 3.71
N GLN A 55 -10.72 2.23 5.04
CA GLN A 55 -10.53 3.36 5.94
C GLN A 55 -9.20 4.01 5.61
N LEU A 56 -8.16 3.19 5.49
CA LEU A 56 -6.85 3.69 5.18
C LEU A 56 -6.84 4.33 3.78
N LEU A 57 -7.55 3.77 2.80
CA LEU A 57 -7.57 4.37 1.47
C LEU A 57 -8.15 5.78 1.51
N GLN A 58 -9.21 6.00 2.31
CA GLN A 58 -9.80 7.32 2.44
C GLN A 58 -8.78 8.24 3.11
N VAL A 59 -8.06 7.72 4.10
CA VAL A 59 -7.04 8.47 4.84
C VAL A 59 -5.85 8.84 3.95
N LEU A 60 -5.51 7.97 2.99
CA LEU A 60 -4.41 8.19 2.05
C LEU A 60 -4.86 9.14 0.96
N GLN A 61 -6.13 9.14 0.57
CA GLN A 61 -6.62 10.01 -0.50
C GLN A 61 -6.76 11.45 -0.02
N GLN A 62 -6.99 11.66 1.28
CA GLN A 62 -7.23 12.96 1.88
C GLN A 62 -5.96 13.60 2.45
N THR A 63 -4.95 12.79 2.81
CA THR A 63 -3.73 13.33 3.40
C THR A 63 -2.82 13.89 2.30
N LEU A 64 -2.83 13.27 1.11
CA LEU A 64 -2.07 13.74 -0.04
C LEU A 64 -2.52 12.97 -1.29
N PRO A 65 -2.50 13.56 -2.50
CA PRO A 65 -2.89 12.87 -3.72
C PRO A 65 -1.88 11.73 -3.97
N PRO A 66 -2.27 10.45 -3.87
CA PRO A 66 -1.37 9.32 -4.01
C PRO A 66 -1.34 8.73 -5.43
N PRO A 67 -0.29 8.95 -6.23
CA PRO A 67 -0.18 8.36 -7.56
C PRO A 67 0.14 6.87 -7.43
N VAL A 68 0.96 6.51 -6.43
CA VAL A 68 1.38 5.16 -6.11
C VAL A 68 0.17 4.28 -5.88
N PHE A 69 -0.77 4.77 -5.07
CA PHE A 69 -2.04 4.10 -4.78
C PHE A 69 -2.67 3.59 -6.09
N GLN A 70 -2.69 4.43 -7.11
CA GLN A 70 -3.24 4.10 -8.42
C GLN A 70 -2.51 2.90 -9.04
N MET A 71 -1.20 2.82 -8.80
CA MET A 71 -0.35 1.74 -9.26
C MET A 71 -0.60 0.51 -8.39
N LEU A 72 -0.91 0.69 -7.10
CA LEU A 72 -1.26 -0.42 -6.23
C LEU A 72 -2.51 -1.07 -6.84
N LEU A 73 -3.46 -0.23 -7.26
CA LEU A 73 -4.70 -0.70 -7.86
C LEU A 73 -4.51 -1.37 -9.21
N THR A 74 -3.40 -1.07 -9.90
CA THR A 74 -3.10 -1.64 -11.20
C THR A 74 -2.27 -2.90 -11.01
N LYS A 75 -1.56 -3.01 -9.88
CA LYS A 75 -0.75 -4.18 -9.59
C LYS A 75 -1.64 -5.37 -9.21
N LEU A 76 -2.70 -5.09 -8.43
CA LEU A 76 -3.66 -6.07 -7.95
C LEU A 76 -4.25 -6.94 -9.07
N PRO A 77 -5.06 -6.41 -10.01
CA PRO A 77 -5.66 -7.18 -11.09
C PRO A 77 -4.67 -7.35 -12.26
N THR A 78 -4.80 -8.47 -12.98
CA THR A 78 -3.98 -8.81 -14.12
C THR A 78 -4.88 -9.15 -15.32
N ILE A 79 -5.89 -10.00 -15.11
CA ILE A 79 -6.83 -10.44 -16.12
C ILE A 79 -7.57 -9.23 -16.70
N SER A 80 -8.03 -8.36 -15.81
CA SER A 80 -8.76 -7.15 -16.18
C SER A 80 -8.03 -6.37 -17.27
N GLN A 81 -6.74 -6.13 -17.07
CA GLN A 81 -5.91 -5.41 -18.03
C GLN A 81 -5.89 -6.11 -19.38
N ARG A 82 -5.87 -7.45 -19.38
CA ARG A 82 -5.86 -8.24 -20.61
C ARG A 82 -7.16 -8.04 -21.39
N ILE A 83 -8.32 -7.96 -20.72
CA ILE A 83 -9.59 -7.78 -21.41
C ILE A 83 -9.54 -6.46 -22.16
N VAL A 84 -9.20 -5.38 -21.44
CA VAL A 84 -9.11 -4.05 -22.04
C VAL A 84 -8.15 -4.06 -23.23
N SER A 85 -6.99 -4.70 -23.05
CA SER A 85 -5.97 -4.84 -24.08
C SER A 85 -6.34 -5.91 -25.12
N ALA A 86 -7.61 -5.94 -25.54
CA ALA A 86 -8.14 -6.87 -26.53
C ALA A 86 -9.51 -6.40 -27.00
N GLN A 87 -10.46 -6.32 -26.06
CA GLN A 87 -11.86 -5.92 -26.26
C GLN A 87 -12.03 -4.79 -27.26
N SER A 88 -11.27 -3.75 -27.01
CA SER A 88 -11.20 -2.52 -27.79
C SER A 88 -9.73 -2.23 -28.12
N LEU A 89 -8.93 -3.28 -28.24
CA LEU A 89 -7.50 -3.28 -28.51
C LEU A 89 -6.78 -2.18 -27.74
N GLY A 90 -7.15 -2.03 -26.46
CA GLY A 90 -6.60 -1.02 -25.56
C GLY A 90 -7.51 0.20 -25.52
N GLU A 91 -7.74 0.84 -26.68
CA GLU A 91 -8.58 2.02 -26.81
C GLU A 91 -9.11 2.07 -28.26
N ASP A 92 -10.33 2.57 -28.46
CA ASP A 92 -10.96 2.70 -29.78
C ASP A 92 -11.82 3.97 -29.78
N ASP A 93 -12.22 4.45 -30.97
CA ASP A 93 -13.04 5.66 -31.11
C ASP A 93 -14.53 5.34 -31.02
N VAL A 94 -15.35 6.40 -31.07
CA VAL A 94 -16.81 6.33 -31.00
C VAL A 94 -17.38 7.39 -31.95
N GLU A 95 -18.55 7.11 -32.52
CA GLU A 95 -19.28 7.97 -33.42
C GLU A 95 -20.75 7.90 -33.03
N GLY B 1 7.09 15.81 3.03
CA GLY B 1 8.33 15.06 3.32
C GLY B 1 8.02 13.57 3.45
N PRO B 2 9.04 12.72 3.49
CA PRO B 2 8.92 11.26 3.58
C PRO B 2 8.50 10.78 4.98
N ARG B 3 7.34 11.25 5.46
CA ARG B 3 6.76 10.92 6.75
C ARG B 3 5.24 11.02 6.60
N LEU B 4 4.61 9.94 6.14
CA LEU B 4 3.17 9.85 5.93
C LEU B 4 2.39 9.87 7.27
N SER B 5 3.07 9.93 8.42
CA SER B 5 2.44 9.94 9.73
C SER B 5 1.84 11.31 10.09
N ARG B 6 1.02 11.87 9.20
CA ARG B 6 0.32 13.13 9.42
C ARG B 6 -1.03 12.74 10.00
N LEU B 7 -1.87 12.12 9.15
CA LEU B 7 -3.17 11.61 9.54
C LEU B 7 -3.07 10.66 10.72
N LEU B 8 -2.03 9.84 10.80
CA LEU B 8 -1.88 8.85 11.85
C LEU B 8 -1.80 9.45 13.26
N SER B 9 -1.59 10.77 13.36
CA SER B 9 -1.61 11.44 14.66
C SER B 9 -3.02 11.34 15.29
N TYR B 10 -4.03 10.98 14.48
CA TYR B 10 -5.42 10.82 14.87
C TYR B 10 -5.71 9.55 15.68
N ALA B 11 -4.71 8.68 15.89
CA ALA B 11 -4.90 7.41 16.57
C ALA B 11 -3.57 6.90 17.12
N ARG A 1 18.45 -7.07 27.13
CA ARG A 1 17.35 -8.03 27.39
C ARG A 1 16.48 -8.18 26.13
N ALA A 2 15.80 -7.10 25.73
CA ALA A 2 14.94 -7.06 24.55
C ALA A 2 14.78 -5.59 24.13
N GLY A 3 14.27 -5.33 22.93
CA GLY A 3 14.08 -3.97 22.45
C GLY A 3 13.74 -3.94 20.96
N LEU A 4 14.68 -4.34 20.11
CA LEU A 4 14.53 -4.36 18.66
C LEU A 4 13.65 -5.54 18.21
N SER A 5 12.38 -5.51 18.63
CA SER A 5 11.38 -6.50 18.36
C SER A 5 10.25 -5.93 17.49
N LYS A 6 10.52 -5.77 16.20
CA LYS A 6 9.52 -5.28 15.25
C LYS A 6 8.51 -6.39 14.97
N LEU A 7 7.27 -6.02 14.60
CA LEU A 7 6.16 -6.92 14.29
C LEU A 7 6.16 -8.16 15.21
N PRO A 8 5.99 -7.98 16.52
CA PRO A 8 6.03 -9.09 17.48
C PRO A 8 4.82 -10.01 17.32
N ASP A 9 3.61 -9.46 17.45
CA ASP A 9 2.37 -10.21 17.33
C ASP A 9 1.26 -9.25 16.88
N LEU A 10 0.06 -9.80 16.68
CA LEU A 10 -1.17 -9.15 16.26
C LEU A 10 -2.13 -9.05 17.44
N LYS A 11 -1.95 -9.88 18.47
CA LYS A 11 -2.76 -9.83 19.68
C LYS A 11 -2.59 -8.42 20.26
N ASP A 12 -1.34 -7.93 20.28
CA ASP A 12 -1.05 -6.59 20.75
C ASP A 12 -1.30 -5.62 19.61
N ALA A 13 -1.97 -4.50 19.92
CA ALA A 13 -2.34 -3.48 18.96
C ALA A 13 -1.29 -2.38 18.82
N GLU A 14 -0.83 -1.84 19.95
CA GLU A 14 0.15 -0.76 20.01
C GLU A 14 1.41 -1.10 19.23
N ALA A 15 1.89 -2.33 19.41
CA ALA A 15 3.08 -2.86 18.74
C ALA A 15 2.84 -2.95 17.23
N VAL A 16 1.57 -3.16 16.84
CA VAL A 16 1.17 -3.25 15.45
C VAL A 16 1.02 -1.84 14.93
N GLN A 17 0.60 -0.88 15.77
CA GLN A 17 0.45 0.50 15.34
C GLN A 17 1.84 1.03 14.99
N LYS A 18 2.82 0.74 15.85
CA LYS A 18 4.19 1.19 15.64
C LYS A 18 4.71 0.69 14.29
N PHE A 19 4.67 -0.63 14.09
CA PHE A 19 5.13 -1.28 12.87
C PHE A 19 4.31 -0.84 11.63
N PHE A 20 2.99 -0.77 11.77
CA PHE A 20 2.07 -0.40 10.69
C PHE A 20 2.52 0.97 10.17
N LEU A 21 2.71 1.91 11.10
CA LEU A 21 3.20 3.24 10.80
C LEU A 21 4.59 3.17 10.20
N GLU A 22 5.49 2.37 10.77
CA GLU A 22 6.84 2.24 10.24
C GLU A 22 6.79 1.81 8.78
N GLU A 23 5.78 1.02 8.37
CA GLU A 23 5.64 0.55 7.00
C GLU A 23 5.02 1.65 6.13
N ILE A 24 3.98 2.32 6.65
CA ILE A 24 3.33 3.46 5.99
C ILE A 24 4.42 4.47 5.60
N GLN A 25 5.27 4.82 6.58
CA GLN A 25 6.34 5.79 6.40
C GLN A 25 7.50 5.24 5.56
N LEU A 26 7.93 4.01 5.84
CA LEU A 26 9.02 3.36 5.10
C LEU A 26 8.67 3.34 3.61
N GLY A 27 7.47 2.85 3.26
CA GLY A 27 7.02 2.81 1.88
C GLY A 27 7.04 4.22 1.32
N GLU A 28 6.26 5.14 1.88
CA GLU A 28 6.27 6.53 1.42
C GLU A 28 7.68 7.11 1.23
N GLU A 29 8.63 6.74 2.09
CA GLU A 29 10.02 7.18 2.02
C GLU A 29 10.75 6.49 0.87
N LEU A 30 10.53 5.20 0.63
CA LEU A 30 11.14 4.50 -0.49
C LEU A 30 10.62 5.12 -1.78
N LEU A 31 9.33 5.47 -1.82
CA LEU A 31 8.72 6.13 -2.98
C LEU A 31 9.32 7.50 -3.13
N ALA A 32 9.70 8.13 -2.01
CA ALA A 32 10.41 9.40 -2.05
C ALA A 32 11.74 9.25 -2.81
N GLN A 33 12.24 8.01 -2.93
CA GLN A 33 13.44 7.66 -3.69
C GLN A 33 12.99 7.31 -5.11
N GLY A 34 11.84 6.64 -5.21
CA GLY A 34 11.18 6.23 -6.44
C GLY A 34 10.84 4.74 -6.49
N ASP A 35 10.92 4.00 -5.37
CA ASP A 35 10.65 2.55 -5.40
C ASP A 35 9.16 2.17 -5.23
N TYR A 36 8.31 2.72 -6.10
CA TYR A 36 6.87 2.51 -6.19
C TYR A 36 6.48 1.04 -6.06
N GLU A 37 7.23 0.19 -6.74
CA GLU A 37 7.08 -1.25 -6.77
C GLU A 37 7.07 -1.80 -5.34
N LYS A 38 8.02 -1.32 -4.54
CA LYS A 38 8.11 -1.70 -3.14
C LYS A 38 6.98 -1.05 -2.35
N GLY A 39 6.56 0.16 -2.73
CA GLY A 39 5.45 0.82 -2.06
C GLY A 39 4.18 -0.01 -2.15
N VAL A 40 3.94 -0.64 -3.31
CA VAL A 40 2.75 -1.46 -3.47
C VAL A 40 2.79 -2.62 -2.48
N ASP A 41 3.94 -3.29 -2.37
CA ASP A 41 4.16 -4.42 -1.48
C ASP A 41 4.00 -4.01 -0.02
N HIS A 42 4.73 -2.99 0.39
CA HIS A 42 4.73 -2.49 1.75
C HIS A 42 3.36 -1.95 2.13
N LEU A 43 2.67 -1.31 1.19
CA LEU A 43 1.34 -0.83 1.52
C LEU A 43 0.48 -2.07 1.69
N THR A 44 0.58 -3.05 0.77
CA THR A 44 -0.18 -4.29 0.87
C THR A 44 -0.01 -4.94 2.26
N ASN A 45 1.20 -4.85 2.80
CA ASN A 45 1.53 -5.40 4.11
C ASN A 45 0.83 -4.58 5.20
N ALA A 46 0.84 -3.24 5.06
CA ALA A 46 0.16 -2.37 6.00
C ALA A 46 -1.32 -2.78 6.06
N ILE A 47 -1.94 -3.06 4.90
CA ILE A 47 -3.32 -3.55 4.83
C ILE A 47 -3.45 -4.90 5.55
N ALA A 48 -2.44 -5.75 5.42
CA ALA A 48 -2.43 -7.09 5.99
C ALA A 48 -2.52 -7.04 7.50
N VAL A 49 -1.97 -5.98 8.10
CA VAL A 49 -2.00 -5.84 9.54
C VAL A 49 -3.12 -4.89 9.98
N CYS A 50 -3.69 -4.10 9.06
CA CYS A 50 -4.77 -3.18 9.40
C CYS A 50 -6.13 -3.88 9.30
N GLY A 51 -6.41 -4.54 8.18
CA GLY A 51 -7.66 -5.25 7.96
C GLY A 51 -8.81 -4.32 7.57
N GLN A 52 -8.54 -3.02 7.41
CA GLN A 52 -9.48 -1.99 7.02
C GLN A 52 -8.81 -1.21 5.89
N PRO A 53 -8.51 -1.86 4.75
CA PRO A 53 -7.83 -1.23 3.64
C PRO A 53 -8.46 0.08 3.20
N GLN A 54 -9.75 0.02 2.89
CA GLN A 54 -10.53 1.15 2.38
C GLN A 54 -10.45 2.36 3.29
N GLN A 55 -10.56 2.16 4.61
CA GLN A 55 -10.46 3.28 5.55
C GLN A 55 -9.08 3.91 5.37
N LEU A 56 -8.04 3.09 5.30
CA LEU A 56 -6.69 3.57 5.11
C LEU A 56 -6.56 4.28 3.76
N LEU A 57 -7.13 3.74 2.68
CA LEU A 57 -7.01 4.39 1.38
C LEU A 57 -7.66 5.78 1.42
N GLN A 58 -8.76 5.91 2.17
CA GLN A 58 -9.42 7.20 2.36
C GLN A 58 -8.47 8.11 3.14
N VAL A 59 -7.90 7.58 4.23
CA VAL A 59 -6.97 8.32 5.09
C VAL A 59 -5.74 8.82 4.35
N LEU A 60 -5.30 8.07 3.34
CA LEU A 60 -4.14 8.44 2.54
C LEU A 60 -4.61 9.51 1.56
N GLN A 61 -5.82 9.40 1.02
CA GLN A 61 -6.37 10.38 0.09
C GLN A 61 -6.58 11.73 0.80
N GLN A 62 -6.94 11.69 2.08
CA GLN A 62 -7.20 12.88 2.87
C GLN A 62 -5.92 13.68 3.09
N THR A 63 -4.80 12.99 3.33
CA THR A 63 -3.54 13.68 3.56
C THR A 63 -2.91 14.14 2.25
N LEU A 64 -3.03 13.34 1.19
CA LEU A 64 -2.46 13.72 -0.11
C LEU A 64 -2.95 12.83 -1.26
N PRO A 65 -2.96 13.32 -2.52
CA PRO A 65 -3.36 12.52 -3.67
C PRO A 65 -2.29 11.45 -3.90
N PRO A 66 -2.60 10.15 -3.74
CA PRO A 66 -1.64 9.07 -3.88
C PRO A 66 -1.61 8.46 -5.29
N PRO A 67 -0.56 8.69 -6.11
CA PRO A 67 -0.47 8.10 -7.44
C PRO A 67 -0.11 6.61 -7.33
N VAL A 68 0.73 6.28 -6.35
CA VAL A 68 1.19 4.92 -6.06
C VAL A 68 -0.01 4.03 -5.82
N PHE A 69 -0.95 4.52 -5.02
CA PHE A 69 -2.20 3.83 -4.71
C PHE A 69 -2.81 3.26 -5.99
N GLN A 70 -2.85 4.06 -7.06
CA GLN A 70 -3.40 3.63 -8.34
C GLN A 70 -2.60 2.45 -8.91
N MET A 71 -1.27 2.55 -8.84
CA MET A 71 -0.29 1.57 -9.28
C MET A 71 -0.46 0.28 -8.48
N LEU A 72 -0.87 0.41 -7.20
CA LEU A 72 -1.19 -0.68 -6.31
C LEU A 72 -2.46 -1.34 -6.82
N LEU A 73 -3.44 -0.54 -7.22
CA LEU A 73 -4.70 -1.11 -7.69
C LEU A 73 -4.56 -1.84 -9.02
N THR A 74 -3.66 -1.36 -9.86
CA THR A 74 -3.36 -1.88 -11.17
C THR A 74 -2.46 -3.10 -11.03
N LYS A 75 -1.63 -3.15 -9.97
CA LYS A 75 -0.75 -4.30 -9.75
C LYS A 75 -1.56 -5.57 -9.43
N LEU A 76 -2.80 -5.42 -8.95
CA LEU A 76 -3.66 -6.54 -8.60
C LEU A 76 -4.02 -7.41 -9.82
N PRO A 77 -4.82 -6.95 -10.79
CA PRO A 77 -5.19 -7.73 -11.96
C PRO A 77 -4.05 -7.87 -12.97
N THR A 78 -3.19 -8.83 -12.66
CA THR A 78 -2.01 -9.20 -13.44
C THR A 78 -2.39 -10.35 -14.37
N ILE A 79 -3.05 -11.38 -13.84
CA ILE A 79 -3.49 -12.55 -14.59
C ILE A 79 -4.47 -12.12 -15.68
N SER A 80 -5.32 -11.14 -15.36
CA SER A 80 -6.31 -10.59 -16.27
C SER A 80 -5.69 -10.29 -17.65
N GLN A 81 -4.54 -9.62 -17.64
CA GLN A 81 -3.83 -9.25 -18.86
C GLN A 81 -3.54 -10.49 -19.72
N ARG A 82 -3.12 -11.58 -19.06
CA ARG A 82 -2.80 -12.83 -19.74
C ARG A 82 -4.03 -13.40 -20.47
N ILE A 83 -5.22 -13.33 -19.85
CA ILE A 83 -6.42 -13.87 -20.48
C ILE A 83 -6.69 -13.08 -21.76
N VAL A 84 -6.74 -11.76 -21.62
CA VAL A 84 -7.01 -10.88 -22.76
C VAL A 84 -6.01 -11.10 -23.89
N SER A 85 -4.73 -11.15 -23.55
CA SER A 85 -3.64 -11.38 -24.50
C SER A 85 -3.55 -12.85 -24.93
N ALA A 86 -4.69 -13.49 -25.22
CA ALA A 86 -4.78 -14.87 -25.64
C ALA A 86 -6.18 -15.21 -26.15
N GLN A 87 -7.20 -14.86 -25.35
CA GLN A 87 -8.62 -15.11 -25.62
C GLN A 87 -9.10 -14.66 -26.99
N SER A 88 -8.41 -13.67 -27.55
CA SER A 88 -8.67 -13.11 -28.87
C SER A 88 -7.34 -12.86 -29.57
N LEU A 89 -6.30 -13.65 -29.22
CA LEU A 89 -4.93 -13.59 -29.71
C LEU A 89 -4.47 -12.16 -29.96
N GLY A 90 -4.77 -11.29 -28.98
CA GLY A 90 -4.47 -9.87 -28.96
C GLY A 90 -3.11 -9.50 -29.55
N GLU A 91 -3.11 -9.09 -30.83
CA GLU A 91 -1.92 -8.68 -31.58
C GLU A 91 -2.41 -7.85 -32.77
N ASP A 92 -1.55 -7.00 -33.35
CA ASP A 92 -1.89 -6.15 -34.48
C ASP A 92 -1.53 -6.87 -35.79
N ASP A 93 -2.35 -7.85 -36.19
CA ASP A 93 -2.16 -8.63 -37.40
C ASP A 93 -3.43 -8.56 -38.28
N VAL A 94 -3.33 -8.93 -39.56
CA VAL A 94 -4.42 -8.93 -40.52
C VAL A 94 -4.22 -10.14 -41.45
N GLU A 95 -5.21 -11.04 -41.49
CA GLU A 95 -5.18 -12.22 -42.33
C GLU A 95 -5.64 -11.88 -43.76
N GLY B 1 4.05 11.19 0.22
CA GLY B 1 5.29 11.98 0.36
C GLY B 1 6.13 11.45 1.51
N PRO B 2 7.45 11.73 1.52
CA PRO B 2 8.37 11.27 2.56
C PRO B 2 7.88 11.67 3.95
N ARG B 3 7.96 10.73 4.90
CA ARG B 3 7.53 10.91 6.28
C ARG B 3 6.05 11.29 6.32
N LEU B 4 5.17 10.28 6.26
CA LEU B 4 3.72 10.47 6.30
C LEU B 4 3.31 10.80 7.74
N SER B 5 2.59 9.91 8.42
CA SER B 5 2.13 10.05 9.81
C SER B 5 1.22 11.23 10.15
N ARG B 6 1.00 12.18 9.24
CA ARG B 6 0.14 13.34 9.44
C ARG B 6 -1.21 12.89 10.01
N LEU B 7 -1.91 12.03 9.26
CA LEU B 7 -3.18 11.50 9.71
C LEU B 7 -3.00 10.55 10.89
N LEU B 8 -1.92 9.78 10.94
CA LEU B 8 -1.71 8.80 12.00
C LEU B 8 -1.61 9.42 13.40
N SER B 9 -1.37 10.73 13.49
CA SER B 9 -1.38 11.43 14.77
C SER B 9 -2.75 11.29 15.45
N TYR B 10 -3.79 10.94 14.67
CA TYR B 10 -5.16 10.73 15.12
C TYR B 10 -5.35 9.46 15.97
N ALA B 11 -4.30 8.64 16.13
CA ALA B 11 -4.37 7.37 16.83
C ALA B 11 -2.97 6.98 17.31
N ARG A 1 12.77 4.71 20.16
CA ARG A 1 13.99 3.89 20.25
C ARG A 1 14.30 3.33 18.87
N ALA A 2 14.60 2.02 18.74
CA ALA A 2 14.92 1.40 17.46
C ALA A 2 13.72 1.48 16.52
N GLY A 3 13.79 2.28 15.44
CA GLY A 3 12.71 2.41 14.47
C GLY A 3 12.73 1.25 13.49
N LEU A 4 12.54 0.04 14.01
CA LEU A 4 12.52 -1.21 13.27
C LEU A 4 11.73 -2.19 14.14
N SER A 5 10.63 -2.73 13.60
CA SER A 5 9.75 -3.65 14.29
C SER A 5 8.92 -4.43 13.27
N LYS A 6 9.24 -5.71 13.11
CA LYS A 6 8.62 -6.63 12.17
C LYS A 6 7.65 -7.61 12.86
N LEU A 7 6.46 -7.13 13.27
CA LEU A 7 5.43 -7.95 13.90
C LEU A 7 5.98 -8.90 14.98
N PRO A 8 6.52 -8.36 16.09
CA PRO A 8 7.10 -9.14 17.17
C PRO A 8 6.12 -10.09 17.86
N ASP A 9 5.37 -9.62 18.87
CA ASP A 9 4.43 -10.46 19.62
C ASP A 9 3.07 -10.57 18.92
N LEU A 10 2.66 -9.50 18.22
CA LEU A 10 1.44 -9.37 17.43
C LEU A 10 0.14 -9.30 18.23
N LYS A 11 0.12 -9.82 19.46
CA LYS A 11 -1.05 -9.80 20.32
C LYS A 11 -1.40 -8.35 20.69
N ASP A 12 -0.37 -7.52 20.89
CA ASP A 12 -0.56 -6.13 21.29
C ASP A 12 -0.92 -5.29 20.08
N ALA A 13 -1.86 -4.37 20.30
CA ALA A 13 -2.39 -3.46 19.30
C ALA A 13 -1.41 -2.34 18.99
N GLU A 14 -0.75 -1.82 20.03
CA GLU A 14 0.21 -0.74 19.86
C GLU A 14 1.39 -1.22 19.01
N ALA A 15 1.83 -2.45 19.23
CA ALA A 15 2.94 -3.06 18.50
C ALA A 15 2.58 -3.19 17.02
N VAL A 16 1.31 -3.48 16.75
CA VAL A 16 0.77 -3.62 15.40
C VAL A 16 0.63 -2.21 14.82
N GLN A 17 0.25 -1.23 15.64
CA GLN A 17 0.13 0.15 15.20
C GLN A 17 1.50 0.66 14.78
N LYS A 18 2.53 0.35 15.57
CA LYS A 18 3.89 0.75 15.31
C LYS A 18 4.37 0.15 13.99
N PHE A 19 4.23 -1.17 13.81
CA PHE A 19 4.63 -1.82 12.57
C PHE A 19 3.82 -1.26 11.38
N PHE A 20 2.51 -1.10 11.55
CA PHE A 20 1.61 -0.62 10.50
C PHE A 20 2.15 0.73 10.00
N LEU A 21 2.41 1.65 10.94
CA LEU A 21 2.98 2.96 10.66
C LEU A 21 4.40 2.83 10.10
N GLU A 22 5.16 1.84 10.56
CA GLU A 22 6.51 1.62 10.06
C GLU A 22 6.44 1.34 8.57
N GLU A 23 5.40 0.63 8.09
CA GLU A 23 5.23 0.32 6.68
C GLU A 23 4.68 1.51 5.91
N ILE A 24 3.65 2.18 6.45
CA ILE A 24 3.08 3.39 5.85
C ILE A 24 4.26 4.35 5.52
N GLN A 25 5.12 4.57 6.54
CA GLN A 25 6.26 5.46 6.44
C GLN A 25 7.39 4.90 5.58
N LEU A 26 7.81 3.65 5.85
CA LEU A 26 8.88 2.98 5.11
C LEU A 26 8.57 3.06 3.62
N GLY A 27 7.32 2.74 3.23
CA GLY A 27 6.88 2.82 1.85
C GLY A 27 7.06 4.25 1.35
N GLU A 28 6.37 5.23 1.95
CA GLU A 28 6.56 6.61 1.48
C GLU A 28 8.04 7.00 1.31
N GLU A 29 8.87 6.64 2.28
CA GLU A 29 10.31 6.92 2.31
C GLU A 29 11.05 6.19 1.17
N LEU A 30 10.71 4.94 0.88
CA LEU A 30 11.33 4.22 -0.22
C LEU A 30 10.92 4.89 -1.53
N LEU A 31 9.65 5.33 -1.63
CA LEU A 31 9.17 6.04 -2.81
C LEU A 31 9.88 7.38 -2.90
N ALA A 32 10.22 7.96 -1.75
CA ALA A 32 11.00 9.18 -1.68
C ALA A 32 12.35 8.98 -2.40
N GLN A 33 12.78 7.71 -2.55
CA GLN A 33 14.00 7.32 -3.25
C GLN A 33 13.60 6.99 -4.69
N GLY A 34 12.44 6.34 -4.84
CA GLY A 34 11.83 5.97 -6.11
C GLY A 34 11.37 4.51 -6.18
N ASP A 35 11.34 3.76 -5.06
CA ASP A 35 10.96 2.35 -5.12
C ASP A 35 9.44 2.11 -5.00
N TYR A 36 8.68 2.65 -5.97
CA TYR A 36 7.24 2.54 -6.15
C TYR A 36 6.74 1.11 -5.95
N GLU A 37 7.51 0.16 -6.49
CA GLU A 37 7.26 -1.26 -6.43
C GLU A 37 7.13 -1.66 -4.96
N LYS A 38 8.11 -1.24 -4.17
CA LYS A 38 8.10 -1.54 -2.73
C LYS A 38 6.98 -0.81 -2.01
N GLY A 39 6.59 0.40 -2.47
CA GLY A 39 5.48 1.08 -1.83
C GLY A 39 4.19 0.30 -2.02
N VAL A 40 4.00 -0.31 -3.19
CA VAL A 40 2.80 -1.08 -3.45
C VAL A 40 2.75 -2.27 -2.50
N ASP A 41 3.85 -3.01 -2.42
CA ASP A 41 4.00 -4.19 -1.57
C ASP A 41 3.81 -3.85 -0.09
N HIS A 42 4.59 -2.89 0.40
CA HIS A 42 4.54 -2.48 1.79
C HIS A 42 3.19 -1.90 2.15
N LEU A 43 2.54 -1.20 1.20
CA LEU A 43 1.23 -0.69 1.54
C LEU A 43 0.29 -1.89 1.60
N THR A 44 0.41 -2.83 0.66
CA THR A 44 -0.42 -4.04 0.67
C THR A 44 -0.32 -4.74 2.03
N ASN A 45 0.88 -4.74 2.60
CA ASN A 45 1.14 -5.35 3.90
C ASN A 45 0.43 -4.53 4.98
N ALA A 46 0.48 -3.20 4.87
CA ALA A 46 -0.21 -2.31 5.80
C ALA A 46 -1.69 -2.74 5.86
N ILE A 47 -2.31 -3.00 4.70
CA ILE A 47 -3.69 -3.48 4.62
C ILE A 47 -3.85 -4.85 5.26
N ALA A 48 -2.86 -5.72 5.09
CA ALA A 48 -2.89 -7.09 5.60
C ALA A 48 -2.96 -7.11 7.12
N VAL A 49 -2.37 -6.10 7.76
CA VAL A 49 -2.38 -6.02 9.21
C VAL A 49 -3.45 -5.06 9.71
N CYS A 50 -3.97 -4.18 8.84
CA CYS A 50 -5.02 -3.25 9.25
C CYS A 50 -6.38 -3.92 9.14
N GLY A 51 -6.68 -4.53 7.99
CA GLY A 51 -7.94 -5.22 7.76
C GLY A 51 -9.11 -4.27 7.48
N GLN A 52 -8.82 -2.96 7.43
CA GLN A 52 -9.78 -1.90 7.15
C GLN A 52 -9.15 -1.03 6.07
N PRO A 53 -8.87 -1.60 4.87
CA PRO A 53 -8.24 -0.87 3.79
C PRO A 53 -8.94 0.44 3.46
N GLN A 54 -10.24 0.39 3.23
CA GLN A 54 -11.05 1.55 2.83
C GLN A 54 -10.89 2.73 3.78
N GLN A 55 -10.87 2.49 5.09
CA GLN A 55 -10.70 3.56 6.07
C GLN A 55 -9.36 4.24 5.84
N LEU A 56 -8.33 3.43 5.59
CA LEU A 56 -7.00 3.95 5.30
C LEU A 56 -7.00 4.64 3.94
N LEU A 57 -7.70 4.10 2.93
CA LEU A 57 -7.73 4.72 1.61
C LEU A 57 -8.31 6.12 1.67
N GLN A 58 -9.37 6.36 2.47
CA GLN A 58 -9.88 7.72 2.57
C GLN A 58 -8.82 8.59 3.23
N VAL A 59 -8.12 8.04 4.24
CA VAL A 59 -7.05 8.74 4.95
C VAL A 59 -5.91 9.12 4.00
N LEU A 60 -5.61 8.25 3.04
CA LEU A 60 -4.55 8.51 2.07
C LEU A 60 -5.03 9.48 0.99
N GLN A 61 -6.31 9.49 0.63
CA GLN A 61 -6.82 10.39 -0.41
C GLN A 61 -6.92 11.80 0.15
N GLN A 62 -7.33 11.86 1.42
CA GLN A 62 -7.56 13.04 2.21
C GLN A 62 -6.25 13.75 2.52
N THR A 63 -5.21 13.00 2.87
CA THR A 63 -3.93 13.58 3.24
C THR A 63 -3.12 13.97 2.01
N LEU A 64 -3.19 13.17 0.94
CA LEU A 64 -2.41 13.42 -0.29
C LEU A 64 -2.80 12.38 -1.35
N PRO A 65 -3.54 12.73 -2.43
CA PRO A 65 -3.91 11.78 -3.47
C PRO A 65 -2.67 11.09 -4.05
N PRO A 66 -2.41 9.81 -3.73
CA PRO A 66 -1.21 9.11 -4.18
C PRO A 66 -1.33 8.60 -5.62
N PRO A 67 -0.40 8.94 -6.53
CA PRO A 67 -0.42 8.38 -7.88
C PRO A 67 -0.01 6.90 -7.76
N VAL A 68 0.85 6.59 -6.78
CA VAL A 68 1.34 5.27 -6.43
C VAL A 68 0.15 4.37 -6.17
N PHE A 69 -0.82 4.86 -5.38
CA PHE A 69 -2.04 4.13 -5.05
C PHE A 69 -2.67 3.56 -6.31
N GLN A 70 -2.75 4.37 -7.38
CA GLN A 70 -3.32 3.93 -8.64
C GLN A 70 -2.51 2.77 -9.25
N MET A 71 -1.19 2.80 -9.07
CA MET A 71 -0.30 1.75 -9.56
C MET A 71 -0.45 0.53 -8.66
N LEU A 72 -0.74 0.71 -7.37
CA LEU A 72 -1.00 -0.39 -6.46
C LEU A 72 -2.24 -1.11 -7.00
N LEU A 73 -3.24 -0.33 -7.43
CA LEU A 73 -4.46 -0.91 -7.98
C LEU A 73 -4.23 -1.66 -9.29
N THR A 74 -3.22 -1.24 -10.04
CA THR A 74 -2.87 -1.87 -11.32
C THR A 74 -1.91 -3.04 -11.11
N LYS A 75 -1.16 -3.04 -10.00
CA LYS A 75 -0.21 -4.10 -9.69
C LYS A 75 -0.95 -5.33 -9.14
N LEU A 76 -1.99 -5.12 -8.33
CA LEU A 76 -2.80 -6.18 -7.75
C LEU A 76 -3.32 -7.18 -8.80
N PRO A 77 -4.11 -6.77 -9.80
CA PRO A 77 -4.62 -7.67 -10.83
C PRO A 77 -3.53 -8.05 -11.83
N THR A 78 -3.88 -8.96 -12.75
CA THR A 78 -3.03 -9.48 -13.80
C THR A 78 -3.87 -9.72 -15.06
N ILE A 79 -5.05 -10.32 -14.90
CA ILE A 79 -5.96 -10.57 -16.00
C ILE A 79 -6.30 -9.26 -16.69
N SER A 80 -6.67 -8.26 -15.87
CA SER A 80 -7.02 -6.92 -16.32
C SER A 80 -5.92 -6.36 -17.23
N GLN A 81 -4.66 -6.46 -16.77
CA GLN A 81 -3.52 -5.99 -17.53
C GLN A 81 -3.48 -6.68 -18.89
N ARG A 82 -3.76 -7.99 -18.91
CA ARG A 82 -3.75 -8.77 -20.13
C ARG A 82 -4.81 -8.31 -21.14
N ILE A 83 -6.03 -7.99 -20.69
CA ILE A 83 -7.08 -7.55 -21.62
C ILE A 83 -6.62 -6.28 -22.32
N VAL A 84 -6.17 -5.32 -21.51
CA VAL A 84 -5.67 -4.04 -22.01
C VAL A 84 -4.53 -4.31 -22.99
N SER A 85 -3.61 -5.19 -22.61
CA SER A 85 -2.47 -5.61 -23.43
C SER A 85 -2.89 -6.65 -24.47
N ALA A 86 -4.09 -6.49 -25.04
CA ALA A 86 -4.69 -7.34 -26.05
C ALA A 86 -5.96 -6.65 -26.57
N GLN A 87 -5.91 -5.32 -26.74
CA GLN A 87 -7.03 -4.51 -27.21
C GLN A 87 -7.19 -4.68 -28.73
N SER A 88 -7.53 -5.89 -29.16
CA SER A 88 -7.75 -6.35 -30.53
C SER A 88 -7.86 -7.89 -30.52
N LEU A 89 -7.00 -8.54 -29.72
CA LEU A 89 -6.92 -9.99 -29.58
C LEU A 89 -7.34 -10.40 -28.17
N GLY A 90 -8.43 -9.82 -27.67
CA GLY A 90 -8.97 -10.08 -26.35
C GLY A 90 -10.47 -10.31 -26.41
N GLU A 91 -11.23 -9.24 -26.60
CA GLU A 91 -12.69 -9.29 -26.69
C GLU A 91 -13.08 -9.77 -28.11
N ASP A 92 -14.23 -10.44 -28.25
CA ASP A 92 -14.72 -10.94 -29.53
C ASP A 92 -15.55 -9.84 -30.21
N ASP A 93 -15.14 -9.35 -31.38
CA ASP A 93 -15.87 -8.30 -32.10
C ASP A 93 -17.07 -8.88 -32.86
N VAL A 94 -17.92 -8.01 -33.40
CA VAL A 94 -19.12 -8.38 -34.15
C VAL A 94 -19.24 -7.45 -35.36
N GLU A 95 -19.28 -8.05 -36.56
CA GLU A 95 -19.41 -7.37 -37.84
C GLU A 95 -18.39 -6.23 -38.00
N GLY B 1 5.18 12.35 0.01
CA GLY B 1 5.02 13.65 0.69
C GLY B 1 6.17 13.86 1.68
N PRO B 2 6.03 14.77 2.66
CA PRO B 2 7.05 15.04 3.66
C PRO B 2 7.23 13.82 4.57
N ARG B 3 6.16 13.38 5.23
CA ARG B 3 6.17 12.21 6.09
C ARG B 3 4.74 11.74 6.34
N LEU B 4 4.41 10.53 5.85
CA LEU B 4 3.11 9.88 5.93
C LEU B 4 2.79 9.53 7.40
N SER B 5 2.49 10.53 8.22
CA SER B 5 2.16 10.32 9.62
C SER B 5 1.38 11.48 10.26
N ARG B 6 1.24 12.61 9.56
CA ARG B 6 0.45 13.74 10.06
C ARG B 6 -0.94 13.23 10.42
N LEU B 7 -1.56 12.49 9.50
CA LEU B 7 -2.86 11.89 9.73
C LEU B 7 -2.79 10.89 10.87
N LEU B 8 -1.80 9.98 10.89
CA LEU B 8 -1.70 8.93 11.91
C LEU B 8 -1.66 9.47 13.34
N SER B 9 -1.35 10.76 13.54
CA SER B 9 -1.38 11.36 14.86
C SER B 9 -2.81 11.42 15.42
N TYR B 10 -3.82 11.14 14.56
CA TYR B 10 -5.24 11.12 14.87
C TYR B 10 -5.69 9.89 15.67
N ALA B 11 -4.77 8.98 16.00
CA ALA B 11 -5.06 7.73 16.69
C ALA B 11 -3.81 7.22 17.39
N ARG A 1 13.42 -6.19 30.63
CA ARG A 1 12.00 -6.38 31.00
C ARG A 1 11.13 -6.81 29.82
N ALA A 2 11.37 -6.24 28.63
CA ALA A 2 10.64 -6.53 27.42
C ALA A 2 11.53 -6.20 26.22
N GLY A 3 11.04 -6.49 25.01
CA GLY A 3 11.72 -6.23 23.75
C GLY A 3 10.70 -5.87 22.68
N LEU A 4 11.15 -5.37 21.52
CA LEU A 4 10.29 -4.98 20.43
C LEU A 4 11.07 -4.98 19.12
N SER A 5 10.35 -5.13 18.01
CA SER A 5 10.81 -5.15 16.64
C SER A 5 9.57 -5.17 15.75
N LYS A 6 9.74 -5.39 14.44
CA LYS A 6 8.65 -5.47 13.48
C LYS A 6 7.87 -6.77 13.78
N LEU A 7 6.53 -6.69 13.96
CA LEU A 7 5.69 -7.85 14.25
C LEU A 7 6.24 -8.71 15.39
N PRO A 8 6.19 -8.20 16.64
CA PRO A 8 6.68 -8.92 17.81
C PRO A 8 5.68 -10.00 18.19
N ASP A 9 4.84 -9.76 19.21
CA ASP A 9 3.82 -10.71 19.66
C ASP A 9 2.57 -10.65 18.77
N LEU A 10 2.38 -9.52 18.05
CA LEU A 10 1.30 -9.24 17.12
C LEU A 10 -0.08 -9.04 17.75
N LYS A 11 -0.31 -9.62 18.94
CA LYS A 11 -1.57 -9.52 19.65
C LYS A 11 -1.87 -8.09 20.10
N ASP A 12 -0.83 -7.29 20.38
CA ASP A 12 -1.02 -5.93 20.87
C ASP A 12 -1.34 -4.96 19.74
N ALA A 13 -2.30 -4.08 20.04
CA ALA A 13 -2.78 -3.03 19.15
C ALA A 13 -1.74 -1.94 19.00
N GLU A 14 -1.08 -1.62 20.11
CA GLU A 14 -0.02 -0.62 20.17
C GLU A 14 1.12 -1.04 19.23
N ALA A 15 1.51 -2.31 19.31
CA ALA A 15 2.59 -2.88 18.50
C ALA A 15 2.22 -2.92 17.03
N VAL A 16 0.95 -3.24 16.76
CA VAL A 16 0.44 -3.32 15.39
C VAL A 16 0.40 -1.91 14.84
N GLN A 17 0.04 -0.92 15.68
CA GLN A 17 -0.01 0.47 15.24
C GLN A 17 1.41 0.94 14.95
N LYS A 18 2.37 0.57 15.82
CA LYS A 18 3.76 0.97 15.66
C LYS A 18 4.33 0.42 14.35
N PHE A 19 4.22 -0.89 14.14
CA PHE A 19 4.70 -1.53 12.93
C PHE A 19 3.95 -0.99 11.70
N PHE A 20 2.63 -0.87 11.80
CA PHE A 20 1.80 -0.41 10.68
C PHE A 20 2.33 0.95 10.23
N LEU A 21 2.54 1.88 11.19
CA LEU A 21 3.09 3.19 10.92
C LEU A 21 4.51 3.08 10.38
N GLU A 22 5.32 2.16 10.93
CA GLU A 22 6.67 1.96 10.43
C GLU A 22 6.61 1.57 8.96
N GLU A 23 5.55 0.89 8.51
CA GLU A 23 5.38 0.45 7.15
C GLU A 23 4.94 1.66 6.33
N ILE A 24 3.85 2.33 6.75
CA ILE A 24 3.31 3.58 6.17
C ILE A 24 4.50 4.47 5.77
N GLN A 25 5.39 4.74 6.75
CA GLN A 25 6.55 5.61 6.58
C GLN A 25 7.69 4.97 5.78
N LEU A 26 8.04 3.72 6.07
CA LEU A 26 9.11 2.99 5.37
C LEU A 26 8.86 3.03 3.86
N GLY A 27 7.67 2.59 3.44
CA GLY A 27 7.30 2.59 2.04
C GLY A 27 7.33 4.01 1.52
N GLU A 28 6.51 4.92 2.09
CA GLU A 28 6.55 6.32 1.66
C GLU A 28 7.98 6.81 1.40
N GLU A 29 8.92 6.53 2.31
CA GLU A 29 10.31 6.94 2.19
C GLU A 29 10.98 6.29 0.97
N LEU A 30 10.83 4.98 0.75
CA LEU A 30 11.41 4.37 -0.44
C LEU A 30 10.78 4.95 -1.71
N LEU A 31 9.49 5.28 -1.68
CA LEU A 31 8.81 5.92 -2.80
C LEU A 31 9.39 7.31 -2.98
N ALA A 32 9.77 7.94 -1.86
CA ALA A 32 10.45 9.22 -1.87
C ALA A 32 11.75 9.09 -2.67
N GLN A 33 12.30 7.87 -2.76
CA GLN A 33 13.49 7.57 -3.54
C GLN A 33 13.07 7.22 -4.97
N GLY A 34 11.91 6.56 -5.08
CA GLY A 34 11.27 6.15 -6.33
C GLY A 34 10.89 4.67 -6.38
N ASP A 35 10.93 3.93 -5.25
CA ASP A 35 10.65 2.49 -5.25
C ASP A 35 9.15 2.12 -5.25
N TYR A 36 8.36 2.74 -6.13
CA TYR A 36 6.92 2.54 -6.29
C TYR A 36 6.54 1.06 -6.41
N GLU A 37 7.37 0.30 -7.11
CA GLU A 37 7.18 -1.13 -7.29
C GLU A 37 7.11 -1.82 -5.94
N LYS A 38 8.01 -1.45 -5.04
CA LYS A 38 7.99 -1.98 -3.68
C LYS A 38 6.82 -1.35 -2.93
N GLY A 39 6.50 -0.08 -3.21
CA GLY A 39 5.40 0.62 -2.59
C GLY A 39 4.12 -0.18 -2.62
N VAL A 40 3.83 -0.81 -3.77
CA VAL A 40 2.62 -1.60 -3.89
C VAL A 40 2.60 -2.74 -2.88
N ASP A 41 3.74 -3.41 -2.70
CA ASP A 41 3.90 -4.53 -1.77
C ASP A 41 3.82 -4.01 -0.33
N HIS A 42 4.60 -2.97 -0.05
CA HIS A 42 4.68 -2.34 1.26
C HIS A 42 3.30 -1.97 1.73
N LEU A 43 2.52 -1.35 0.85
CA LEU A 43 1.22 -0.88 1.25
C LEU A 43 0.35 -2.12 1.43
N THR A 44 0.46 -3.09 0.53
CA THR A 44 -0.32 -4.33 0.67
C THR A 44 -0.13 -4.93 2.07
N ASN A 45 1.10 -4.82 2.58
CA ASN A 45 1.44 -5.33 3.91
C ASN A 45 0.77 -4.48 4.98
N ALA A 46 0.78 -3.15 4.79
CA ALA A 46 0.13 -2.25 5.73
C ALA A 46 -1.36 -2.65 5.83
N ILE A 47 -2.00 -2.99 4.70
CA ILE A 47 -3.37 -3.47 4.69
C ILE A 47 -3.50 -4.81 5.42
N ALA A 48 -2.48 -5.66 5.30
CA ALA A 48 -2.47 -6.99 5.90
C ALA A 48 -2.57 -6.91 7.40
N VAL A 49 -1.98 -5.86 7.97
CA VAL A 49 -1.99 -5.69 9.42
C VAL A 49 -3.08 -4.71 9.86
N CYS A 50 -3.61 -3.90 8.93
CA CYS A 50 -4.67 -2.96 9.28
C CYS A 50 -6.02 -3.66 9.24
N GLY A 51 -6.31 -4.39 8.15
CA GLY A 51 -7.56 -5.13 7.98
C GLY A 51 -8.75 -4.22 7.66
N GLN A 52 -8.49 -2.94 7.42
CA GLN A 52 -9.48 -1.92 7.09
C GLN A 52 -8.86 -1.11 5.94
N PRO A 53 -8.61 -1.74 4.78
CA PRO A 53 -8.00 -1.08 3.64
C PRO A 53 -8.67 0.23 3.27
N GLN A 54 -9.98 0.18 3.04
CA GLN A 54 -10.79 1.32 2.63
C GLN A 54 -10.63 2.51 3.57
N GLN A 55 -10.58 2.27 4.88
CA GLN A 55 -10.40 3.34 5.85
C GLN A 55 -9.05 4.00 5.60
N LEU A 56 -8.02 3.18 5.42
CA LEU A 56 -6.70 3.69 5.12
C LEU A 56 -6.70 4.43 3.78
N LEU A 57 -7.41 3.92 2.77
CA LEU A 57 -7.45 4.57 1.47
C LEU A 57 -8.02 5.98 1.58
N GLN A 58 -9.12 6.17 2.30
CA GLN A 58 -9.67 7.52 2.44
C GLN A 58 -8.65 8.37 3.21
N VAL A 59 -8.06 7.79 4.26
CA VAL A 59 -7.06 8.46 5.09
C VAL A 59 -5.83 8.88 4.29
N LEU A 60 -5.49 8.15 3.24
CA LEU A 60 -4.33 8.47 2.41
C LEU A 60 -4.75 9.60 1.47
N GLN A 61 -5.98 9.55 0.95
CA GLN A 61 -6.48 10.58 0.03
C GLN A 61 -6.63 11.93 0.75
N GLN A 62 -6.87 11.89 2.06
CA GLN A 62 -7.04 13.05 2.92
C GLN A 62 -5.72 13.77 3.13
N THR A 63 -4.63 13.01 3.31
CA THR A 63 -3.32 13.61 3.54
C THR A 63 -2.70 14.08 2.24
N LEU A 64 -2.81 13.27 1.17
CA LEU A 64 -2.27 13.64 -0.14
C LEU A 64 -2.77 12.74 -1.27
N PRO A 65 -2.94 13.25 -2.50
CA PRO A 65 -3.38 12.43 -3.63
C PRO A 65 -2.26 11.40 -3.91
N PRO A 66 -2.52 10.09 -3.74
CA PRO A 66 -1.54 9.04 -3.92
C PRO A 66 -1.46 8.53 -5.37
N PRO A 67 -0.38 8.82 -6.13
CA PRO A 67 -0.24 8.30 -7.48
C PRO A 67 0.10 6.80 -7.41
N VAL A 68 0.88 6.42 -6.39
CA VAL A 68 1.31 5.05 -6.11
C VAL A 68 0.09 4.16 -6.00
N PHE A 69 -0.89 4.59 -5.20
CA PHE A 69 -2.16 3.89 -5.01
C PHE A 69 -2.74 3.44 -6.35
N GLN A 70 -2.76 4.34 -7.33
CA GLN A 70 -3.31 4.06 -8.65
C GLN A 70 -2.56 2.90 -9.33
N MET A 71 -1.25 2.80 -9.08
CA MET A 71 -0.40 1.75 -9.61
C MET A 71 -0.63 0.49 -8.78
N LEU A 72 -0.89 0.62 -7.47
CA LEU A 72 -1.18 -0.50 -6.61
C LEU A 72 -2.43 -1.19 -7.17
N LEU A 73 -3.41 -0.38 -7.55
CA LEU A 73 -4.66 -0.88 -8.11
C LEU A 73 -4.51 -1.50 -9.49
N THR A 74 -3.45 -1.15 -10.20
CA THR A 74 -3.18 -1.64 -11.54
C THR A 74 -2.29 -2.87 -11.47
N LYS A 75 -1.54 -3.01 -10.36
CA LYS A 75 -0.66 -4.14 -10.14
C LYS A 75 -1.50 -5.38 -9.80
N LEU A 76 -2.52 -5.19 -8.96
CA LEU A 76 -3.42 -6.22 -8.48
C LEU A 76 -4.02 -7.07 -9.63
N PRO A 77 -4.81 -6.51 -10.56
CA PRO A 77 -5.41 -7.24 -11.66
C PRO A 77 -4.39 -7.46 -12.79
N THR A 78 -4.85 -8.12 -13.86
CA THR A 78 -4.07 -8.42 -15.05
C THR A 78 -5.04 -8.52 -16.23
N ILE A 79 -6.11 -9.32 -16.07
CA ILE A 79 -7.14 -9.49 -17.09
C ILE A 79 -7.77 -8.14 -17.38
N SER A 80 -8.13 -7.42 -16.31
CA SER A 80 -8.75 -6.11 -16.38
C SER A 80 -7.94 -5.18 -17.30
N GLN A 81 -6.61 -5.14 -17.06
CA GLN A 81 -5.69 -4.35 -17.84
C GLN A 81 -5.79 -4.70 -19.32
N ARG A 82 -5.88 -6.00 -19.61
CA ARG A 82 -5.99 -6.50 -20.97
C ARG A 82 -7.29 -6.04 -21.64
N ILE A 83 -8.44 -6.07 -20.94
CA ILE A 83 -9.70 -5.66 -21.55
C ILE A 83 -9.59 -4.20 -21.95
N VAL A 84 -9.18 -3.37 -20.99
CA VAL A 84 -9.04 -1.93 -21.22
C VAL A 84 -8.11 -1.66 -22.40
N SER A 85 -7.01 -2.41 -22.49
CA SER A 85 -6.04 -2.29 -23.57
C SER A 85 -6.53 -2.99 -24.85
N ALA A 86 -7.80 -2.75 -25.22
CA ALA A 86 -8.44 -3.30 -26.41
C ALA A 86 -9.83 -2.65 -26.58
N GLN A 87 -10.58 -2.56 -25.48
CA GLN A 87 -11.91 -1.96 -25.41
C GLN A 87 -11.70 -0.44 -25.37
N SER A 88 -11.13 0.08 -26.46
CA SER A 88 -10.77 1.46 -26.74
C SER A 88 -10.21 1.51 -28.17
N LEU A 89 -9.38 0.52 -28.54
CA LEU A 89 -8.79 0.41 -29.87
C LEU A 89 -9.63 -0.50 -30.76
N GLY A 90 -10.96 -0.42 -30.58
CA GLY A 90 -11.92 -1.20 -31.33
C GLY A 90 -13.33 -0.79 -30.92
N GLU A 91 -14.30 -1.10 -31.79
CA GLU A 91 -15.72 -0.80 -31.61
C GLU A 91 -16.47 -2.11 -31.33
N ASP A 92 -17.64 -2.03 -30.68
CA ASP A 92 -18.48 -3.17 -30.35
C ASP A 92 -19.92 -2.68 -30.18
N ASP A 93 -20.50 -2.14 -31.27
CA ASP A 93 -21.86 -1.62 -31.28
C ASP A 93 -22.86 -2.78 -31.32
N VAL A 94 -22.97 -3.53 -30.22
CA VAL A 94 -23.85 -4.68 -30.07
C VAL A 94 -25.01 -4.27 -29.17
N GLU A 95 -26.23 -4.26 -29.72
CA GLU A 95 -27.46 -3.92 -29.04
C GLU A 95 -28.58 -4.69 -29.74
N GLY B 1 7.25 16.01 2.03
CA GLY B 1 8.44 15.16 2.19
C GLY B 1 8.05 13.84 2.82
N PRO B 2 9.01 12.96 3.14
CA PRO B 2 8.76 11.66 3.73
C PRO B 2 8.24 11.79 5.16
N ARG B 3 6.92 11.97 5.32
CA ARG B 3 6.25 12.10 6.61
C ARG B 3 4.74 11.89 6.46
N LEU B 4 4.34 10.71 5.98
CA LEU B 4 2.95 10.33 5.79
C LEU B 4 2.24 10.22 7.15
N SER B 5 3.00 10.14 8.26
CA SER B 5 2.48 10.04 9.61
C SER B 5 1.95 11.40 10.07
N ARG B 6 0.87 11.85 9.41
CA ARG B 6 0.16 13.10 9.67
C ARG B 6 -1.19 12.67 10.23
N LEU B 7 -2.00 12.00 9.41
CA LEU B 7 -3.30 11.48 9.82
C LEU B 7 -3.17 10.55 11.00
N LEU B 8 -2.10 9.75 11.08
CA LEU B 8 -1.90 8.77 12.12
C LEU B 8 -1.82 9.37 13.52
N SER B 9 -1.69 10.70 13.65
CA SER B 9 -1.71 11.36 14.94
C SER B 9 -3.12 11.24 15.56
N TYR B 10 -4.12 10.85 14.76
CA TYR B 10 -5.51 10.67 15.14
C TYR B 10 -5.78 9.41 15.98
N ALA B 11 -4.78 8.55 16.19
CA ALA B 11 -4.95 7.29 16.88
C ALA B 11 -3.61 6.80 17.40
N ARG A 1 20.75 -11.77 26.74
CA ARG A 1 20.57 -10.75 25.69
C ARG A 1 19.71 -11.30 24.55
N ALA A 2 19.09 -10.43 23.77
CA ALA A 2 18.22 -10.79 22.66
C ALA A 2 17.91 -9.53 21.85
N GLY A 3 17.10 -9.67 20.79
CA GLY A 3 16.66 -8.61 19.89
C GLY A 3 15.23 -8.93 19.46
N LEU A 4 14.43 -7.90 19.14
CA LEU A 4 13.04 -8.07 18.74
C LEU A 4 12.58 -6.82 17.97
N SER A 5 11.71 -7.02 16.97
CA SER A 5 11.14 -5.98 16.11
C SER A 5 10.10 -6.64 15.19
N LYS A 6 9.78 -5.98 14.06
CA LYS A 6 8.85 -6.33 12.98
C LYS A 6 7.93 -7.53 13.32
N LEU A 7 6.68 -7.28 13.73
CA LEU A 7 5.71 -8.31 14.07
C LEU A 7 6.24 -9.22 15.18
N PRO A 8 6.35 -8.71 16.42
CA PRO A 8 6.85 -9.46 17.57
C PRO A 8 5.81 -10.50 18.00
N ASP A 9 5.08 -10.26 19.10
CA ASP A 9 4.06 -11.22 19.55
C ASP A 9 2.82 -11.13 18.65
N LEU A 10 2.59 -9.96 18.02
CA LEU A 10 1.52 -9.68 17.08
C LEU A 10 0.10 -9.58 17.68
N LYS A 11 -0.08 -10.01 18.93
CA LYS A 11 -1.37 -9.96 19.62
C LYS A 11 -1.68 -8.53 20.07
N ASP A 12 -0.65 -7.74 20.38
CA ASP A 12 -0.84 -6.38 20.87
C ASP A 12 -1.14 -5.43 19.72
N ALA A 13 -2.09 -4.53 19.97
CA ALA A 13 -2.56 -3.53 19.04
C ALA A 13 -1.51 -2.45 18.84
N GLU A 14 -0.87 -2.03 19.94
CA GLU A 14 0.15 -1.01 19.90
C GLU A 14 1.33 -1.50 19.04
N ALA A 15 1.71 -2.77 19.21
CA ALA A 15 2.82 -3.37 18.47
C ALA A 15 2.50 -3.44 16.98
N VAL A 16 1.24 -3.72 16.68
CA VAL A 16 0.75 -3.81 15.30
C VAL A 16 0.69 -2.40 14.74
N GLN A 17 0.30 -1.42 15.56
CA GLN A 17 0.21 -0.03 15.15
C GLN A 17 1.61 0.48 14.82
N LYS A 18 2.58 0.15 15.68
CA LYS A 18 3.97 0.58 15.52
C LYS A 18 4.51 0.06 14.19
N PHE A 19 4.40 -1.25 13.97
CA PHE A 19 4.86 -1.89 12.74
C PHE A 19 4.11 -1.32 11.53
N PHE A 20 2.78 -1.22 11.63
CA PHE A 20 1.92 -0.72 10.55
C PHE A 20 2.47 0.63 10.09
N LEU A 21 2.66 1.55 11.05
CA LEU A 21 3.19 2.88 10.81
C LEU A 21 4.62 2.81 10.29
N GLU A 22 5.43 1.86 10.77
CA GLU A 22 6.79 1.73 10.28
C GLU A 22 6.77 1.47 8.78
N GLU A 23 5.78 0.73 8.27
CA GLU A 23 5.64 0.39 6.85
C GLU A 23 4.90 1.50 6.09
N ILE A 24 3.93 2.18 6.70
CA ILE A 24 3.25 3.34 6.07
C ILE A 24 4.39 4.33 5.73
N GLN A 25 5.24 4.60 6.74
CA GLN A 25 6.37 5.53 6.64
C GLN A 25 7.50 5.02 5.77
N LEU A 26 7.93 3.79 5.97
CA LEU A 26 9.02 3.20 5.19
C LEU A 26 8.63 3.18 3.71
N GLY A 27 7.40 2.77 3.38
CA GLY A 27 6.90 2.75 2.02
C GLY A 27 6.92 4.15 1.43
N GLU A 28 6.08 5.07 1.92
CA GLU A 28 6.08 6.45 1.40
C GLU A 28 7.48 7.07 1.28
N GLU A 29 8.38 6.76 2.22
CA GLU A 29 9.76 7.26 2.18
C GLU A 29 10.51 6.60 1.01
N LEU A 30 10.34 5.29 0.81
CA LEU A 30 10.98 4.62 -0.32
C LEU A 30 10.42 5.22 -1.61
N LEU A 31 9.12 5.54 -1.65
CA LEU A 31 8.52 6.19 -2.82
C LEU A 31 9.19 7.53 -3.03
N ALA A 32 9.42 8.24 -1.91
CA ALA A 32 10.14 9.51 -1.91
C ALA A 32 11.51 9.37 -2.58
N GLN A 33 12.04 8.14 -2.66
CA GLN A 33 13.30 7.80 -3.29
C GLN A 33 13.05 7.39 -4.74
N GLY A 34 11.90 6.75 -5.01
CA GLY A 34 11.45 6.30 -6.30
C GLY A 34 10.96 4.85 -6.32
N ASP A 35 10.86 4.16 -5.17
CA ASP A 35 10.45 2.74 -5.18
C ASP A 35 8.94 2.51 -5.00
N TYR A 36 8.15 2.94 -5.99
CA TYR A 36 6.70 2.78 -6.07
C TYR A 36 6.27 1.34 -5.86
N GLU A 37 7.05 0.39 -6.37
CA GLU A 37 6.76 -1.03 -6.23
C GLU A 37 6.78 -1.42 -4.76
N LYS A 38 7.77 -0.91 -4.04
CA LYS A 38 7.89 -1.16 -2.62
C LYS A 38 6.70 -0.54 -1.87
N GLY A 39 6.15 0.58 -2.35
CA GLY A 39 4.97 1.15 -1.70
C GLY A 39 3.79 0.20 -1.88
N VAL A 40 3.67 -0.47 -3.02
CA VAL A 40 2.57 -1.38 -3.23
C VAL A 40 2.69 -2.54 -2.24
N ASP A 41 3.88 -3.12 -2.12
CA ASP A 41 4.17 -4.25 -1.23
C ASP A 41 3.95 -3.88 0.23
N HIS A 42 4.63 -2.82 0.65
CA HIS A 42 4.58 -2.36 2.03
C HIS A 42 3.23 -1.79 2.41
N LEU A 43 2.54 -1.15 1.46
CA LEU A 43 1.22 -0.65 1.81
C LEU A 43 0.34 -1.89 1.91
N THR A 44 0.47 -2.85 0.97
CA THR A 44 -0.32 -4.09 1.02
C THR A 44 -0.21 -4.74 2.41
N ASN A 45 1.00 -4.71 2.99
CA ASN A 45 1.19 -5.29 4.32
C ASN A 45 0.45 -4.48 5.37
N ALA A 46 0.53 -3.15 5.25
CA ALA A 46 -0.16 -2.24 6.14
C ALA A 46 -1.66 -2.61 6.15
N ILE A 47 -2.23 -2.89 4.98
CA ILE A 47 -3.64 -3.33 4.86
C ILE A 47 -3.85 -4.66 5.56
N ALA A 48 -2.89 -5.57 5.43
CA ALA A 48 -2.97 -6.91 5.97
C ALA A 48 -3.08 -6.89 7.48
N VAL A 49 -2.45 -5.89 8.11
CA VAL A 49 -2.49 -5.76 9.55
C VAL A 49 -3.53 -4.72 10.00
N CYS A 50 -4.01 -3.87 9.09
CA CYS A 50 -5.02 -2.87 9.44
C CYS A 50 -6.41 -3.50 9.36
N GLY A 51 -6.72 -4.14 8.22
CA GLY A 51 -8.00 -4.81 8.01
C GLY A 51 -9.10 -3.89 7.49
N GLN A 52 -8.79 -2.60 7.33
CA GLN A 52 -9.72 -1.58 6.82
C GLN A 52 -9.00 -0.88 5.66
N PRO A 53 -8.71 -1.61 4.57
CA PRO A 53 -8.02 -1.05 3.43
C PRO A 53 -8.61 0.25 2.93
N GLN A 54 -9.89 0.23 2.59
CA GLN A 54 -10.61 1.37 2.02
C GLN A 54 -10.55 2.60 2.92
N GLN A 55 -10.76 2.44 4.23
CA GLN A 55 -10.67 3.58 5.14
C GLN A 55 -9.26 4.15 5.06
N LEU A 56 -8.26 3.27 5.02
CA LEU A 56 -6.88 3.68 4.91
C LEU A 56 -6.66 4.40 3.57
N LEU A 57 -7.12 3.86 2.45
CA LEU A 57 -6.92 4.50 1.16
C LEU A 57 -7.55 5.90 1.17
N GLN A 58 -8.69 6.05 1.87
CA GLN A 58 -9.33 7.34 2.03
C GLN A 58 -8.41 8.25 2.85
N VAL A 59 -7.85 7.72 3.95
CA VAL A 59 -6.94 8.44 4.84
C VAL A 59 -5.69 8.91 4.13
N LEU A 60 -5.23 8.14 3.15
CA LEU A 60 -4.03 8.50 2.41
C LEU A 60 -4.43 9.57 1.42
N GLN A 61 -5.63 9.49 0.82
CA GLN A 61 -6.09 10.51 -0.12
C GLN A 61 -6.25 11.85 0.60
N GLN A 62 -6.75 11.83 1.84
CA GLN A 62 -6.99 13.01 2.64
C GLN A 62 -5.69 13.77 2.90
N THR A 63 -4.59 13.05 3.18
CA THR A 63 -3.32 13.71 3.44
C THR A 63 -2.64 14.14 2.14
N LEU A 64 -2.82 13.37 1.06
CA LEU A 64 -2.21 13.65 -0.24
C LEU A 64 -2.71 12.62 -1.26
N PRO A 65 -3.21 13.04 -2.44
CA PRO A 65 -3.68 12.09 -3.44
C PRO A 65 -2.53 11.19 -3.90
N PRO A 66 -2.56 9.88 -3.61
CA PRO A 66 -1.51 8.94 -3.96
C PRO A 66 -1.58 8.50 -5.43
N PRO A 67 -0.58 8.79 -6.27
CA PRO A 67 -0.57 8.36 -7.66
C PRO A 67 -0.19 6.88 -7.71
N VAL A 68 0.79 6.48 -6.89
CA VAL A 68 1.31 5.13 -6.75
C VAL A 68 0.17 4.17 -6.43
N PHE A 69 -0.71 4.59 -5.53
CA PHE A 69 -1.91 3.85 -5.14
C PHE A 69 -2.59 3.26 -6.38
N GLN A 70 -2.69 4.04 -7.46
CA GLN A 70 -3.31 3.61 -8.71
C GLN A 70 -2.62 2.35 -9.26
N MET A 71 -1.30 2.35 -9.15
CA MET A 71 -0.41 1.27 -9.56
C MET A 71 -0.56 0.11 -8.58
N LEU A 72 -0.79 0.39 -7.29
CA LEU A 72 -1.05 -0.65 -6.30
C LEU A 72 -2.29 -1.39 -6.75
N LEU A 73 -3.31 -0.64 -7.18
CA LEU A 73 -4.55 -1.26 -7.62
C LEU A 73 -4.38 -2.08 -8.89
N THR A 74 -3.42 -1.68 -9.73
CA THR A 74 -3.15 -2.35 -10.99
C THR A 74 -2.18 -3.53 -10.77
N LYS A 75 -1.38 -3.48 -9.70
CA LYS A 75 -0.44 -4.54 -9.39
C LYS A 75 -1.15 -5.78 -8.85
N LEU A 76 -2.33 -5.61 -8.25
CA LEU A 76 -3.13 -6.70 -7.72
C LEU A 76 -3.52 -7.73 -8.80
N PRO A 77 -4.31 -7.36 -9.83
CA PRO A 77 -4.70 -8.28 -10.90
C PRO A 77 -3.53 -8.55 -11.85
N THR A 78 -3.79 -9.34 -12.91
CA THR A 78 -2.83 -9.70 -13.94
C THR A 78 -3.53 -9.68 -15.29
N ILE A 79 -4.65 -10.41 -15.36
CA ILE A 79 -5.50 -10.55 -16.53
C ILE A 79 -5.83 -9.19 -17.14
N SER A 80 -6.22 -8.24 -16.29
CA SER A 80 -6.57 -6.88 -16.68
C SER A 80 -5.46 -6.27 -17.55
N GLN A 81 -4.21 -6.36 -17.07
CA GLN A 81 -3.07 -5.84 -17.80
C GLN A 81 -2.94 -6.53 -19.16
N ARG A 82 -3.19 -7.84 -19.19
CA ARG A 82 -3.11 -8.62 -20.43
C ARG A 82 -4.13 -8.13 -21.46
N ILE A 83 -5.37 -7.79 -21.06
CA ILE A 83 -6.37 -7.32 -22.01
C ILE A 83 -5.85 -6.06 -22.68
N VAL A 84 -5.47 -5.08 -21.87
CA VAL A 84 -4.97 -3.81 -22.35
C VAL A 84 -3.73 -3.99 -23.21
N SER A 85 -2.81 -4.83 -22.77
CA SER A 85 -1.58 -5.14 -23.47
C SER A 85 -1.81 -6.12 -24.63
N ALA A 86 -2.85 -5.88 -25.43
CA ALA A 86 -3.22 -6.67 -26.59
C ALA A 86 -4.33 -5.97 -27.36
N GLN A 87 -5.38 -5.52 -26.64
CA GLN A 87 -6.52 -4.79 -27.17
C GLN A 87 -6.07 -3.34 -27.43
N SER A 88 -5.08 -3.19 -28.32
CA SER A 88 -4.40 -1.99 -28.76
C SER A 88 -3.43 -2.41 -29.87
N LEU A 89 -2.70 -3.51 -29.66
CA LEU A 89 -1.74 -4.05 -30.61
C LEU A 89 -2.36 -5.17 -31.45
N GLY A 90 -3.65 -5.02 -31.76
CA GLY A 90 -4.42 -5.96 -32.55
C GLY A 90 -4.60 -5.47 -33.98
N GLU A 91 -5.31 -6.27 -34.80
CA GLU A 91 -5.59 -5.94 -36.19
C GLU A 91 -6.70 -4.88 -36.26
N ASP A 92 -7.10 -4.50 -37.48
CA ASP A 92 -8.14 -3.51 -37.70
C ASP A 92 -9.52 -4.10 -37.33
N ASP A 93 -10.51 -3.23 -37.12
CA ASP A 93 -11.86 -3.64 -36.74
C ASP A 93 -12.56 -4.37 -37.89
N VAL A 94 -13.62 -5.13 -37.57
CA VAL A 94 -14.40 -5.89 -38.53
C VAL A 94 -15.87 -5.73 -38.17
N GLU A 95 -16.71 -5.49 -39.19
CA GLU A 95 -18.16 -5.29 -39.07
C GLU A 95 -18.44 -3.95 -38.39
N GLY B 1 14.51 12.62 5.21
CA GLY B 1 13.37 11.90 4.63
C GLY B 1 12.07 12.68 4.90
N PRO B 2 11.33 13.12 3.87
CA PRO B 2 10.10 13.89 4.03
C PRO B 2 8.93 12.95 4.38
N ARG B 3 8.95 12.42 5.61
CA ARG B 3 7.93 11.51 6.10
C ARG B 3 6.50 12.05 5.94
N LEU B 4 5.57 11.13 5.65
CA LEU B 4 4.14 11.32 5.41
C LEU B 4 3.35 11.51 6.70
N SER B 5 3.59 10.62 7.67
CA SER B 5 2.91 10.53 8.97
C SER B 5 2.49 11.90 9.55
N ARG B 6 1.20 12.19 9.35
CA ARG B 6 0.47 13.38 9.78
C ARG B 6 -0.90 12.90 10.22
N LEU B 7 -1.63 12.28 9.28
CA LEU B 7 -2.94 11.73 9.53
C LEU B 7 -2.90 10.79 10.74
N LEU B 8 -1.90 9.91 10.83
CA LEU B 8 -1.81 8.93 11.91
C LEU B 8 -1.78 9.55 13.31
N SER B 9 -1.55 10.86 13.43
CA SER B 9 -1.60 11.55 14.72
C SER B 9 -3.05 11.63 15.24
N TYR B 10 -4.03 11.29 14.38
CA TYR B 10 -5.46 11.29 14.66
C TYR B 10 -5.92 10.11 15.53
N ALA B 11 -5.00 9.23 15.93
CA ALA B 11 -5.32 8.03 16.68
C ALA B 11 -4.08 7.57 17.47
N ARG A 1 17.13 -0.43 26.30
CA ARG A 1 16.85 -1.88 26.28
C ARG A 1 16.87 -2.38 24.84
N ALA A 2 16.66 -3.69 24.64
CA ALA A 2 16.66 -4.31 23.32
C ALA A 2 15.42 -3.89 22.51
N GLY A 3 15.39 -4.29 21.24
CA GLY A 3 14.30 -4.01 20.31
C GLY A 3 14.14 -5.21 19.36
N LEU A 4 13.13 -5.15 18.48
CA LEU A 4 12.85 -6.22 17.53
C LEU A 4 12.08 -5.66 16.32
N SER A 5 10.87 -5.11 16.57
CA SER A 5 10.00 -4.53 15.54
C SER A 5 9.53 -5.61 14.54
N LYS A 6 8.84 -5.21 13.48
CA LYS A 6 8.32 -6.09 12.44
C LYS A 6 7.40 -7.16 13.04
N LEU A 7 6.21 -6.75 13.54
CA LEU A 7 5.23 -7.62 14.14
C LEU A 7 5.84 -8.51 15.24
N PRO A 8 6.40 -7.91 16.31
CA PRO A 8 7.03 -8.66 17.39
C PRO A 8 6.02 -9.31 18.34
N ASP A 9 5.15 -8.50 18.96
CA ASP A 9 4.15 -8.97 19.91
C ASP A 9 2.85 -9.35 19.20
N LEU A 10 2.30 -8.41 18.42
CA LEU A 10 1.10 -8.53 17.61
C LEU A 10 -0.21 -8.58 18.39
N LYS A 11 -0.18 -9.01 19.65
CA LYS A 11 -1.36 -9.07 20.49
C LYS A 11 -1.77 -7.65 20.88
N ASP A 12 -0.79 -6.78 21.20
CA ASP A 12 -1.06 -5.41 21.57
C ASP A 12 -1.31 -4.55 20.33
N ALA A 13 -2.19 -3.56 20.51
CA ALA A 13 -2.58 -2.62 19.48
C ALA A 13 -1.44 -1.66 19.17
N GLU A 14 -0.75 -1.20 20.21
CA GLU A 14 0.38 -0.28 20.08
C GLU A 14 1.49 -0.95 19.27
N ALA A 15 1.74 -2.23 19.54
CA ALA A 15 2.77 -3.01 18.86
C ALA A 15 2.44 -3.16 17.38
N VAL A 16 1.15 -3.17 17.06
CA VAL A 16 0.64 -3.27 15.70
C VAL A 16 0.69 -1.88 15.07
N GLN A 17 0.42 -0.83 15.85
CA GLN A 17 0.45 0.52 15.33
C GLN A 17 1.88 0.87 14.94
N LYS A 18 2.85 0.50 15.79
CA LYS A 18 4.26 0.76 15.53
C LYS A 18 4.66 0.24 14.16
N PHE A 19 4.46 -1.06 13.93
CA PHE A 19 4.80 -1.68 12.66
C PHE A 19 3.94 -1.15 11.49
N PHE A 20 2.61 -1.03 11.69
CA PHE A 20 1.70 -0.57 10.64
C PHE A 20 2.24 0.76 10.08
N LEU A 21 2.54 1.69 10.99
CA LEU A 21 3.13 2.98 10.64
C LEU A 21 4.53 2.79 10.06
N GLU A 22 5.34 1.90 10.63
CA GLU A 22 6.68 1.63 10.11
C GLU A 22 6.60 1.31 8.62
N GLU A 23 5.55 0.60 8.18
CA GLU A 23 5.36 0.22 6.79
C GLU A 23 4.84 1.40 5.97
N ILE A 24 3.82 2.10 6.48
CA ILE A 24 3.27 3.31 5.84
C ILE A 24 4.43 4.27 5.51
N GLN A 25 5.32 4.49 6.49
CA GLN A 25 6.44 5.39 6.35
C GLN A 25 7.56 4.81 5.49
N LEU A 26 7.93 3.56 5.74
CA LEU A 26 8.98 2.86 4.98
C LEU A 26 8.62 2.93 3.49
N GLY A 27 7.37 2.63 3.14
CA GLY A 27 6.89 2.70 1.77
C GLY A 27 7.03 4.12 1.26
N GLU A 28 6.30 5.08 1.84
CA GLU A 28 6.42 6.46 1.36
C GLU A 28 7.87 6.96 1.25
N GLU A 29 8.76 6.49 2.13
CA GLU A 29 10.18 6.84 2.10
C GLU A 29 10.85 6.19 0.89
N LEU A 30 10.57 4.92 0.61
CA LEU A 30 11.14 4.26 -0.57
C LEU A 30 10.63 4.97 -1.82
N LEU A 31 9.36 5.37 -1.83
CA LEU A 31 8.78 6.11 -2.95
C LEU A 31 9.44 7.48 -3.04
N ALA A 32 9.86 8.03 -1.88
CA ALA A 32 10.62 9.27 -1.84
C ALA A 32 11.92 9.10 -2.65
N GLN A 33 12.37 7.85 -2.85
CA GLN A 33 13.54 7.50 -3.63
C GLN A 33 13.06 7.24 -5.07
N GLY A 34 11.90 6.61 -5.17
CA GLY A 34 11.19 6.28 -6.41
C GLY A 34 10.80 4.81 -6.53
N ASP A 35 10.87 4.01 -5.45
CA ASP A 35 10.56 2.57 -5.56
C ASP A 35 9.07 2.23 -5.38
N TYR A 36 8.23 2.85 -6.22
CA TYR A 36 6.78 2.72 -6.32
C TYR A 36 6.31 1.27 -6.24
N GLU A 37 7.00 0.38 -6.96
CA GLU A 37 6.64 -1.03 -6.98
C GLU A 37 6.72 -1.64 -5.59
N LYS A 38 7.76 -1.25 -4.85
CA LYS A 38 7.96 -1.69 -3.49
C LYS A 38 6.90 -1.05 -2.59
N GLY A 39 6.49 0.19 -2.89
CA GLY A 39 5.44 0.86 -2.13
C GLY A 39 4.15 0.07 -2.21
N VAL A 40 3.85 -0.53 -3.36
CA VAL A 40 2.63 -1.32 -3.51
C VAL A 40 2.66 -2.48 -2.50
N ASP A 41 3.79 -3.17 -2.42
CA ASP A 41 4.00 -4.30 -1.52
C ASP A 41 3.88 -3.89 -0.06
N HIS A 42 4.65 -2.86 0.31
CA HIS A 42 4.69 -2.34 1.67
C HIS A 42 3.35 -1.77 2.09
N LEU A 43 2.61 -1.16 1.16
CA LEU A 43 1.30 -0.66 1.51
C LEU A 43 0.41 -1.90 1.68
N THR A 44 0.51 -2.87 0.75
CA THR A 44 -0.29 -4.10 0.84
C THR A 44 -0.14 -4.75 2.23
N ASN A 45 1.08 -4.70 2.77
CA ASN A 45 1.39 -5.23 4.09
C ASN A 45 0.63 -4.42 5.14
N ALA A 46 0.65 -3.10 5.01
CA ALA A 46 -0.07 -2.21 5.90
C ALA A 46 -1.55 -2.63 5.96
N ILE A 47 -2.17 -2.89 4.80
CA ILE A 47 -3.55 -3.35 4.72
C ILE A 47 -3.71 -4.71 5.39
N ALA A 48 -2.71 -5.58 5.23
CA ALA A 48 -2.74 -6.94 5.75
C ALA A 48 -2.84 -6.93 7.27
N VAL A 49 -2.25 -5.92 7.90
CA VAL A 49 -2.28 -5.80 9.35
C VAL A 49 -3.35 -4.82 9.82
N CYS A 50 -3.90 -3.99 8.93
CA CYS A 50 -4.94 -3.03 9.30
C CYS A 50 -6.32 -3.69 9.18
N GLY A 51 -6.60 -4.33 8.04
CA GLY A 51 -7.87 -5.00 7.80
C GLY A 51 -8.98 -4.07 7.34
N GLN A 52 -8.70 -2.76 7.27
CA GLN A 52 -9.63 -1.73 6.83
C GLN A 52 -8.93 -0.95 5.71
N PRO A 53 -8.70 -1.58 4.54
CA PRO A 53 -8.01 -0.93 3.44
C PRO A 53 -8.63 0.38 3.01
N GLN A 54 -9.94 0.36 2.75
CA GLN A 54 -10.70 1.50 2.23
C GLN A 54 -10.54 2.75 3.08
N GLN A 55 -10.70 2.64 4.39
CA GLN A 55 -10.54 3.78 5.28
C GLN A 55 -9.14 4.35 5.11
N LEU A 56 -8.15 3.46 5.04
CA LEU A 56 -6.76 3.85 4.86
C LEU A 56 -6.55 4.51 3.49
N LEU A 57 -7.15 3.97 2.42
CA LEU A 57 -6.98 4.58 1.11
C LEU A 57 -7.56 5.99 1.14
N GLN A 58 -8.67 6.19 1.86
CA GLN A 58 -9.21 7.53 1.99
C GLN A 58 -8.24 8.39 2.79
N VAL A 59 -7.73 7.88 3.93
CA VAL A 59 -6.78 8.59 4.77
C VAL A 59 -5.52 9.02 4.02
N LEU A 60 -5.12 8.22 3.03
CA LEU A 60 -3.95 8.52 2.22
C LEU A 60 -4.33 9.60 1.21
N GLN A 61 -5.56 9.54 0.67
CA GLN A 61 -6.04 10.52 -0.30
C GLN A 61 -6.27 11.89 0.34
N GLN A 62 -6.69 11.91 1.61
CA GLN A 62 -6.98 13.11 2.38
C GLN A 62 -5.71 13.92 2.61
N THR A 63 -4.63 13.23 2.98
CA THR A 63 -3.37 13.90 3.30
C THR A 63 -2.59 14.30 2.05
N LEU A 64 -2.71 13.52 0.96
CA LEU A 64 -2.00 13.84 -0.29
C LEU A 64 -2.52 13.02 -1.48
N PRO A 65 -2.53 13.58 -2.71
CA PRO A 65 -2.96 12.86 -3.90
C PRO A 65 -1.95 11.73 -4.14
N PRO A 66 -2.33 10.44 -4.00
CA PRO A 66 -1.41 9.33 -4.11
C PRO A 66 -1.43 8.69 -5.50
N PRO A 67 -0.41 8.93 -6.36
CA PRO A 67 -0.36 8.30 -7.68
C PRO A 67 -0.03 6.82 -7.53
N VAL A 68 0.82 6.49 -6.55
CA VAL A 68 1.26 5.14 -6.21
C VAL A 68 0.03 4.26 -5.98
N PHE A 69 -0.90 4.75 -5.17
CA PHE A 69 -2.17 4.08 -4.87
C PHE A 69 -2.81 3.54 -6.16
N GLN A 70 -2.84 4.35 -7.21
CA GLN A 70 -3.45 3.95 -8.48
C GLN A 70 -2.71 2.77 -9.12
N MET A 71 -1.38 2.72 -8.93
CA MET A 71 -0.52 1.67 -9.43
C MET A 71 -0.70 0.45 -8.54
N LEU A 72 -0.94 0.64 -7.24
CA LEU A 72 -1.23 -0.44 -6.32
C LEU A 72 -2.49 -1.13 -6.82
N LEU A 73 -3.50 -0.33 -7.17
CA LEU A 73 -4.76 -0.88 -7.66
C LEU A 73 -4.59 -1.58 -9.00
N THR A 74 -3.62 -1.14 -9.81
CA THR A 74 -3.38 -1.75 -11.11
C THR A 74 -2.50 -2.99 -10.97
N LYS A 75 -1.70 -3.09 -9.88
CA LYS A 75 -0.85 -4.24 -9.66
C LYS A 75 -1.64 -5.53 -9.43
N LEU A 76 -2.52 -5.57 -8.42
CA LEU A 76 -3.33 -6.73 -8.10
C LEU A 76 -4.01 -7.40 -9.31
N PRO A 77 -4.87 -6.72 -10.09
CA PRO A 77 -5.53 -7.29 -11.24
C PRO A 77 -4.59 -7.40 -12.43
N THR A 78 -3.75 -8.40 -12.35
CA THR A 78 -2.73 -8.73 -13.34
C THR A 78 -3.39 -9.53 -14.45
N ILE A 79 -4.07 -10.60 -14.04
CA ILE A 79 -4.80 -11.52 -14.92
C ILE A 79 -5.72 -10.74 -15.86
N SER A 80 -6.38 -9.71 -15.34
CA SER A 80 -7.27 -8.87 -16.11
C SER A 80 -6.65 -8.41 -17.42
N GLN A 81 -5.33 -8.14 -17.40
CA GLN A 81 -4.59 -7.73 -18.58
C GLN A 81 -4.78 -8.73 -19.72
N ARG A 82 -4.68 -10.03 -19.40
CA ARG A 82 -4.82 -11.08 -20.40
C ARG A 82 -6.20 -11.12 -21.04
N ILE A 83 -7.27 -10.69 -20.33
CA ILE A 83 -8.61 -10.70 -20.91
C ILE A 83 -8.71 -9.52 -21.86
N VAL A 84 -8.34 -8.33 -21.36
CA VAL A 84 -8.40 -7.11 -22.16
C VAL A 84 -7.54 -7.22 -23.42
N SER A 85 -6.40 -7.92 -23.32
CA SER A 85 -5.50 -8.18 -24.43
C SER A 85 -6.04 -9.29 -25.33
N ALA A 86 -7.33 -9.19 -25.69
CA ALA A 86 -8.09 -10.11 -26.54
C ALA A 86 -9.50 -9.54 -26.68
N GLN A 87 -10.11 -9.11 -25.58
CA GLN A 87 -11.43 -8.51 -25.53
C GLN A 87 -11.27 -7.05 -26.03
N SER A 88 -10.96 -6.92 -27.31
CA SER A 88 -10.69 -5.71 -28.09
C SER A 88 -10.38 -6.20 -29.52
N LEU A 89 -9.63 -7.30 -29.62
CA LEU A 89 -9.24 -7.96 -30.85
C LEU A 89 -9.99 -9.30 -30.95
N GLY A 90 -11.28 -9.28 -30.61
CA GLY A 90 -12.18 -10.42 -30.62
C GLY A 90 -13.08 -10.35 -31.85
N GLU A 91 -12.66 -10.99 -32.94
CA GLU A 91 -13.43 -10.99 -34.18
C GLU A 91 -14.75 -11.78 -33.98
N ASP A 92 -15.79 -11.46 -34.77
CA ASP A 92 -17.10 -12.08 -34.70
C ASP A 92 -17.40 -12.93 -35.94
N ASP A 93 -18.44 -13.76 -35.88
CA ASP A 93 -18.90 -14.63 -36.95
C ASP A 93 -20.32 -15.10 -36.61
N VAL A 94 -21.08 -15.59 -37.59
CA VAL A 94 -22.45 -16.07 -37.41
C VAL A 94 -22.67 -17.28 -38.33
N GLU A 95 -23.42 -18.28 -37.84
CA GLU A 95 -23.73 -19.50 -38.57
C GLU A 95 -24.62 -19.18 -39.79
N GLY B 1 3.73 15.92 2.48
CA GLY B 1 5.19 15.82 2.62
C GLY B 1 5.59 14.36 2.92
N PRO B 2 6.90 14.08 3.01
CA PRO B 2 7.42 12.75 3.29
C PRO B 2 7.18 12.39 4.76
N ARG B 3 7.41 11.11 5.12
CA ARG B 3 7.19 10.57 6.46
C ARG B 3 5.71 10.69 6.82
N LEU B 4 4.89 9.93 6.09
CA LEU B 4 3.44 9.85 6.20
C LEU B 4 3.02 9.41 7.60
N SER B 5 2.74 10.34 8.51
CA SER B 5 2.31 9.99 9.86
C SER B 5 1.58 11.09 10.63
N ARG B 6 1.00 12.07 9.94
CA ARG B 6 0.24 13.12 10.62
C ARG B 6 -1.08 12.52 11.09
N LEU B 7 -1.76 11.81 10.17
CA LEU B 7 -3.02 11.13 10.37
C LEU B 7 -2.91 9.99 11.41
N LEU B 8 -1.92 9.10 11.27
CA LEU B 8 -1.73 7.97 12.17
C LEU B 8 -1.31 8.61 13.51
N SER B 9 -2.19 8.43 14.50
CA SER B 9 -2.23 8.98 15.85
C SER B 9 -3.73 8.96 16.18
N TYR B 10 -4.56 9.24 15.15
CA TYR B 10 -6.01 9.17 15.16
C TYR B 10 -6.51 7.75 15.50
N ALA B 11 -5.58 6.78 15.51
CA ALA B 11 -5.67 5.36 15.75
C ALA B 11 -4.24 4.89 16.04
N ARG A 1 12.67 -0.01 24.79
CA ARG A 1 12.26 -1.42 24.94
C ARG A 1 13.19 -2.30 24.10
N ALA A 2 13.43 -3.55 24.53
CA ALA A 2 14.27 -4.50 23.82
C ALA A 2 13.42 -5.17 22.73
N GLY A 3 14.04 -5.69 21.66
CA GLY A 3 13.34 -6.34 20.57
C GLY A 3 12.34 -5.36 19.94
N LEU A 4 11.06 -5.76 19.87
CA LEU A 4 9.96 -4.95 19.32
C LEU A 4 10.11 -4.71 17.81
N SER A 5 9.02 -4.25 17.18
CA SER A 5 8.95 -3.91 15.76
C SER A 5 9.02 -5.14 14.85
N LYS A 6 8.73 -4.92 13.55
CA LYS A 6 8.71 -5.93 12.50
C LYS A 6 7.95 -7.19 12.92
N LEU A 7 6.69 -7.02 13.37
CA LEU A 7 5.81 -8.11 13.80
C LEU A 7 6.49 -9.01 14.83
N PRO A 8 6.64 -8.56 16.09
CA PRO A 8 7.27 -9.32 17.15
C PRO A 8 6.29 -10.42 17.63
N ASP A 9 5.63 -10.24 18.78
CA ASP A 9 4.67 -11.23 19.27
C ASP A 9 3.37 -11.15 18.46
N LEU A 10 3.06 -9.96 17.91
CA LEU A 10 1.93 -9.63 17.05
C LEU A 10 0.57 -9.55 17.74
N LYS A 11 0.47 -9.95 19.01
CA LYS A 11 -0.76 -9.91 19.77
C LYS A 11 -1.05 -8.51 20.31
N ASP A 12 0.00 -7.72 20.58
CA ASP A 12 -0.14 -6.38 21.15
C ASP A 12 -0.52 -5.37 20.08
N ALA A 13 -1.39 -4.45 20.48
CA ALA A 13 -1.95 -3.39 19.64
C ALA A 13 -0.93 -2.31 19.35
N GLU A 14 -0.16 -1.91 20.35
CA GLU A 14 0.86 -0.88 20.21
C GLU A 14 1.95 -1.32 19.23
N ALA A 15 2.29 -2.62 19.26
CA ALA A 15 3.30 -3.20 18.40
C ALA A 15 2.81 -3.29 16.96
N VAL A 16 1.51 -3.57 16.81
CA VAL A 16 0.86 -3.69 15.51
C VAL A 16 0.69 -2.29 14.93
N GLN A 17 0.34 -1.33 15.79
CA GLN A 17 0.16 0.06 15.37
C GLN A 17 1.50 0.61 14.93
N LYS A 18 2.54 0.38 15.73
CA LYS A 18 3.86 0.91 15.40
C LYS A 18 4.41 0.27 14.13
N PHE A 19 4.16 -1.03 13.91
CA PHE A 19 4.59 -1.72 12.71
C PHE A 19 3.80 -1.21 11.49
N PHE A 20 2.48 -1.10 11.64
CA PHE A 20 1.58 -0.64 10.59
C PHE A 20 2.09 0.71 10.09
N LEU A 21 2.36 1.62 11.03
CA LEU A 21 2.92 2.95 10.77
C LEU A 21 4.35 2.82 10.23
N GLU A 22 5.11 1.84 10.69
CA GLU A 22 6.46 1.62 10.20
C GLU A 22 6.42 1.41 8.68
N GLU A 23 5.42 0.69 8.17
CA GLU A 23 5.26 0.41 6.75
C GLU A 23 4.65 1.60 6.01
N ILE A 24 3.62 2.23 6.59
CA ILE A 24 3.01 3.43 5.99
C ILE A 24 4.15 4.43 5.69
N GLN A 25 5.02 4.63 6.69
CA GLN A 25 6.13 5.58 6.60
C GLN A 25 7.30 5.06 5.76
N LEU A 26 7.76 3.83 6.03
CA LEU A 26 8.86 3.19 5.30
C LEU A 26 8.52 3.19 3.80
N GLY A 27 7.29 2.80 3.46
CA GLY A 27 6.82 2.79 2.09
C GLY A 27 6.90 4.20 1.53
N GLU A 28 6.16 5.17 2.09
CA GLU A 28 6.25 6.54 1.57
C GLU A 28 7.72 7.00 1.36
N GLU A 29 8.59 6.70 2.32
CA GLU A 29 10.02 7.04 2.27
C GLU A 29 10.70 6.35 1.09
N LEU A 30 10.47 5.04 0.88
CA LEU A 30 11.07 4.34 -0.25
C LEU A 30 10.57 4.98 -1.55
N LEU A 31 9.29 5.33 -1.60
CA LEU A 31 8.72 6.00 -2.78
C LEU A 31 9.34 7.39 -2.92
N ALA A 32 9.70 8.01 -1.81
CA ALA A 32 10.41 9.28 -1.80
C ALA A 32 11.75 9.13 -2.54
N GLN A 33 12.25 7.88 -2.65
CA GLN A 33 13.46 7.54 -3.37
C GLN A 33 13.06 7.16 -4.80
N GLY A 34 11.92 6.48 -4.93
CA GLY A 34 11.29 6.06 -6.17
C GLY A 34 10.95 4.57 -6.22
N ASP A 35 11.01 3.84 -5.11
CA ASP A 35 10.74 2.39 -5.13
C ASP A 35 9.26 2.02 -4.99
N TYR A 36 8.44 2.59 -5.87
CA TYR A 36 7.00 2.43 -6.02
C TYR A 36 6.52 1.00 -5.86
N GLU A 37 7.25 0.07 -6.49
CA GLU A 37 6.92 -1.34 -6.46
C GLU A 37 6.94 -1.89 -5.04
N LYS A 38 7.91 -1.43 -4.26
CA LYS A 38 8.04 -1.83 -2.86
C LYS A 38 6.95 -1.14 -2.05
N GLY A 39 6.54 0.07 -2.45
CA GLY A 39 5.46 0.76 -1.76
C GLY A 39 4.17 -0.01 -1.93
N VAL A 40 3.94 -0.62 -3.10
CA VAL A 40 2.73 -1.39 -3.32
C VAL A 40 2.70 -2.54 -2.32
N ASP A 41 3.84 -3.21 -2.12
CA ASP A 41 3.97 -4.32 -1.18
C ASP A 41 3.73 -3.88 0.26
N HIS A 42 4.47 -2.85 0.69
CA HIS A 42 4.40 -2.34 2.04
C HIS A 42 3.03 -1.75 2.34
N LEU A 43 2.39 -1.14 1.34
CA LEU A 43 1.07 -0.63 1.59
C LEU A 43 0.16 -1.85 1.70
N THR A 44 0.28 -2.82 0.78
CA THR A 44 -0.54 -4.03 0.85
C THR A 44 -0.45 -4.69 2.23
N ASN A 45 0.75 -4.67 2.80
CA ASN A 45 1.05 -5.23 4.11
C ASN A 45 0.30 -4.41 5.17
N ALA A 46 0.34 -3.07 5.05
CA ALA A 46 -0.36 -2.19 5.96
C ALA A 46 -1.84 -2.61 6.01
N ILE A 47 -2.44 -2.85 4.83
CA ILE A 47 -3.83 -3.32 4.75
C ILE A 47 -4.00 -4.70 5.39
N ALA A 48 -3.00 -5.57 5.24
CA ALA A 48 -3.04 -6.92 5.75
C ALA A 48 -3.13 -6.96 7.26
N VAL A 49 -2.55 -5.95 7.91
CA VAL A 49 -2.57 -5.87 9.36
C VAL A 49 -3.66 -4.91 9.84
N CYS A 50 -4.18 -4.04 8.96
CA CYS A 50 -5.24 -3.11 9.35
C CYS A 50 -6.61 -3.76 9.21
N GLY A 51 -6.91 -4.35 8.05
CA GLY A 51 -8.18 -5.00 7.78
C GLY A 51 -9.30 -4.03 7.40
N GLN A 52 -8.95 -2.75 7.21
CA GLN A 52 -9.86 -1.68 6.82
C GLN A 52 -9.18 -0.93 5.68
N PRO A 53 -8.95 -1.58 4.53
CA PRO A 53 -8.27 -0.97 3.40
C PRO A 53 -8.88 0.36 2.98
N GLN A 54 -10.18 0.37 2.72
CA GLN A 54 -10.90 1.52 2.21
C GLN A 54 -10.76 2.74 3.11
N GLN A 55 -10.94 2.59 4.43
CA GLN A 55 -10.77 3.74 5.32
C GLN A 55 -9.37 4.31 5.15
N LEU A 56 -8.38 3.43 5.08
CA LEU A 56 -7.01 3.84 4.88
C LEU A 56 -6.84 4.51 3.51
N LEU A 57 -7.43 3.99 2.44
CA LEU A 57 -7.28 4.62 1.13
C LEU A 57 -7.87 6.03 1.17
N GLN A 58 -8.98 6.23 1.88
CA GLN A 58 -9.57 7.56 2.04
C GLN A 58 -8.56 8.42 2.80
N VAL A 59 -8.00 7.89 3.88
CA VAL A 59 -7.03 8.60 4.71
C VAL A 59 -5.81 9.02 3.89
N LEU A 60 -5.38 8.18 2.94
CA LEU A 60 -4.23 8.44 2.09
C LEU A 60 -4.62 9.41 0.96
N GLN A 61 -5.89 9.50 0.58
CA GLN A 61 -6.34 10.42 -0.46
C GLN A 61 -6.57 11.81 0.14
N GLN A 62 -6.55 11.93 1.47
CA GLN A 62 -6.80 13.15 2.21
C GLN A 62 -5.52 13.90 2.56
N THR A 63 -4.41 13.19 2.81
CA THR A 63 -3.15 13.83 3.19
C THR A 63 -2.43 14.40 1.96
N LEU A 64 -2.41 13.65 0.87
CA LEU A 64 -1.79 14.03 -0.40
C LEU A 64 -2.28 13.09 -1.49
N PRO A 65 -2.36 13.49 -2.76
CA PRO A 65 -2.83 12.63 -3.84
C PRO A 65 -1.79 11.52 -4.07
N PRO A 66 -2.12 10.25 -3.84
CA PRO A 66 -1.20 9.12 -3.99
C PRO A 66 -1.13 8.59 -5.44
N PRO A 67 -0.03 8.82 -6.18
CA PRO A 67 0.12 8.32 -7.53
C PRO A 67 0.56 6.86 -7.54
N VAL A 68 0.99 6.35 -6.38
CA VAL A 68 1.41 4.98 -6.17
C VAL A 68 0.16 4.12 -6.02
N PHE A 69 -0.77 4.57 -5.18
CA PHE A 69 -2.06 3.94 -4.93
C PHE A 69 -2.68 3.35 -6.20
N GLN A 70 -2.77 4.15 -7.26
CA GLN A 70 -3.34 3.72 -8.53
C GLN A 70 -2.56 2.55 -9.15
N MET A 71 -1.25 2.52 -8.94
CA MET A 71 -0.36 1.47 -9.43
C MET A 71 -0.52 0.26 -8.51
N LEU A 72 -0.81 0.46 -7.21
CA LEU A 72 -1.08 -0.63 -6.29
C LEU A 72 -2.33 -1.34 -6.81
N LEU A 73 -3.33 -0.55 -7.21
CA LEU A 73 -4.58 -1.10 -7.73
C LEU A 73 -4.39 -1.85 -9.04
N THR A 74 -3.41 -1.44 -9.84
CA THR A 74 -3.12 -2.04 -11.12
C THR A 74 -2.16 -3.23 -10.95
N LYS A 75 -1.37 -3.24 -9.88
CA LYS A 75 -0.44 -4.32 -9.61
C LYS A 75 -1.18 -5.59 -9.19
N LEU A 76 -2.31 -5.43 -8.49
CA LEU A 76 -3.16 -6.52 -8.05
C LEU A 76 -3.54 -7.44 -9.24
N PRO A 77 -4.34 -7.00 -10.21
CA PRO A 77 -4.72 -7.80 -11.36
C PRO A 77 -3.56 -7.95 -12.34
N THR A 78 -2.79 -9.01 -12.13
CA THR A 78 -1.64 -9.40 -12.93
C THR A 78 -2.01 -10.60 -13.80
N ILE A 79 -2.60 -11.62 -13.19
CA ILE A 79 -3.02 -12.83 -13.88
C ILE A 79 -4.15 -12.50 -14.85
N SER A 80 -5.05 -11.62 -14.42
CA SER A 80 -6.20 -11.18 -15.20
C SER A 80 -5.80 -10.76 -16.63
N GLN A 81 -4.75 -9.95 -16.76
CA GLN A 81 -4.26 -9.50 -18.06
C GLN A 81 -3.78 -10.67 -18.91
N ARG A 82 -3.33 -11.77 -18.28
CA ARG A 82 -2.90 -12.96 -19.00
C ARG A 82 -4.09 -13.61 -19.70
N ILE A 83 -5.31 -13.36 -19.23
CA ILE A 83 -6.54 -13.87 -19.82
C ILE A 83 -6.87 -12.88 -20.96
N VAL A 84 -8.10 -12.35 -21.00
CA VAL A 84 -8.68 -11.38 -21.92
C VAL A 84 -8.96 -12.02 -23.29
N SER A 85 -8.00 -12.79 -23.77
CA SER A 85 -8.04 -13.55 -25.00
C SER A 85 -8.68 -14.91 -24.71
N ALA A 86 -9.78 -14.88 -23.95
CA ALA A 86 -10.54 -16.03 -23.50
C ALA A 86 -11.81 -15.54 -22.82
N GLN A 87 -11.70 -14.47 -22.01
CA GLN A 87 -12.82 -13.86 -21.29
C GLN A 87 -14.02 -13.52 -22.16
N SER A 88 -13.74 -13.27 -23.43
CA SER A 88 -14.70 -12.97 -24.48
C SER A 88 -14.32 -13.76 -25.73
N LEU A 89 -13.79 -14.97 -25.53
CA LEU A 89 -13.32 -15.96 -26.49
C LEU A 89 -12.63 -15.36 -27.72
N GLY A 90 -11.92 -14.25 -27.50
CA GLY A 90 -11.22 -13.52 -28.55
C GLY A 90 -12.14 -13.24 -29.74
N GLU A 91 -13.36 -12.76 -29.46
CA GLU A 91 -14.37 -12.46 -30.47
C GLU A 91 -13.83 -11.46 -31.52
N ASP A 92 -14.26 -11.61 -32.78
CA ASP A 92 -13.90 -10.76 -33.90
C ASP A 92 -15.09 -10.72 -34.87
N ASP A 93 -15.17 -9.72 -35.74
CA ASP A 93 -16.26 -9.59 -36.71
C ASP A 93 -15.94 -10.45 -37.93
N VAL A 94 -15.84 -11.76 -37.72
CA VAL A 94 -15.53 -12.73 -38.76
C VAL A 94 -16.81 -13.08 -39.53
N GLU A 95 -16.70 -13.22 -40.86
CA GLU A 95 -17.78 -13.56 -41.76
C GLU A 95 -17.14 -14.26 -42.96
N GLY B 1 6.69 21.17 7.46
CA GLY B 1 5.49 20.66 6.75
C GLY B 1 5.17 19.22 7.13
N PRO B 2 3.99 18.70 6.78
CA PRO B 2 3.60 17.33 7.08
C PRO B 2 4.37 16.35 6.19
N ARG B 3 4.15 15.05 6.39
CA ARG B 3 4.81 13.99 5.63
C ARG B 3 3.78 12.94 5.23
N LEU B 4 3.33 12.11 6.18
CA LEU B 4 2.34 11.06 5.97
C LEU B 4 1.67 10.79 7.32
N SER B 5 2.47 10.42 8.33
CA SER B 5 2.03 10.12 9.68
C SER B 5 1.27 11.25 10.37
N ARG B 6 1.21 12.45 9.77
CA ARG B 6 0.43 13.56 10.30
C ARG B 6 -1.01 13.08 10.48
N LEU B 7 -1.56 12.32 9.51
CA LEU B 7 -2.91 11.79 9.65
C LEU B 7 -2.95 10.82 10.82
N LEU B 8 -2.02 9.85 10.90
CA LEU B 8 -2.02 8.83 11.93
C LEU B 8 -1.99 9.38 13.35
N SER B 9 -1.61 10.65 13.54
CA SER B 9 -1.64 11.30 14.84
C SER B 9 -3.09 11.41 15.36
N TYR B 10 -4.08 11.22 14.46
CA TYR B 10 -5.51 11.25 14.72
C TYR B 10 -6.03 10.05 15.53
N ALA B 11 -5.16 9.09 15.87
CA ALA B 11 -5.53 7.87 16.56
C ALA B 11 -4.33 7.32 17.33
N ARG A 1 20.36 -9.67 17.71
CA ARG A 1 20.71 -10.91 18.42
C ARG A 1 19.73 -12.02 18.04
N ALA A 2 18.49 -11.97 18.57
CA ALA A 2 17.46 -12.96 18.30
C ALA A 2 16.09 -12.29 18.40
N GLY A 3 15.81 -11.36 17.49
CA GLY A 3 14.55 -10.63 17.44
C GLY A 3 14.63 -9.52 16.40
N LEU A 4 13.46 -8.97 16.02
CA LEU A 4 13.32 -7.90 15.04
C LEU A 4 11.98 -7.20 15.32
N SER A 5 11.91 -5.89 15.07
CA SER A 5 10.72 -5.08 15.29
C SER A 5 9.57 -5.31 14.30
N LYS A 6 9.65 -6.34 13.44
CA LYS A 6 8.62 -6.64 12.46
C LYS A 6 7.65 -7.68 13.04
N LEU A 7 6.46 -7.26 13.51
CA LEU A 7 5.43 -8.14 14.07
C LEU A 7 5.99 -9.09 15.15
N PRO A 8 6.60 -8.56 16.22
CA PRO A 8 7.15 -9.37 17.30
C PRO A 8 6.08 -10.06 18.13
N ASP A 9 5.11 -9.30 18.63
CA ASP A 9 4.03 -9.78 19.50
C ASP A 9 2.75 -10.08 18.71
N LEU A 10 2.28 -9.10 17.93
CA LEU A 10 1.10 -9.13 17.09
C LEU A 10 -0.25 -9.12 17.83
N LYS A 11 -0.29 -9.57 19.07
CA LYS A 11 -1.50 -9.59 19.88
C LYS A 11 -1.80 -8.18 20.39
N ASP A 12 -0.77 -7.40 20.74
CA ASP A 12 -0.95 -6.05 21.23
C ASP A 12 -1.21 -5.11 20.05
N ALA A 13 -2.10 -4.14 20.28
CA ALA A 13 -2.52 -3.17 19.28
C ALA A 13 -1.43 -2.14 19.01
N GLU A 14 -0.85 -1.58 20.07
CA GLU A 14 0.22 -0.60 19.98
C GLU A 14 1.42 -1.14 19.21
N ALA A 15 1.73 -2.42 19.42
CA ALA A 15 2.84 -3.11 18.75
C ALA A 15 2.53 -3.29 17.26
N VAL A 16 1.24 -3.29 16.92
CA VAL A 16 0.77 -3.42 15.54
C VAL A 16 0.71 -2.01 14.95
N GLN A 17 0.38 -1.01 15.77
CA GLN A 17 0.30 0.37 15.30
C GLN A 17 1.70 0.83 14.90
N LYS A 18 2.70 0.53 15.73
CA LYS A 18 4.07 0.93 15.42
C LYS A 18 4.55 0.30 14.11
N PHE A 19 4.25 -0.98 13.90
CA PHE A 19 4.63 -1.69 12.68
C PHE A 19 3.87 -1.14 11.47
N PHE A 20 2.55 -0.96 11.63
CA PHE A 20 1.66 -0.48 10.58
C PHE A 20 2.21 0.85 10.05
N LEU A 21 2.48 1.77 10.99
CA LEU A 21 3.08 3.06 10.67
C LEU A 21 4.49 2.87 10.12
N GLU A 22 5.26 1.89 10.60
CA GLU A 22 6.59 1.63 10.06
C GLU A 22 6.48 1.28 8.58
N GLU A 23 5.39 0.61 8.16
CA GLU A 23 5.16 0.23 6.77
C GLU A 23 4.67 1.42 5.95
N ILE A 24 3.71 2.18 6.50
CA ILE A 24 3.21 3.41 5.87
C ILE A 24 4.44 4.30 5.55
N GLN A 25 5.29 4.51 6.57
CA GLN A 25 6.47 5.37 6.43
C GLN A 25 7.60 4.77 5.61
N LEU A 26 7.88 3.47 5.78
CA LEU A 26 8.93 2.76 5.05
C LEU A 26 8.58 2.89 3.57
N GLY A 27 7.33 2.60 3.19
CA GLY A 27 6.88 2.72 1.81
C GLY A 27 7.10 4.14 1.33
N GLU A 28 6.43 5.13 1.92
CA GLU A 28 6.62 6.51 1.47
C GLU A 28 8.10 6.93 1.39
N GLU A 29 8.95 6.44 2.30
CA GLU A 29 10.38 6.73 2.31
C GLU A 29 11.06 6.05 1.12
N LEU A 30 10.71 4.79 0.80
CA LEU A 30 11.27 4.10 -0.35
C LEU A 30 10.84 4.82 -1.61
N LEU A 31 9.60 5.29 -1.67
CA LEU A 31 9.10 6.06 -2.81
C LEU A 31 9.84 7.39 -2.87
N ALA A 32 10.22 7.91 -1.70
CA ALA A 32 11.05 9.11 -1.64
C ALA A 32 12.38 8.87 -2.38
N GLN A 33 12.77 7.59 -2.53
CA GLN A 33 13.96 7.17 -3.26
C GLN A 33 13.55 6.90 -4.72
N GLY A 34 12.33 6.37 -4.88
CA GLY A 34 11.68 6.05 -6.15
C GLY A 34 11.20 4.62 -6.27
N ASP A 35 11.22 3.81 -5.19
CA ASP A 35 10.81 2.41 -5.29
C ASP A 35 9.29 2.17 -5.18
N TYR A 36 8.53 2.78 -6.09
CA TYR A 36 7.09 2.70 -6.25
C TYR A 36 6.60 1.25 -6.22
N GLU A 37 7.39 0.35 -6.81
CA GLU A 37 7.12 -1.08 -6.85
C GLU A 37 7.00 -1.60 -5.43
N LYS A 38 7.99 -1.26 -4.60
CA LYS A 38 8.02 -1.65 -3.21
C LYS A 38 6.94 -0.95 -2.40
N GLY A 39 6.58 0.29 -2.73
CA GLY A 39 5.52 0.99 -2.01
C GLY A 39 4.22 0.20 -2.05
N VAL A 40 3.93 -0.43 -3.18
CA VAL A 40 2.72 -1.23 -3.32
C VAL A 40 2.74 -2.36 -2.30
N ASP A 41 3.87 -3.08 -2.21
CA ASP A 41 4.06 -4.21 -1.31
C ASP A 41 3.92 -3.76 0.15
N HIS A 42 4.70 -2.75 0.52
CA HIS A 42 4.72 -2.24 1.89
C HIS A 42 3.36 -1.65 2.27
N LEU A 43 2.64 -1.04 1.33
CA LEU A 43 1.32 -0.55 1.66
C LEU A 43 0.39 -1.75 1.78
N THR A 44 0.50 -2.73 0.87
CA THR A 44 -0.33 -3.94 0.92
C THR A 44 -0.22 -4.59 2.31
N ASN A 45 0.98 -4.56 2.87
CA ASN A 45 1.28 -5.12 4.17
C ASN A 45 0.53 -4.32 5.25
N ALA A 46 0.53 -2.99 5.10
CA ALA A 46 -0.19 -2.11 6.01
C ALA A 46 -1.66 -2.57 6.04
N ILE A 47 -2.27 -2.82 4.87
CA ILE A 47 -3.64 -3.32 4.79
C ILE A 47 -3.78 -4.70 5.41
N ALA A 48 -2.76 -5.54 5.27
CA ALA A 48 -2.79 -6.92 5.75
C ALA A 48 -2.87 -6.98 7.27
N VAL A 49 -2.31 -5.96 7.94
CA VAL A 49 -2.34 -5.89 9.38
C VAL A 49 -3.44 -4.96 9.88
N CYS A 50 -3.96 -4.08 9.02
CA CYS A 50 -5.03 -3.18 9.41
C CYS A 50 -6.38 -3.89 9.26
N GLY A 51 -6.65 -4.46 8.08
CA GLY A 51 -7.89 -5.18 7.80
C GLY A 51 -9.04 -4.25 7.43
N GLN A 52 -8.79 -2.94 7.41
CA GLN A 52 -9.74 -1.90 7.05
C GLN A 52 -9.09 -1.06 5.95
N PRO A 53 -8.84 -1.64 4.77
CA PRO A 53 -8.19 -0.93 3.68
C PRO A 53 -8.85 0.40 3.35
N GLN A 54 -10.15 0.37 3.10
CA GLN A 54 -10.95 1.53 2.72
C GLN A 54 -10.78 2.71 3.67
N GLN A 55 -10.72 2.44 4.98
CA GLN A 55 -10.51 3.52 5.96
C GLN A 55 -9.17 4.17 5.67
N LEU A 56 -8.13 3.35 5.51
CA LEU A 56 -6.82 3.87 5.21
C LEU A 56 -6.83 4.57 3.84
N LEU A 57 -7.57 4.07 2.85
CA LEU A 57 -7.59 4.71 1.54
C LEU A 57 -8.17 6.11 1.60
N GLN A 58 -9.25 6.33 2.37
CA GLN A 58 -9.78 7.69 2.47
C GLN A 58 -8.74 8.55 3.19
N VAL A 59 -8.12 7.99 4.24
CA VAL A 59 -7.10 8.68 5.03
C VAL A 59 -5.91 9.10 4.17
N LEU A 60 -5.55 8.27 3.18
CA LEU A 60 -4.42 8.53 2.30
C LEU A 60 -4.83 9.55 1.25
N GLN A 61 -6.08 9.52 0.78
CA GLN A 61 -6.56 10.43 -0.25
C GLN A 61 -6.73 11.83 0.33
N GLN A 62 -7.14 11.87 1.60
CA GLN A 62 -7.42 13.06 2.38
C GLN A 62 -6.12 13.80 2.72
N THR A 63 -5.04 13.08 3.02
CA THR A 63 -3.78 13.74 3.36
C THR A 63 -3.06 14.21 2.09
N LEU A 64 -3.14 13.45 1.00
CA LEU A 64 -2.51 13.85 -0.27
C LEU A 64 -3.00 13.00 -1.45
N PRO A 65 -3.04 13.52 -2.68
CA PRO A 65 -3.45 12.74 -3.86
C PRO A 65 -2.40 11.65 -4.10
N PRO A 66 -2.73 10.36 -4.00
CA PRO A 66 -1.77 9.27 -4.13
C PRO A 66 -1.64 8.73 -5.56
N PRO A 67 -0.53 9.00 -6.28
CA PRO A 67 -0.34 8.47 -7.62
C PRO A 67 0.03 6.98 -7.56
N VAL A 68 0.79 6.60 -6.53
CA VAL A 68 1.26 5.25 -6.26
C VAL A 68 0.07 4.32 -6.09
N PHE A 69 -0.92 4.76 -5.30
CA PHE A 69 -2.16 4.03 -5.06
C PHE A 69 -2.72 3.46 -6.36
N GLN A 70 -2.71 4.25 -7.44
CA GLN A 70 -3.24 3.83 -8.73
C GLN A 70 -2.47 2.61 -9.28
N MET A 71 -1.16 2.57 -9.01
CA MET A 71 -0.27 1.50 -9.42
C MET A 71 -0.45 0.32 -8.47
N LEU A 72 -0.77 0.57 -7.21
CA LEU A 72 -1.06 -0.49 -6.25
C LEU A 72 -2.27 -1.24 -6.78
N LEU A 73 -3.26 -0.50 -7.28
CA LEU A 73 -4.45 -1.13 -7.84
C LEU A 73 -4.15 -1.89 -9.13
N THR A 74 -3.21 -1.38 -9.94
CA THR A 74 -2.87 -2.01 -11.21
C THR A 74 -1.94 -3.22 -10.98
N LYS A 75 -1.20 -3.24 -9.88
CA LYS A 75 -0.32 -4.35 -9.54
C LYS A 75 -1.10 -5.64 -9.27
N LEU A 76 -2.42 -5.54 -9.06
CA LEU A 76 -3.30 -6.66 -8.76
C LEU A 76 -3.69 -7.49 -10.00
N PRO A 77 -4.56 -7.01 -10.91
CA PRO A 77 -5.00 -7.75 -12.08
C PRO A 77 -3.97 -7.77 -13.22
N THR A 78 -2.94 -8.55 -12.98
CA THR A 78 -1.83 -8.77 -13.89
C THR A 78 -2.34 -9.47 -15.14
N ILE A 79 -3.09 -10.54 -14.88
CA ILE A 79 -3.69 -11.37 -15.91
C ILE A 79 -4.49 -10.55 -16.91
N SER A 80 -5.45 -9.78 -16.40
CA SER A 80 -6.32 -8.92 -17.19
C SER A 80 -5.49 -8.06 -18.13
N GLN A 81 -4.49 -7.37 -17.58
CA GLN A 81 -3.61 -6.52 -18.36
C GLN A 81 -2.92 -7.31 -19.47
N ARG A 82 -2.47 -8.52 -19.16
CA ARG A 82 -1.80 -9.36 -20.14
C ARG A 82 -2.71 -9.72 -21.33
N ILE A 83 -4.02 -9.84 -21.10
CA ILE A 83 -4.97 -10.18 -22.16
C ILE A 83 -5.06 -8.98 -23.10
N VAL A 84 -5.25 -7.80 -22.51
CA VAL A 84 -5.35 -6.56 -23.28
C VAL A 84 -4.10 -6.37 -24.11
N SER A 85 -2.92 -6.61 -23.50
CA SER A 85 -1.63 -6.53 -24.16
C SER A 85 -1.36 -7.78 -25.01
N ALA A 86 -2.40 -8.26 -25.70
CA ALA A 86 -2.41 -9.41 -26.59
C ALA A 86 -3.77 -9.46 -27.31
N GLN A 87 -4.31 -8.28 -27.66
CA GLN A 87 -5.60 -8.13 -28.33
C GLN A 87 -5.50 -8.57 -29.80
N SER A 88 -5.36 -9.88 -30.03
CA SER A 88 -5.24 -10.57 -31.33
C SER A 88 -4.50 -11.89 -31.11
N LEU A 89 -3.39 -11.84 -30.37
CA LEU A 89 -2.55 -12.98 -30.06
C LEU A 89 -2.82 -13.46 -28.65
N GLY A 90 -4.10 -13.47 -28.27
CA GLY A 90 -4.58 -13.89 -26.95
C GLY A 90 -5.65 -14.98 -27.09
N GLU A 91 -5.35 -16.01 -27.89
CA GLU A 91 -6.22 -17.15 -28.14
C GLU A 91 -5.33 -18.30 -28.63
N ASP A 92 -5.71 -19.56 -28.38
CA ASP A 92 -4.96 -20.74 -28.80
C ASP A 92 -5.66 -21.36 -30.02
N ASP A 93 -4.89 -21.88 -30.98
CA ASP A 93 -5.39 -22.51 -32.20
C ASP A 93 -4.23 -23.27 -32.85
N VAL A 94 -4.53 -24.20 -33.76
CA VAL A 94 -3.55 -25.00 -34.48
C VAL A 94 -4.06 -25.22 -35.89
N GLU A 95 -3.34 -24.69 -36.88
CA GLU A 95 -3.68 -24.82 -38.30
C GLU A 95 -3.26 -26.19 -38.83
N GLY B 1 2.21 18.39 1.09
CA GLY B 1 3.43 17.98 0.38
C GLY B 1 3.56 16.45 0.38
N PRO B 2 4.60 15.91 -0.28
CA PRO B 2 4.84 14.48 -0.37
C PRO B 2 5.39 13.94 0.97
N ARG B 3 4.53 13.88 1.99
CA ARG B 3 4.88 13.39 3.31
C ARG B 3 3.64 12.77 3.96
N LEU B 4 3.78 11.54 4.45
CA LEU B 4 2.74 10.79 5.14
C LEU B 4 2.81 11.18 6.63
N SER B 5 2.29 10.34 7.53
CA SER B 5 2.30 10.54 8.98
C SER B 5 1.87 11.95 9.39
N ARG B 6 0.64 12.28 9.00
CA ARG B 6 -0.06 13.52 9.30
C ARG B 6 -1.36 13.10 9.97
N LEU B 7 -2.09 12.21 9.29
CA LEU B 7 -3.32 11.62 9.77
C LEU B 7 -3.01 10.68 10.93
N LEU B 8 -1.97 9.85 10.80
CA LEU B 8 -1.56 8.90 11.84
C LEU B 8 -1.17 9.73 13.06
N SER B 9 -1.40 9.16 14.24
CA SER B 9 -1.28 9.73 15.59
C SER B 9 -2.72 9.87 16.09
N TYR B 10 -3.67 10.03 15.16
CA TYR B 10 -5.11 10.06 15.39
C TYR B 10 -5.60 8.71 15.94
N ALA B 11 -4.72 7.70 15.92
CA ALA B 11 -4.90 6.33 16.32
C ALA B 11 -3.50 5.82 16.71
N ARG A 1 12.79 -5.72 30.99
CA ARG A 1 13.33 -6.41 29.80
C ARG A 1 13.17 -5.54 28.55
N ALA A 2 13.73 -5.98 27.41
CA ALA A 2 13.67 -5.27 26.12
C ALA A 2 13.11 -6.21 25.04
N GLY A 3 13.03 -5.73 23.79
CA GLY A 3 12.56 -6.51 22.65
C GLY A 3 11.15 -6.11 22.20
N LEU A 4 11.04 -5.45 21.04
CA LEU A 4 9.77 -5.04 20.44
C LEU A 4 9.97 -5.06 18.92
N SER A 5 10.39 -6.23 18.44
CA SER A 5 10.66 -6.54 17.05
C SER A 5 9.42 -6.40 16.18
N LYS A 6 9.62 -6.25 14.87
CA LYS A 6 8.55 -6.13 13.89
C LYS A 6 7.71 -7.43 13.92
N LEU A 7 6.37 -7.33 13.89
CA LEU A 7 5.45 -8.47 13.94
C LEU A 7 5.84 -9.45 15.04
N PRO A 8 5.72 -9.02 16.31
CA PRO A 8 6.10 -9.83 17.46
C PRO A 8 5.08 -10.93 17.75
N ASP A 9 3.80 -10.56 17.91
CA ASP A 9 2.72 -11.48 18.24
C ASP A 9 1.39 -11.05 17.61
N LEU A 10 1.12 -9.74 17.59
CA LEU A 10 -0.07 -9.08 17.03
C LEU A 10 -1.24 -8.93 17.99
N LYS A 11 -1.25 -9.70 19.07
CA LYS A 11 -2.28 -9.56 20.09
C LYS A 11 -2.24 -8.14 20.65
N ASP A 12 -1.04 -7.58 20.77
CA ASP A 12 -0.85 -6.21 21.24
C ASP A 12 -1.12 -5.28 20.07
N ALA A 13 -1.84 -4.19 20.36
CA ALA A 13 -2.24 -3.19 19.38
C ALA A 13 -1.12 -2.19 19.13
N GLU A 14 -0.46 -1.76 20.20
CA GLU A 14 0.63 -0.80 20.13
C GLU A 14 1.75 -1.29 19.20
N ALA A 15 2.06 -2.59 19.24
CA ALA A 15 3.11 -3.20 18.41
C ALA A 15 2.69 -3.17 16.94
N VAL A 16 1.40 -3.40 16.72
CA VAL A 16 0.81 -3.42 15.39
C VAL A 16 0.82 -1.99 14.87
N GLN A 17 0.56 -1.01 15.74
CA GLN A 17 0.58 0.38 15.33
C GLN A 17 2.01 0.80 15.01
N LYS A 18 2.97 0.38 15.85
CA LYS A 18 4.37 0.73 15.65
C LYS A 18 4.82 0.27 14.27
N PHE A 19 4.69 -1.04 14.02
CA PHE A 19 5.08 -1.63 12.74
C PHE A 19 4.27 -1.05 11.57
N PHE A 20 2.94 -0.94 11.73
CA PHE A 20 2.05 -0.45 10.68
C PHE A 20 2.55 0.91 10.19
N LEU A 21 2.81 1.83 11.14
CA LEU A 21 3.34 3.13 10.83
C LEU A 21 4.76 3.05 10.30
N GLU A 22 5.58 2.13 10.81
CA GLU A 22 6.94 2.00 10.28
C GLU A 22 6.85 1.66 8.78
N GLU A 23 5.80 0.94 8.37
CA GLU A 23 5.58 0.51 7.00
C GLU A 23 4.98 1.64 6.17
N ILE A 24 3.99 2.36 6.70
CA ILE A 24 3.39 3.53 6.04
C ILE A 24 4.54 4.50 5.69
N GLN A 25 5.39 4.78 6.70
CA GLN A 25 6.53 5.69 6.58
C GLN A 25 7.61 5.13 5.65
N LEU A 26 8.04 3.90 5.90
CA LEU A 26 9.06 3.21 5.10
C LEU A 26 8.66 3.25 3.63
N GLY A 27 7.39 2.94 3.33
CA GLY A 27 6.88 2.97 1.97
C GLY A 27 7.01 4.37 1.41
N GLU A 28 6.23 5.35 1.88
CA GLU A 28 6.38 6.70 1.32
C GLU A 28 7.84 7.19 1.21
N GLU A 29 8.72 6.81 2.14
CA GLU A 29 10.13 7.20 2.13
C GLU A 29 10.84 6.49 0.97
N LEU A 30 10.56 5.20 0.74
CA LEU A 30 11.15 4.49 -0.38
C LEU A 30 10.64 5.14 -1.67
N LEU A 31 9.37 5.54 -1.70
CA LEU A 31 8.80 6.23 -2.86
C LEU A 31 9.48 7.58 -3.03
N ALA A 32 9.84 8.19 -1.91
CA ALA A 32 10.60 9.44 -1.90
C ALA A 32 11.93 9.23 -2.63
N GLN A 33 12.40 7.98 -2.73
CA GLN A 33 13.60 7.58 -3.45
C GLN A 33 13.20 7.23 -4.88
N GLY A 34 12.00 6.64 -5.03
CA GLY A 34 11.37 6.26 -6.28
C GLY A 34 10.90 4.81 -6.33
N ASP A 35 10.93 4.06 -5.22
CA ASP A 35 10.55 2.63 -5.26
C ASP A 35 9.05 2.36 -5.09
N TYR A 36 8.24 2.87 -6.03
CA TYR A 36 6.79 2.71 -6.11
C TYR A 36 6.36 1.26 -5.96
N GLU A 37 7.10 0.35 -6.61
CA GLU A 37 6.83 -1.07 -6.56
C GLU A 37 6.87 -1.55 -5.12
N LYS A 38 7.90 -1.12 -4.38
CA LYS A 38 8.00 -1.47 -2.98
C LYS A 38 6.88 -0.81 -2.19
N GLY A 39 6.44 0.39 -2.58
CA GLY A 39 5.32 1.03 -1.91
C GLY A 39 4.07 0.20 -2.09
N VAL A 40 3.85 -0.42 -3.25
CA VAL A 40 2.67 -1.23 -3.45
C VAL A 40 2.69 -2.41 -2.47
N ASP A 41 3.83 -3.10 -2.40
CA ASP A 41 4.04 -4.26 -1.54
C ASP A 41 3.85 -3.89 -0.06
N HIS A 42 4.59 -2.88 0.38
CA HIS A 42 4.58 -2.42 1.75
C HIS A 42 3.23 -1.85 2.12
N LEU A 43 2.56 -1.17 1.19
CA LEU A 43 1.25 -0.65 1.52
C LEU A 43 0.35 -1.87 1.69
N THR A 44 0.42 -2.84 0.76
CA THR A 44 -0.40 -4.05 0.86
C THR A 44 -0.22 -4.72 2.23
N ASN A 45 1.02 -4.71 2.72
CA ASN A 45 1.36 -5.29 4.02
C ASN A 45 0.73 -4.46 5.14
N ALA A 46 0.77 -3.12 4.99
CA ALA A 46 0.18 -2.22 5.97
C ALA A 46 -1.31 -2.60 6.12
N ILE A 47 -2.01 -2.86 4.99
CA ILE A 47 -3.39 -3.31 5.00
C ILE A 47 -3.53 -4.66 5.71
N ALA A 48 -2.56 -5.55 5.50
CA ALA A 48 -2.57 -6.89 6.04
C ALA A 48 -2.61 -6.87 7.56
N VAL A 49 -1.97 -5.86 8.15
CA VAL A 49 -1.92 -5.72 9.58
C VAL A 49 -2.95 -4.72 10.10
N CYS A 50 -3.54 -3.90 9.23
CA CYS A 50 -4.52 -2.91 9.67
C CYS A 50 -5.92 -3.50 9.63
N GLY A 51 -6.29 -4.19 8.55
CA GLY A 51 -7.58 -4.85 8.41
C GLY A 51 -8.70 -3.93 7.91
N GLN A 52 -8.44 -2.62 7.84
CA GLN A 52 -9.37 -1.61 7.37
C GLN A 52 -8.76 -0.93 6.14
N PRO A 53 -8.59 -1.66 5.02
CA PRO A 53 -7.99 -1.11 3.81
C PRO A 53 -8.66 0.17 3.37
N GLN A 54 -9.97 0.13 3.18
CA GLN A 54 -10.78 1.23 2.69
C GLN A 54 -10.59 2.49 3.54
N GLN A 55 -10.62 2.34 4.87
CA GLN A 55 -10.42 3.50 5.74
C GLN A 55 -9.04 4.09 5.48
N LEU A 56 -8.03 3.23 5.33
CA LEU A 56 -6.68 3.67 5.05
C LEU A 56 -6.60 4.30 3.66
N LEU A 57 -7.25 3.75 2.64
CA LEU A 57 -7.20 4.33 1.30
C LEU A 57 -7.82 5.73 1.33
N GLN A 58 -8.87 5.91 2.14
CA GLN A 58 -9.49 7.22 2.32
C GLN A 58 -8.46 8.14 2.96
N VAL A 59 -7.80 7.66 4.03
CA VAL A 59 -6.79 8.42 4.76
C VAL A 59 -5.60 8.81 3.87
N LEU A 60 -5.25 7.95 2.92
CA LEU A 60 -4.16 8.20 1.98
C LEU A 60 -4.62 9.16 0.88
N GLN A 61 -5.91 9.15 0.51
CA GLN A 61 -6.43 10.05 -0.52
C GLN A 61 -6.63 11.45 0.06
N GLN A 62 -7.00 11.50 1.33
CA GLN A 62 -7.30 12.69 2.11
C GLN A 62 -6.04 13.43 2.52
N THR A 63 -4.95 12.71 2.80
CA THR A 63 -3.71 13.34 3.23
C THR A 63 -2.93 13.90 2.04
N LEU A 64 -2.99 13.24 0.87
CA LEU A 64 -2.32 13.72 -0.35
C LEU A 64 -2.80 12.93 -1.58
N PRO A 65 -2.74 13.50 -2.81
CA PRO A 65 -3.12 12.77 -4.02
C PRO A 65 -2.10 11.64 -4.22
N PRO A 66 -2.50 10.35 -4.12
CA PRO A 66 -1.59 9.21 -4.21
C PRO A 66 -1.53 8.59 -5.62
N PRO A 67 -0.50 8.85 -6.43
CA PRO A 67 -0.37 8.25 -7.74
C PRO A 67 -0.02 6.76 -7.59
N VAL A 68 0.78 6.42 -6.57
CA VAL A 68 1.22 5.07 -6.27
C VAL A 68 0.02 4.17 -6.08
N PHE A 69 -0.94 4.62 -5.28
CA PHE A 69 -2.20 3.93 -5.02
C PHE A 69 -2.80 3.40 -6.33
N GLN A 70 -2.80 4.23 -7.38
CA GLN A 70 -3.35 3.85 -8.68
C GLN A 70 -2.60 2.66 -9.30
N MET A 71 -1.31 2.54 -9.01
CA MET A 71 -0.44 1.48 -9.47
C MET A 71 -0.62 0.28 -8.55
N LEU A 72 -0.90 0.50 -7.26
CA LEU A 72 -1.17 -0.56 -6.31
C LEU A 72 -2.37 -1.33 -6.83
N LEU A 73 -3.40 -0.59 -7.25
CA LEU A 73 -4.62 -1.17 -7.79
C LEU A 73 -4.43 -1.87 -9.11
N THR A 74 -3.35 -1.53 -9.84
CA THR A 74 -3.05 -2.12 -11.13
C THR A 74 -2.12 -3.31 -10.95
N LYS A 75 -1.43 -3.38 -9.81
CA LYS A 75 -0.55 -4.49 -9.51
C LYS A 75 -1.33 -5.74 -9.07
N LEU A 76 -2.49 -5.55 -8.41
CA LEU A 76 -3.31 -6.63 -7.88
C LEU A 76 -3.94 -7.57 -8.93
N PRO A 77 -4.63 -7.08 -9.97
CA PRO A 77 -5.26 -7.90 -10.98
C PRO A 77 -4.27 -8.31 -12.07
N THR A 78 -3.99 -9.61 -12.14
CA THR A 78 -3.07 -10.23 -13.08
C THR A 78 -3.83 -11.26 -13.93
N ILE A 79 -4.61 -12.13 -13.28
CA ILE A 79 -5.36 -13.18 -13.95
C ILE A 79 -6.44 -12.55 -14.82
N SER A 80 -7.25 -11.71 -14.20
CA SER A 80 -8.34 -11.00 -14.87
C SER A 80 -7.80 -10.28 -16.10
N GLN A 81 -6.73 -9.50 -15.89
CA GLN A 81 -6.03 -8.77 -16.94
C GLN A 81 -5.66 -9.70 -18.08
N ARG A 82 -5.13 -10.88 -17.74
CA ARG A 82 -4.72 -11.88 -18.72
C ARG A 82 -5.90 -12.43 -19.53
N ILE A 83 -7.06 -12.72 -18.90
CA ILE A 83 -8.20 -13.26 -19.64
C ILE A 83 -8.61 -12.24 -20.69
N VAL A 84 -8.78 -10.99 -20.26
CA VAL A 84 -9.16 -9.89 -21.15
C VAL A 84 -8.22 -9.80 -22.34
N SER A 85 -6.91 -10.01 -22.09
CA SER A 85 -5.87 -9.99 -23.11
C SER A 85 -5.89 -11.26 -23.97
N ALA A 86 -7.07 -11.71 -24.39
CA ALA A 86 -7.31 -12.88 -25.21
C ALA A 86 -8.79 -12.97 -25.54
N GLN A 87 -9.65 -12.75 -24.53
CA GLN A 87 -11.10 -12.74 -24.61
C GLN A 87 -11.49 -11.40 -25.24
N SER A 88 -11.05 -11.22 -26.48
CA SER A 88 -11.19 -10.04 -27.32
C SER A 88 -10.54 -10.35 -28.67
N LEU A 89 -9.36 -10.98 -28.64
CA LEU A 89 -8.59 -11.38 -29.80
C LEU A 89 -8.73 -12.89 -30.05
N GLY A 90 -9.94 -13.41 -29.85
CA GLY A 90 -10.24 -14.83 -30.03
C GLY A 90 -11.74 -15.04 -30.16
N GLU A 91 -12.13 -16.22 -30.66
CA GLU A 91 -13.51 -16.63 -30.84
C GLU A 91 -14.01 -17.23 -29.52
N ASP A 92 -15.33 -17.20 -29.26
CA ASP A 92 -15.94 -17.72 -28.05
C ASP A 92 -17.19 -18.53 -28.43
N ASP A 93 -17.47 -19.65 -27.77
CA ASP A 93 -18.61 -20.51 -28.08
C ASP A 93 -19.87 -20.05 -27.34
N VAL A 94 -21.06 -20.39 -27.88
CA VAL A 94 -22.35 -20.07 -27.30
C VAL A 94 -23.28 -21.25 -27.59
N GLU A 95 -24.18 -21.56 -26.64
CA GLU A 95 -25.15 -22.64 -26.72
C GLU A 95 -26.52 -21.99 -26.96
N GLY B 1 4.09 10.80 0.89
CA GLY B 1 4.63 12.18 0.88
C GLY B 1 5.98 12.20 1.61
N PRO B 2 6.39 13.37 2.13
CA PRO B 2 7.64 13.49 2.88
C PRO B 2 7.45 12.84 4.26
N ARG B 3 6.22 12.90 4.79
CA ARG B 3 5.81 12.32 6.06
C ARG B 3 4.29 12.42 6.18
N LEU B 4 3.56 11.61 5.41
CA LEU B 4 2.10 11.57 5.43
C LEU B 4 1.59 11.11 6.80
N SER B 5 2.47 10.51 7.62
CA SER B 5 2.17 10.01 8.95
C SER B 5 1.46 10.99 9.88
N ARG B 6 1.39 12.29 9.54
CA ARG B 6 0.68 13.30 10.31
C ARG B 6 -0.73 12.77 10.67
N LEU B 7 -1.43 12.18 9.69
CA LEU B 7 -2.75 11.62 9.89
C LEU B 7 -2.76 10.59 10.99
N LEU B 8 -1.77 9.68 11.05
CA LEU B 8 -1.76 8.60 12.03
C LEU B 8 -1.73 9.10 13.47
N SER B 9 -1.46 10.39 13.71
CA SER B 9 -1.50 10.98 15.04
C SER B 9 -2.96 10.97 15.56
N TYR B 10 -3.94 10.80 14.66
CA TYR B 10 -5.36 10.75 14.93
C TYR B 10 -5.83 9.50 15.68
N ALA B 11 -4.94 8.56 15.97
CA ALA B 11 -5.28 7.30 16.61
C ALA B 11 -4.08 6.74 17.37
N ARG A 1 18.97 -17.41 25.42
CA ARG A 1 18.62 -16.08 25.93
C ARG A 1 18.59 -15.10 24.74
N ALA A 2 17.41 -14.94 24.13
CA ALA A 2 17.19 -14.06 22.99
C ALA A 2 15.69 -13.89 22.81
N GLY A 3 15.26 -12.90 22.01
CA GLY A 3 13.85 -12.64 21.77
C GLY A 3 13.66 -11.25 21.20
N LEU A 4 13.89 -11.10 19.88
CA LEU A 4 13.77 -9.83 19.17
C LEU A 4 13.41 -10.16 17.72
N SER A 5 12.42 -9.45 17.16
CA SER A 5 11.92 -9.60 15.82
C SER A 5 10.79 -8.58 15.59
N LYS A 6 10.41 -8.37 14.33
CA LYS A 6 9.33 -7.49 13.93
C LYS A 6 8.06 -8.34 13.83
N LEU A 7 6.86 -7.74 13.96
CA LEU A 7 5.58 -8.44 13.89
C LEU A 7 5.47 -9.56 14.92
N PRO A 8 5.03 -9.24 16.16
CA PRO A 8 4.86 -10.22 17.22
C PRO A 8 3.55 -10.97 17.00
N ASP A 9 2.89 -11.44 18.07
CA ASP A 9 1.63 -12.17 17.98
C ASP A 9 0.48 -11.35 17.37
N LEU A 10 0.66 -10.02 17.27
CA LEU A 10 -0.29 -9.03 16.73
C LEU A 10 -1.45 -8.71 17.67
N LYS A 11 -1.57 -9.49 18.73
CA LYS A 11 -2.55 -9.30 19.79
C LYS A 11 -2.29 -7.91 20.39
N ASP A 12 -1.00 -7.51 20.43
CA ASP A 12 -0.56 -6.22 20.91
C ASP A 12 -0.81 -5.23 19.79
N ALA A 13 -1.41 -4.09 20.15
CA ALA A 13 -1.79 -3.04 19.23
C ALA A 13 -0.68 -2.02 19.05
N GLU A 14 -0.01 -1.64 20.14
CA GLU A 14 1.08 -0.68 20.11
C GLU A 14 2.17 -1.12 19.14
N ALA A 15 2.57 -2.39 19.22
CA ALA A 15 3.61 -2.99 18.38
C ALA A 15 3.21 -2.96 16.91
N VAL A 16 1.91 -3.06 16.67
CA VAL A 16 1.32 -3.09 15.35
C VAL A 16 1.14 -1.65 14.88
N GLN A 17 0.91 -0.70 15.78
CA GLN A 17 0.77 0.69 15.39
C GLN A 17 2.14 1.18 14.95
N LYS A 18 3.16 0.89 15.76
CA LYS A 18 4.52 1.31 15.46
C LYS A 18 4.97 0.68 14.15
N PHE A 19 4.74 -0.62 13.95
CA PHE A 19 5.10 -1.30 12.71
C PHE A 19 4.30 -0.75 11.52
N PHE A 20 2.98 -0.59 11.69
CA PHE A 20 2.07 -0.12 10.66
C PHE A 20 2.59 1.22 10.13
N LEU A 21 2.91 2.12 11.05
CA LEU A 21 3.49 3.42 10.74
C LEU A 21 4.88 3.28 10.17
N GLU A 22 5.71 2.38 10.70
CA GLU A 22 7.05 2.17 10.16
C GLU A 22 6.94 1.86 8.66
N GLU A 23 5.91 1.10 8.27
CA GLU A 23 5.68 0.68 6.89
C GLU A 23 5.07 1.81 6.06
N ILE A 24 4.07 2.51 6.62
CA ILE A 24 3.44 3.66 5.97
C ILE A 24 4.55 4.68 5.61
N GLN A 25 5.45 4.95 6.56
CA GLN A 25 6.54 5.90 6.38
C GLN A 25 7.67 5.34 5.52
N LEU A 26 8.07 4.09 5.76
CA LEU A 26 9.11 3.41 4.98
C LEU A 26 8.72 3.43 3.51
N GLY A 27 7.45 3.14 3.22
CA GLY A 27 6.90 3.18 1.87
C GLY A 27 7.07 4.59 1.36
N GLU A 28 6.38 5.58 1.98
CA GLU A 28 6.52 6.97 1.57
C GLU A 28 7.97 7.36 1.20
N GLU A 29 8.93 7.02 2.06
CA GLU A 29 10.36 7.31 1.84
C GLU A 29 10.90 6.57 0.63
N LEU A 30 10.67 5.25 0.52
CA LEU A 30 11.17 4.51 -0.64
C LEU A 30 10.61 5.13 -1.91
N LEU A 31 9.35 5.56 -1.89
CA LEU A 31 8.73 6.21 -3.05
C LEU A 31 9.41 7.54 -3.29
N ALA A 32 9.77 8.23 -2.20
CA ALA A 32 10.53 9.46 -2.27
C ALA A 32 11.89 9.21 -2.95
N GLN A 33 12.33 7.94 -3.02
CA GLN A 33 13.56 7.50 -3.68
C GLN A 33 13.22 7.07 -5.11
N GLY A 34 12.02 6.49 -5.29
CA GLY A 34 11.47 6.05 -6.56
C GLY A 34 11.01 4.59 -6.56
N ASP A 35 10.93 3.90 -5.41
CA ASP A 35 10.53 2.48 -5.39
C ASP A 35 9.04 2.24 -5.14
N TYR A 36 8.20 2.76 -6.03
CA TYR A 36 6.75 2.61 -6.06
C TYR A 36 6.33 1.15 -5.93
N GLU A 37 7.08 0.25 -6.53
CA GLU A 37 6.81 -1.18 -6.47
C GLU A 37 6.85 -1.66 -5.03
N LYS A 38 7.86 -1.21 -4.29
CA LYS A 38 7.98 -1.54 -2.88
C LYS A 38 6.85 -0.90 -2.11
N GLY A 39 6.45 0.33 -2.49
CA GLY A 39 5.34 0.99 -1.84
C GLY A 39 4.08 0.17 -1.98
N VAL A 40 3.85 -0.48 -3.13
CA VAL A 40 2.65 -1.28 -3.32
C VAL A 40 2.65 -2.45 -2.33
N ASP A 41 3.77 -3.16 -2.24
CA ASP A 41 3.92 -4.33 -1.36
C ASP A 41 3.78 -3.93 0.11
N HIS A 42 4.56 -2.94 0.51
CA HIS A 42 4.60 -2.43 1.87
C HIS A 42 3.24 -1.85 2.25
N LEU A 43 2.59 -1.14 1.32
CA LEU A 43 1.28 -0.61 1.68
C LEU A 43 0.35 -1.80 1.83
N THR A 44 0.40 -2.78 0.92
CA THR A 44 -0.43 -3.97 1.03
C THR A 44 -0.27 -4.63 2.42
N ASN A 45 0.98 -4.61 2.91
CA ASN A 45 1.31 -5.17 4.21
C ASN A 45 0.70 -4.30 5.33
N ALA A 46 0.76 -2.98 5.16
CA ALA A 46 0.16 -2.06 6.11
C ALA A 46 -1.32 -2.43 6.26
N ILE A 47 -2.01 -2.72 5.15
CA ILE A 47 -3.40 -3.18 5.17
C ILE A 47 -3.54 -4.53 5.86
N ALA A 48 -2.55 -5.41 5.68
CA ALA A 48 -2.58 -6.76 6.24
C ALA A 48 -2.58 -6.73 7.76
N VAL A 49 -1.98 -5.69 8.33
CA VAL A 49 -1.94 -5.56 9.77
C VAL A 49 -3.02 -4.61 10.28
N CYS A 50 -3.56 -3.74 9.41
CA CYS A 50 -4.61 -2.83 9.83
C CYS A 50 -5.97 -3.53 9.80
N GLY A 51 -6.29 -4.20 8.68
CA GLY A 51 -7.55 -4.91 8.52
C GLY A 51 -8.71 -3.95 8.24
N GLN A 52 -8.40 -2.80 7.64
CA GLN A 52 -9.34 -1.76 7.26
C GLN A 52 -8.75 -1.08 6.03
N PRO A 53 -8.63 -1.80 4.89
CA PRO A 53 -8.06 -1.24 3.68
C PRO A 53 -8.69 0.08 3.30
N GLN A 54 -10.01 0.09 3.14
CA GLN A 54 -10.80 1.22 2.70
C GLN A 54 -10.57 2.47 3.55
N GLN A 55 -10.64 2.33 4.88
CA GLN A 55 -10.41 3.46 5.76
C GLN A 55 -9.04 4.05 5.47
N LEU A 56 -8.03 3.17 5.39
CA LEU A 56 -6.68 3.60 5.11
C LEU A 56 -6.59 4.24 3.72
N LEU A 57 -7.22 3.67 2.68
CA LEU A 57 -7.14 4.27 1.35
C LEU A 57 -7.75 5.67 1.37
N GLN A 58 -8.81 5.87 2.17
CA GLN A 58 -9.43 7.17 2.31
C GLN A 58 -8.43 8.11 2.99
N VAL A 59 -7.79 7.63 4.06
CA VAL A 59 -6.80 8.37 4.84
C VAL A 59 -5.61 8.78 3.98
N LEU A 60 -5.22 7.92 3.02
CA LEU A 60 -4.09 8.17 2.13
C LEU A 60 -4.53 9.14 1.03
N GLN A 61 -5.81 9.10 0.61
CA GLN A 61 -6.31 9.98 -0.44
C GLN A 61 -6.60 11.38 0.12
N GLN A 62 -6.70 11.49 1.45
CA GLN A 62 -7.00 12.70 2.19
C GLN A 62 -5.73 13.47 2.56
N THR A 63 -4.62 12.79 2.87
CA THR A 63 -3.40 13.49 3.25
C THR A 63 -2.67 14.03 2.02
N LEU A 64 -2.61 13.27 0.92
CA LEU A 64 -1.97 13.71 -0.31
C LEU A 64 -2.41 12.84 -1.49
N PRO A 65 -2.47 13.35 -2.73
CA PRO A 65 -2.86 12.57 -3.90
C PRO A 65 -1.82 11.46 -4.10
N PRO A 66 -2.18 10.18 -3.91
CA PRO A 66 -1.26 9.05 -4.00
C PRO A 66 -1.32 8.37 -5.38
N PRO A 67 -0.42 8.69 -6.33
CA PRO A 67 -0.40 8.05 -7.65
C PRO A 67 -0.03 6.57 -7.49
N VAL A 68 0.83 6.27 -6.52
CA VAL A 68 1.28 4.91 -6.23
C VAL A 68 0.09 4.01 -5.93
N PHE A 69 -0.82 4.47 -5.07
CA PHE A 69 -2.05 3.76 -4.72
C PHE A 69 -2.74 3.26 -5.98
N GLN A 70 -2.82 4.12 -7.01
CA GLN A 70 -3.44 3.76 -8.28
C GLN A 70 -2.73 2.52 -8.84
N MET A 71 -1.40 2.54 -8.85
CA MET A 71 -0.57 1.45 -9.35
C MET A 71 -0.67 0.24 -8.41
N LEU A 72 -0.97 0.43 -7.12
CA LEU A 72 -1.22 -0.67 -6.23
C LEU A 72 -2.45 -1.38 -6.80
N LEU A 73 -3.39 -0.61 -7.36
CA LEU A 73 -4.57 -1.21 -7.98
C LEU A 73 -4.23 -1.94 -9.28
N THR A 74 -3.23 -1.46 -10.01
CA THR A 74 -2.79 -2.01 -11.27
C THR A 74 -1.97 -3.27 -11.05
N LYS A 75 -1.28 -3.33 -9.91
CA LYS A 75 -0.43 -4.46 -9.54
C LYS A 75 -1.24 -5.69 -9.14
N LEU A 76 -2.53 -5.53 -8.80
CA LEU A 76 -3.40 -6.63 -8.44
C LEU A 76 -3.62 -7.57 -9.64
N PRO A 77 -4.27 -7.13 -10.74
CA PRO A 77 -4.47 -7.96 -11.91
C PRO A 77 -3.17 -8.12 -12.69
N THR A 78 -3.20 -8.99 -13.71
CA THR A 78 -2.07 -9.29 -14.58
C THR A 78 -2.61 -9.85 -15.89
N ILE A 79 -3.52 -10.83 -15.79
CA ILE A 79 -4.12 -11.47 -16.95
C ILE A 79 -4.90 -10.42 -17.74
N SER A 80 -5.74 -9.67 -17.02
CA SER A 80 -6.56 -8.60 -17.58
C SER A 80 -5.70 -7.65 -18.41
N GLN A 81 -4.60 -7.19 -17.80
CA GLN A 81 -3.64 -6.30 -18.44
C GLN A 81 -3.13 -6.91 -19.75
N ARG A 82 -2.84 -8.21 -19.71
CA ARG A 82 -2.33 -8.93 -20.88
C ARG A 82 -3.35 -8.97 -22.02
N ILE A 83 -4.65 -9.17 -21.73
CA ILE A 83 -5.67 -9.22 -22.79
C ILE A 83 -5.69 -7.87 -23.50
N VAL A 84 -5.78 -6.80 -22.69
CA VAL A 84 -5.80 -5.43 -23.21
C VAL A 84 -4.58 -5.21 -24.10
N SER A 85 -3.40 -5.58 -23.59
CA SER A 85 -2.14 -5.50 -24.31
C SER A 85 -1.98 -6.64 -25.33
N ALA A 86 -3.07 -7.01 -25.98
CA ALA A 86 -3.19 -8.04 -27.01
C ALA A 86 -4.58 -7.95 -27.66
N GLN A 87 -5.07 -6.71 -27.87
CA GLN A 87 -6.37 -6.43 -28.45
C GLN A 87 -6.33 -6.63 -29.98
N SER A 88 -6.06 -7.89 -30.40
CA SER A 88 -5.96 -8.38 -31.77
C SER A 88 -5.46 -9.82 -31.70
N LEU A 89 -4.40 -10.05 -30.92
CA LEU A 89 -3.76 -11.34 -30.71
C LEU A 89 -4.18 -11.92 -29.36
N GLY A 90 -5.47 -11.74 -29.01
CA GLY A 90 -6.04 -12.21 -27.77
C GLY A 90 -6.31 -13.71 -27.83
N GLU A 91 -7.13 -14.12 -28.80
CA GLU A 91 -7.53 -15.49 -29.04
C GLU A 91 -6.90 -15.96 -30.36
N ASP A 92 -6.72 -17.28 -30.54
CA ASP A 92 -6.13 -17.89 -31.73
C ASP A 92 -7.13 -18.92 -32.29
N ASP A 93 -8.05 -18.49 -33.16
CA ASP A 93 -9.04 -19.37 -33.77
C ASP A 93 -8.37 -20.20 -34.87
N VAL A 94 -8.76 -21.48 -35.03
CA VAL A 94 -8.18 -22.37 -36.03
C VAL A 94 -9.28 -23.28 -36.58
N GLU A 95 -9.79 -24.19 -35.72
CA GLU A 95 -10.83 -25.15 -36.01
C GLU A 95 -10.52 -25.92 -37.30
N GLY B 1 -0.02 16.80 1.75
CA GLY B 1 0.15 17.19 3.15
C GLY B 1 1.63 17.45 3.44
N PRO B 2 1.96 18.01 4.62
CA PRO B 2 3.34 18.28 5.01
C PRO B 2 4.12 16.98 5.18
N ARG B 3 3.44 15.93 5.70
CA ARG B 3 4.00 14.61 5.93
C ARG B 3 2.82 13.64 5.96
N LEU B 4 2.93 12.50 5.28
CA LEU B 4 1.87 11.50 5.20
C LEU B 4 1.41 11.11 6.60
N SER B 5 2.35 10.75 7.49
CA SER B 5 2.06 10.33 8.85
C SER B 5 1.40 11.37 9.77
N ARG B 6 1.01 12.56 9.28
CA ARG B 6 0.33 13.54 10.11
C ARG B 6 -1.02 12.98 10.59
N LEU B 7 -1.68 12.16 9.75
CA LEU B 7 -2.95 11.52 10.04
C LEU B 7 -2.83 10.53 11.20
N LEU B 8 -1.85 9.62 11.15
CA LEU B 8 -1.66 8.60 12.19
C LEU B 8 -1.25 9.38 13.45
N SER B 9 -2.01 9.15 14.53
CA SER B 9 -2.00 9.78 15.85
C SER B 9 -3.49 9.90 16.21
N TYR B 10 -4.32 10.12 15.17
CA TYR B 10 -5.78 10.16 15.20
C TYR B 10 -6.41 8.85 15.70
N ALA B 11 -5.59 7.80 15.88
CA ALA B 11 -5.93 6.46 16.27
C ALA B 11 -4.72 5.89 17.01
N ARG A 1 18.59 -8.72 23.12
CA ARG A 1 18.71 -7.71 22.06
C ARG A 1 17.35 -7.04 21.83
N ALA A 2 17.36 -5.81 21.33
CA ALA A 2 16.16 -5.04 21.01
C ALA A 2 16.45 -4.23 19.75
N GLY A 3 17.09 -4.87 18.77
CA GLY A 3 17.46 -4.28 17.50
C GLY A 3 16.33 -4.44 16.50
N LEU A 4 15.20 -3.77 16.77
CA LEU A 4 14.00 -3.79 15.93
C LEU A 4 13.31 -5.16 15.99
N SER A 5 12.00 -5.21 15.69
CA SER A 5 11.20 -6.41 15.71
C SER A 5 9.85 -6.15 15.03
N LYS A 6 9.76 -6.45 13.73
CA LYS A 6 8.55 -6.29 12.95
C LYS A 6 7.57 -7.41 13.36
N LEU A 7 6.29 -7.10 13.66
CA LEU A 7 5.28 -8.08 14.06
C LEU A 7 5.80 -9.06 15.11
N PRO A 8 6.05 -8.58 16.34
CA PRO A 8 6.57 -9.41 17.43
C PRO A 8 5.48 -10.35 17.96
N ASP A 9 4.82 -9.99 19.07
CA ASP A 9 3.77 -10.80 19.68
C ASP A 9 2.48 -10.73 18.87
N LEU A 10 2.23 -9.60 18.19
CA LEU A 10 1.09 -9.32 17.32
C LEU A 10 -0.24 -9.14 18.06
N LYS A 11 -0.38 -9.70 19.27
CA LYS A 11 -1.59 -9.57 20.07
C LYS A 11 -1.85 -8.14 20.50
N ASP A 12 -0.79 -7.35 20.74
CA ASP A 12 -0.93 -5.98 21.21
C ASP A 12 -1.27 -5.05 20.04
N ALA A 13 -2.18 -4.11 20.31
CA ALA A 13 -2.66 -3.14 19.35
C ALA A 13 -1.59 -2.09 19.06
N GLU A 14 -0.95 -1.61 20.12
CA GLU A 14 0.11 -0.62 20.09
C GLU A 14 1.28 -1.10 19.24
N ALA A 15 1.64 -2.38 19.37
CA ALA A 15 2.73 -2.99 18.63
C ALA A 15 2.35 -3.13 17.16
N VAL A 16 1.07 -3.41 16.90
CA VAL A 16 0.55 -3.53 15.55
C VAL A 16 0.55 -2.15 14.93
N GLN A 17 0.19 -1.12 15.71
CA GLN A 17 0.18 0.24 15.23
C GLN A 17 1.59 0.67 14.90
N LYS A 18 2.56 0.31 15.74
CA LYS A 18 3.96 0.65 15.53
C LYS A 18 4.43 0.10 14.19
N PHE A 19 4.32 -1.22 13.99
CA PHE A 19 4.72 -1.87 12.75
C PHE A 19 3.93 -1.34 11.54
N PHE A 20 2.61 -1.20 11.69
CA PHE A 20 1.73 -0.73 10.61
C PHE A 20 2.27 0.61 10.09
N LEU A 21 2.51 1.54 11.03
CA LEU A 21 3.09 2.83 10.72
C LEU A 21 4.49 2.67 10.17
N GLU A 22 5.28 1.71 10.67
CA GLU A 22 6.62 1.49 10.14
C GLU A 22 6.55 1.23 8.64
N GLU A 23 5.52 0.52 8.16
CA GLU A 23 5.33 0.21 6.75
C GLU A 23 4.80 1.42 5.99
N ILE A 24 3.79 2.13 6.55
CA ILE A 24 3.26 3.36 5.94
C ILE A 24 4.47 4.31 5.69
N GLN A 25 5.31 4.45 6.72
CA GLN A 25 6.50 5.31 6.73
C GLN A 25 7.53 4.84 5.71
N LEU A 26 8.02 3.62 5.90
CA LEU A 26 9.04 2.94 5.08
C LEU A 26 8.67 3.06 3.60
N GLY A 27 7.45 2.66 3.23
CA GLY A 27 6.99 2.74 1.86
C GLY A 27 7.06 4.18 1.39
N GLU A 28 6.25 5.08 1.98
CA GLU A 28 6.28 6.48 1.56
C GLU A 28 7.69 7.09 1.46
N GLU A 29 8.63 6.66 2.30
CA GLU A 29 10.01 7.12 2.26
C GLU A 29 10.75 6.51 1.06
N LEU A 30 10.58 5.21 0.77
CA LEU A 30 11.23 4.62 -0.40
C LEU A 30 10.67 5.27 -1.66
N LEU A 31 9.37 5.58 -1.67
CA LEU A 31 8.73 6.27 -2.79
C LEU A 31 9.33 7.67 -2.90
N ALA A 32 9.70 8.26 -1.75
CA ALA A 32 10.38 9.53 -1.74
C ALA A 32 11.71 9.42 -2.51
N GLN A 33 12.24 8.20 -2.64
CA GLN A 33 13.45 7.90 -3.41
C GLN A 33 13.03 7.57 -4.84
N GLY A 34 11.87 6.93 -4.99
CA GLY A 34 11.23 6.55 -6.23
C GLY A 34 10.89 5.05 -6.32
N ASP A 35 10.95 4.28 -5.22
CA ASP A 35 10.68 2.84 -5.30
C ASP A 35 9.20 2.44 -5.18
N TYR A 36 8.36 3.04 -6.03
CA TYR A 36 6.91 2.84 -6.16
C TYR A 36 6.49 1.38 -6.08
N GLU A 37 7.26 0.50 -6.72
CA GLU A 37 6.99 -0.92 -6.74
C GLU A 37 7.06 -1.53 -5.35
N LYS A 38 7.99 -1.03 -4.53
CA LYS A 38 8.10 -1.47 -3.15
C LYS A 38 6.94 -0.89 -2.38
N GLY A 39 6.58 0.35 -2.68
CA GLY A 39 5.46 1.02 -2.03
C GLY A 39 4.20 0.21 -2.15
N VAL A 40 3.99 -0.44 -3.29
CA VAL A 40 2.80 -1.25 -3.47
C VAL A 40 2.79 -2.36 -2.42
N ASP A 41 3.91 -3.06 -2.26
CA ASP A 41 4.04 -4.16 -1.30
C ASP A 41 3.92 -3.67 0.13
N HIS A 42 4.67 -2.61 0.47
CA HIS A 42 4.66 -2.02 1.80
C HIS A 42 3.27 -1.53 2.16
N LEU A 43 2.55 -0.99 1.19
CA LEU A 43 1.19 -0.57 1.49
C LEU A 43 0.37 -1.84 1.68
N THR A 44 0.54 -2.83 0.77
CA THR A 44 -0.18 -4.09 0.86
C THR A 44 -0.03 -4.71 2.26
N ASN A 45 1.15 -4.56 2.84
CA ASN A 45 1.47 -5.06 4.18
C ASN A 45 0.63 -4.29 5.19
N ALA A 46 0.60 -2.95 5.06
CA ALA A 46 -0.18 -2.10 5.94
C ALA A 46 -1.63 -2.60 5.95
N ILE A 47 -2.21 -2.87 4.77
CA ILE A 47 -3.57 -3.41 4.65
C ILE A 47 -3.69 -4.79 5.29
N ALA A 48 -2.67 -5.63 5.12
CA ALA A 48 -2.66 -7.00 5.60
C ALA A 48 -2.76 -7.07 7.10
N VAL A 49 -2.20 -6.06 7.79
CA VAL A 49 -2.22 -6.00 9.22
C VAL A 49 -3.33 -5.07 9.73
N CYS A 50 -3.90 -4.23 8.85
CA CYS A 50 -4.98 -3.34 9.26
C CYS A 50 -6.33 -4.05 9.11
N GLY A 51 -6.60 -4.58 7.91
CA GLY A 51 -7.83 -5.30 7.62
C GLY A 51 -8.96 -4.38 7.13
N GLN A 52 -8.72 -3.06 7.15
CA GLN A 52 -9.65 -2.04 6.72
C GLN A 52 -8.94 -1.22 5.63
N PRO A 53 -8.68 -1.81 4.44
CA PRO A 53 -7.99 -1.11 3.36
C PRO A 53 -8.61 0.21 3.00
N GLN A 54 -9.92 0.19 2.72
CA GLN A 54 -10.69 1.35 2.28
C GLN A 54 -10.53 2.53 3.22
N GLN A 55 -10.65 2.31 4.54
CA GLN A 55 -10.46 3.39 5.50
C GLN A 55 -9.09 4.01 5.28
N LEU A 56 -8.07 3.17 5.15
CA LEU A 56 -6.73 3.64 4.92
C LEU A 56 -6.62 4.38 3.57
N LEU A 57 -7.25 3.88 2.51
CA LEU A 57 -7.17 4.56 1.21
C LEU A 57 -7.80 5.96 1.31
N GLN A 58 -8.89 6.10 2.06
CA GLN A 58 -9.52 7.39 2.28
C GLN A 58 -8.57 8.28 3.09
N VAL A 59 -7.96 7.71 4.14
CA VAL A 59 -7.04 8.42 5.02
C VAL A 59 -5.79 8.90 4.27
N LEU A 60 -5.38 8.16 3.23
CA LEU A 60 -4.22 8.53 2.43
C LEU A 60 -4.67 9.63 1.48
N GLN A 61 -5.89 9.53 0.94
CA GLN A 61 -6.43 10.53 0.03
C GLN A 61 -6.64 11.87 0.74
N GLN A 62 -6.86 11.85 2.06
CA GLN A 62 -7.10 13.04 2.85
C GLN A 62 -5.80 13.83 3.02
N THR A 63 -4.67 13.12 3.18
CA THR A 63 -3.38 13.78 3.36
C THR A 63 -2.80 14.24 2.04
N LEU A 64 -2.91 13.42 1.00
CA LEU A 64 -2.39 13.75 -0.33
C LEU A 64 -2.91 12.81 -1.41
N PRO A 65 -3.02 13.25 -2.68
CA PRO A 65 -3.46 12.39 -3.77
C PRO A 65 -2.37 11.34 -3.99
N PRO A 66 -2.64 10.04 -3.77
CA PRO A 66 -1.66 8.98 -3.89
C PRO A 66 -1.55 8.47 -5.34
N PRO A 67 -0.42 8.68 -6.04
CA PRO A 67 -0.23 8.18 -7.38
C PRO A 67 0.06 6.67 -7.31
N VAL A 68 0.83 6.27 -6.29
CA VAL A 68 1.22 4.89 -6.01
C VAL A 68 -0.04 4.02 -5.93
N PHE A 69 -1.02 4.48 -5.16
CA PHE A 69 -2.33 3.84 -4.98
C PHE A 69 -2.90 3.41 -6.34
N GLN A 70 -2.78 4.27 -7.34
CA GLN A 70 -3.30 4.00 -8.69
C GLN A 70 -2.63 2.77 -9.32
N MET A 71 -1.36 2.52 -9.00
CA MET A 71 -0.58 1.43 -9.49
C MET A 71 -0.75 0.24 -8.53
N LEU A 72 -0.92 0.47 -7.23
CA LEU A 72 -1.11 -0.59 -6.25
C LEU A 72 -2.35 -1.37 -6.67
N LEU A 73 -3.38 -0.62 -7.03
CA LEU A 73 -4.66 -1.17 -7.46
C LEU A 73 -4.58 -1.90 -8.79
N THR A 74 -3.52 -1.62 -9.56
CA THR A 74 -3.29 -2.25 -10.85
C THR A 74 -2.31 -3.42 -10.68
N LYS A 75 -1.51 -3.42 -9.61
CA LYS A 75 -0.58 -4.50 -9.34
C LYS A 75 -1.35 -5.71 -8.80
N LEU A 76 -2.31 -5.46 -7.90
CA LEU A 76 -3.16 -6.47 -7.27
C LEU A 76 -3.72 -7.46 -8.30
N PRO A 77 -4.57 -7.05 -9.26
CA PRO A 77 -5.08 -7.94 -10.28
C PRO A 77 -3.94 -8.22 -11.27
N THR A 78 -3.91 -9.41 -11.83
CA THR A 78 -2.89 -9.84 -12.79
C THR A 78 -3.53 -10.78 -13.81
N ILE A 79 -4.22 -11.79 -13.29
CA ILE A 79 -4.91 -12.80 -14.06
C ILE A 79 -5.82 -12.16 -15.12
N SER A 80 -6.62 -11.18 -14.70
CA SER A 80 -7.53 -10.46 -15.57
C SER A 80 -6.78 -9.93 -16.80
N GLN A 81 -5.68 -9.21 -16.57
CA GLN A 81 -4.88 -8.67 -17.66
C GLN A 81 -4.44 -9.77 -18.62
N ARG A 82 -4.10 -10.95 -18.09
CA ARG A 82 -3.67 -12.07 -18.93
C ARG A 82 -4.80 -12.53 -19.86
N ILE A 83 -6.05 -12.61 -19.38
CA ILE A 83 -7.15 -13.06 -20.20
C ILE A 83 -7.35 -12.09 -21.35
N VAL A 84 -7.47 -10.80 -21.02
CA VAL A 84 -7.68 -9.76 -22.01
C VAL A 84 -6.54 -9.74 -23.02
N SER A 85 -5.30 -9.88 -22.55
CA SER A 85 -4.12 -9.92 -23.38
C SER A 85 -3.94 -11.29 -24.03
N ALA A 86 -5.02 -11.87 -24.55
CA ALA A 86 -5.03 -13.16 -25.22
C ALA A 86 -6.34 -13.39 -25.96
N GLN A 87 -7.46 -13.29 -25.25
CA GLN A 87 -8.80 -13.50 -25.79
C GLN A 87 -9.04 -12.57 -27.00
N SER A 88 -9.13 -13.12 -28.23
CA SER A 88 -9.36 -12.43 -29.50
C SER A 88 -8.09 -12.42 -30.36
N LEU A 89 -6.92 -12.59 -29.73
CA LEU A 89 -5.62 -12.63 -30.37
C LEU A 89 -4.87 -13.85 -29.86
N GLY A 90 -5.59 -14.98 -29.75
CA GLY A 90 -5.06 -16.26 -29.29
C GLY A 90 -5.61 -17.39 -30.17
N GLU A 91 -5.39 -18.63 -29.74
CA GLU A 91 -5.84 -19.82 -30.45
C GLU A 91 -7.35 -20.02 -30.25
N ASP A 92 -7.96 -20.89 -31.08
CA ASP A 92 -9.38 -21.22 -31.05
C ASP A 92 -9.53 -22.69 -30.64
N ASP A 93 -10.73 -23.09 -30.20
CA ASP A 93 -11.01 -24.47 -29.80
C ASP A 93 -11.16 -25.34 -31.04
N VAL A 94 -10.85 -26.65 -30.92
CA VAL A 94 -10.94 -27.65 -31.99
C VAL A 94 -10.43 -27.10 -33.34
N GLU A 95 -11.28 -27.03 -34.36
CA GLU A 95 -10.98 -26.54 -35.70
C GLU A 95 -12.32 -26.30 -36.40
N GLY B 1 5.31 11.59 -0.05
CA GLY B 1 5.55 12.31 1.21
C GLY B 1 6.46 11.50 2.14
N PRO B 2 7.77 11.76 2.20
CA PRO B 2 8.68 10.99 3.03
C PRO B 2 8.21 10.96 4.48
N ARG B 3 8.06 9.73 5.03
CA ARG B 3 7.62 9.48 6.40
C ARG B 3 6.22 10.04 6.62
N LEU B 4 5.26 9.53 5.85
CA LEU B 4 3.86 9.89 5.90
C LEU B 4 3.28 9.54 7.27
N SER B 5 2.79 10.54 8.00
CA SER B 5 2.19 10.37 9.32
C SER B 5 1.32 11.56 9.72
N ARG B 6 0.90 12.39 8.76
CA ARG B 6 0.07 13.55 9.05
C ARG B 6 -1.22 13.07 9.70
N LEU B 7 -1.94 12.16 9.03
CA LEU B 7 -3.16 11.58 9.55
C LEU B 7 -2.89 10.65 10.71
N LEU B 8 -1.80 9.88 10.70
CA LEU B 8 -1.55 8.89 11.75
C LEU B 8 -1.41 9.48 13.14
N SER B 9 -1.20 10.80 13.26
CA SER B 9 -1.15 11.50 14.55
C SER B 9 -2.52 11.43 15.26
N TYR B 10 -3.57 11.04 14.53
CA TYR B 10 -4.95 10.92 15.01
C TYR B 10 -5.19 9.69 15.91
N ALA B 11 -4.16 8.87 16.15
CA ALA B 11 -4.28 7.63 16.90
C ALA B 11 -2.94 7.26 17.54
N ARG A 1 15.42 -16.20 26.34
CA ARG A 1 15.97 -15.53 27.54
C ARG A 1 15.30 -14.18 27.80
N ALA A 2 14.92 -13.44 26.75
CA ALA A 2 14.27 -12.13 26.86
C ALA A 2 13.43 -11.90 25.61
N GLY A 3 12.59 -10.86 25.63
CA GLY A 3 11.71 -10.50 24.53
C GLY A 3 12.42 -9.55 23.57
N LEU A 4 11.63 -8.64 22.94
CA LEU A 4 12.08 -7.64 21.98
C LEU A 4 12.30 -8.31 20.62
N SER A 5 11.51 -7.92 19.62
CA SER A 5 11.55 -8.46 18.27
C SER A 5 10.87 -7.48 17.30
N LYS A 6 10.15 -8.00 16.30
CA LYS A 6 9.40 -7.26 15.30
C LYS A 6 8.14 -8.09 15.02
N LEU A 7 6.97 -7.46 14.86
CA LEU A 7 5.70 -8.15 14.62
C LEU A 7 5.41 -9.21 15.67
N PRO A 8 4.75 -8.82 16.78
CA PRO A 8 4.42 -9.73 17.87
C PRO A 8 3.20 -10.57 17.46
N ASP A 9 2.42 -11.05 18.44
CA ASP A 9 1.23 -11.87 18.18
C ASP A 9 0.17 -11.10 17.38
N LEU A 10 0.25 -9.77 17.33
CA LEU A 10 -0.66 -8.85 16.63
C LEU A 10 -1.93 -8.54 17.39
N LYS A 11 -2.22 -9.32 18.43
CA LYS A 11 -3.33 -9.06 19.33
C LYS A 11 -3.12 -7.66 19.92
N ASP A 12 -1.85 -7.27 20.13
CA ASP A 12 -1.48 -5.97 20.64
C ASP A 12 -1.58 -5.00 19.46
N ALA A 13 -2.21 -3.86 19.72
CA ALA A 13 -2.46 -2.83 18.73
C ALA A 13 -1.36 -1.80 18.67
N GLU A 14 -0.89 -1.36 19.84
CA GLU A 14 0.17 -0.35 19.97
C GLU A 14 1.42 -0.76 19.21
N ALA A 15 1.83 -2.02 19.36
CA ALA A 15 3.01 -2.57 18.69
C ALA A 15 2.81 -2.57 17.18
N VAL A 16 1.56 -2.79 16.77
CA VAL A 16 1.16 -2.85 15.38
C VAL A 16 1.01 -1.43 14.86
N GLN A 17 0.66 -0.46 15.70
CA GLN A 17 0.55 0.93 15.26
C GLN A 17 1.95 1.40 14.93
N LYS A 18 2.92 1.06 15.78
CA LYS A 18 4.31 1.45 15.57
C LYS A 18 4.80 0.88 14.24
N PHE A 19 4.70 -0.45 14.08
CA PHE A 19 5.13 -1.12 12.86
C PHE A 19 4.35 -0.64 11.63
N PHE A 20 3.02 -0.49 11.75
CA PHE A 20 2.14 -0.09 10.64
C PHE A 20 2.64 1.25 10.12
N LEU A 21 2.92 2.18 11.04
CA LEU A 21 3.45 3.49 10.71
C LEU A 21 4.85 3.35 10.12
N GLU A 22 5.69 2.47 10.67
CA GLU A 22 7.02 2.27 10.12
C GLU A 22 6.92 1.83 8.66
N GLU A 23 5.86 1.08 8.30
CA GLU A 23 5.65 0.60 6.95
C GLU A 23 5.11 1.72 6.07
N ILE A 24 4.08 2.42 6.56
CA ILE A 24 3.46 3.59 5.90
C ILE A 24 4.59 4.56 5.49
N GLN A 25 5.47 4.89 6.46
CA GLN A 25 6.58 5.82 6.22
C GLN A 25 7.68 5.22 5.35
N LEU A 26 8.00 3.94 5.55
CA LEU A 26 9.01 3.22 4.77
C LEU A 26 8.61 3.26 3.29
N GLY A 27 7.33 3.02 2.99
CA GLY A 27 6.80 3.08 1.63
C GLY A 27 6.98 4.49 1.12
N GLU A 28 6.35 5.50 1.74
CA GLU A 28 6.53 6.87 1.27
C GLU A 28 8.01 7.20 0.99
N GLU A 29 8.90 6.87 1.93
CA GLU A 29 10.33 7.12 1.82
C GLU A 29 10.93 6.40 0.60
N LEU A 30 10.60 5.12 0.38
CA LEU A 30 11.12 4.42 -0.79
C LEU A 30 10.62 5.09 -2.06
N LEU A 31 9.36 5.54 -2.07
CA LEU A 31 8.82 6.25 -3.23
C LEU A 31 9.50 7.61 -3.36
N ALA A 32 9.93 8.16 -2.22
CA ALA A 32 10.72 9.39 -2.20
C ALA A 32 12.03 9.16 -2.97
N GLN A 33 12.44 7.90 -3.13
CA GLN A 33 13.61 7.50 -3.90
C GLN A 33 13.12 7.19 -5.33
N GLY A 34 11.92 6.60 -5.43
CA GLY A 34 11.22 6.25 -6.64
C GLY A 34 10.83 4.77 -6.74
N ASP A 35 10.90 4.00 -5.64
CA ASP A 35 10.58 2.57 -5.70
C ASP A 35 9.09 2.24 -5.54
N TYR A 36 8.26 2.78 -6.44
CA TYR A 36 6.81 2.60 -6.52
C TYR A 36 6.40 1.15 -6.34
N GLU A 37 7.12 0.25 -7.02
CA GLU A 37 6.93 -1.18 -6.99
C GLU A 37 6.95 -1.67 -5.55
N LYS A 38 7.95 -1.23 -4.81
CA LYS A 38 8.10 -1.57 -3.41
C LYS A 38 7.03 -0.88 -2.57
N GLY A 39 6.60 0.33 -2.97
CA GLY A 39 5.54 1.01 -2.23
C GLY A 39 4.26 0.18 -2.26
N VAL A 40 3.97 -0.45 -3.39
CA VAL A 40 2.77 -1.28 -3.50
C VAL A 40 2.84 -2.41 -2.48
N ASP A 41 3.96 -3.14 -2.46
CA ASP A 41 4.21 -4.27 -1.57
C ASP A 41 4.15 -3.86 -0.10
N HIS A 42 4.93 -2.85 0.26
CA HIS A 42 5.00 -2.34 1.61
C HIS A 42 3.67 -1.75 2.04
N LEU A 43 2.91 -1.14 1.12
CA LEU A 43 1.62 -0.65 1.54
C LEU A 43 0.77 -1.89 1.81
N THR A 44 0.83 -2.89 0.91
CA THR A 44 0.08 -4.13 1.09
C THR A 44 0.34 -4.73 2.48
N ASN A 45 1.58 -4.61 2.97
CA ASN A 45 1.97 -5.10 4.30
C ASN A 45 1.20 -4.33 5.36
N ALA A 46 1.15 -3.00 5.23
CA ALA A 46 0.41 -2.15 6.16
C ALA A 46 -1.03 -2.66 6.26
N ILE A 47 -1.68 -2.91 5.11
CA ILE A 47 -3.04 -3.44 5.10
C ILE A 47 -3.11 -4.84 5.71
N ALA A 48 -2.04 -5.63 5.55
CA ALA A 48 -1.99 -7.00 6.04
C ALA A 48 -2.02 -7.04 7.55
N VAL A 49 -1.53 -5.97 8.19
CA VAL A 49 -1.54 -5.90 9.64
C VAL A 49 -2.70 -5.05 10.16
N CYS A 50 -3.31 -4.22 9.29
CA CYS A 50 -4.43 -3.38 9.72
C CYS A 50 -5.76 -4.10 9.52
N GLY A 51 -5.97 -4.71 8.35
CA GLY A 51 -7.19 -5.43 8.02
C GLY A 51 -8.36 -4.48 7.78
N GLN A 52 -8.07 -3.30 7.22
CA GLN A 52 -9.05 -2.26 6.91
C GLN A 52 -8.45 -1.39 5.81
N PRO A 53 -8.27 -1.93 4.58
CA PRO A 53 -7.69 -1.17 3.50
C PRO A 53 -8.40 0.15 3.25
N GLN A 54 -9.70 0.08 3.02
CA GLN A 54 -10.56 1.20 2.67
C GLN A 54 -10.51 2.35 3.67
N GLN A 55 -10.52 2.06 4.98
CA GLN A 55 -10.45 3.14 5.96
C GLN A 55 -9.14 3.89 5.77
N LEU A 56 -8.04 3.13 5.65
CA LEU A 56 -6.75 3.72 5.41
C LEU A 56 -6.77 4.43 4.06
N LEU A 57 -7.37 3.88 3.01
CA LEU A 57 -7.38 4.53 1.70
C LEU A 57 -8.02 5.91 1.78
N GLN A 58 -9.09 6.06 2.55
CA GLN A 58 -9.71 7.37 2.71
C GLN A 58 -8.72 8.29 3.42
N VAL A 59 -8.10 7.78 4.49
CA VAL A 59 -7.14 8.54 5.29
C VAL A 59 -5.89 8.95 4.50
N LEU A 60 -5.46 8.06 3.61
CA LEU A 60 -4.28 8.12 2.78
C LEU A 60 -4.58 8.99 1.57
N GLN A 61 -5.84 9.06 1.11
CA GLN A 61 -6.19 9.88 -0.05
C GLN A 61 -6.44 11.32 0.36
N GLN A 62 -7.12 11.53 1.50
CA GLN A 62 -7.47 12.86 1.98
C GLN A 62 -6.24 13.63 2.46
N THR A 63 -5.26 12.90 3.02
CA THR A 63 -4.03 13.50 3.54
C THR A 63 -3.05 13.82 2.42
N LEU A 64 -3.08 13.05 1.32
CA LEU A 64 -2.17 13.24 0.21
C LEU A 64 -2.62 12.43 -1.02
N PRO A 65 -2.76 13.01 -2.22
CA PRO A 65 -3.16 12.26 -3.41
C PRO A 65 -2.01 11.30 -3.77
N PRO A 66 -2.17 9.98 -3.63
CA PRO A 66 -1.12 9.00 -3.90
C PRO A 66 -1.19 8.49 -5.35
N PRO A 67 -0.21 8.82 -6.22
CA PRO A 67 -0.18 8.32 -7.59
C PRO A 67 0.25 6.85 -7.60
N VAL A 68 0.83 6.38 -6.50
CA VAL A 68 1.26 5.00 -6.32
C VAL A 68 0.03 4.14 -6.07
N PHE A 69 -0.85 4.59 -5.17
CA PHE A 69 -2.11 3.92 -4.82
C PHE A 69 -2.81 3.36 -6.06
N GLN A 70 -2.97 4.18 -7.10
CA GLN A 70 -3.65 3.74 -8.33
C GLN A 70 -2.90 2.60 -9.03
N MET A 71 -1.57 2.54 -8.89
CA MET A 71 -0.73 1.48 -9.43
C MET A 71 -0.82 0.28 -8.50
N LEU A 72 -1.00 0.51 -7.19
CA LEU A 72 -1.19 -0.58 -6.23
C LEU A 72 -2.44 -1.33 -6.64
N LEU A 73 -3.48 -0.59 -7.00
CA LEU A 73 -4.73 -1.21 -7.43
C LEU A 73 -4.60 -1.90 -8.77
N THR A 74 -3.68 -1.45 -9.62
CA THR A 74 -3.50 -2.06 -10.93
C THR A 74 -2.54 -3.26 -10.84
N LYS A 75 -1.68 -3.29 -9.82
CA LYS A 75 -0.72 -4.37 -9.65
C LYS A 75 -1.40 -5.71 -9.35
N LEU A 76 -2.28 -5.77 -8.35
CA LEU A 76 -2.98 -7.00 -7.97
C LEU A 76 -3.76 -7.69 -9.12
N PRO A 77 -4.85 -7.12 -9.66
CA PRO A 77 -5.67 -7.72 -10.71
C PRO A 77 -5.07 -7.59 -12.13
N THR A 78 -4.67 -8.71 -12.74
CA THR A 78 -4.10 -8.74 -14.08
C THR A 78 -5.20 -8.74 -15.14
N ILE A 79 -6.28 -9.49 -14.91
CA ILE A 79 -7.38 -9.62 -15.85
C ILE A 79 -8.10 -8.29 -16.01
N SER A 80 -8.44 -7.66 -14.89
CA SER A 80 -9.13 -6.38 -14.88
C SER A 80 -8.36 -5.38 -15.74
N GLN A 81 -7.05 -5.30 -15.50
CA GLN A 81 -6.16 -4.44 -16.25
C GLN A 81 -6.32 -4.68 -17.75
N ARG A 82 -6.34 -5.94 -18.16
CA ARG A 82 -6.50 -6.31 -19.55
C ARG A 82 -7.82 -5.82 -20.15
N ILE A 83 -8.95 -5.94 -19.43
CA ILE A 83 -10.24 -5.51 -19.97
C ILE A 83 -10.20 -4.00 -20.20
N VAL A 84 -9.78 -3.26 -19.17
CA VAL A 84 -9.70 -1.81 -19.22
C VAL A 84 -8.79 -1.37 -20.37
N SER A 85 -7.65 -2.04 -20.54
CA SER A 85 -6.71 -1.79 -21.61
C SER A 85 -7.17 -2.45 -22.91
N ALA A 86 -8.46 -2.32 -23.22
CA ALA A 86 -9.18 -2.84 -24.38
C ALA A 86 -10.64 -2.37 -24.23
N GLN A 87 -11.57 -2.95 -25.01
CA GLN A 87 -13.00 -2.60 -24.97
C GLN A 87 -13.16 -1.08 -25.03
N SER A 88 -12.38 -0.45 -25.92
CA SER A 88 -12.30 0.98 -26.13
C SER A 88 -11.44 1.22 -27.37
N LEU A 89 -10.30 0.54 -27.45
CA LEU A 89 -9.34 0.63 -28.55
C LEU A 89 -9.76 -0.20 -29.77
N GLY A 90 -11.08 -0.40 -29.93
CA GLY A 90 -11.69 -1.13 -31.02
C GLY A 90 -12.16 -0.18 -32.11
N GLU A 91 -13.29 -0.52 -32.75
CA GLU A 91 -13.91 0.26 -33.82
C GLU A 91 -15.41 -0.08 -33.81
N ASP A 92 -16.27 0.85 -34.28
CA ASP A 92 -17.72 0.68 -34.33
C ASP A 92 -18.19 0.65 -35.79
N ASP A 93 -19.42 0.19 -36.05
CA ASP A 93 -20.01 0.10 -37.38
C ASP A 93 -20.93 1.29 -37.65
N VAL A 94 -21.54 1.31 -38.85
CA VAL A 94 -22.47 2.32 -39.31
C VAL A 94 -23.56 1.62 -40.10
N GLU A 95 -24.82 2.02 -39.87
CA GLU A 95 -25.99 1.46 -40.54
C GLU A 95 -26.19 2.20 -41.86
N GLY B 1 12.99 11.30 4.19
CA GLY B 1 12.27 12.10 5.20
C GLY B 1 11.08 11.33 5.78
N PRO B 2 10.45 11.84 6.85
CA PRO B 2 9.32 11.21 7.51
C PRO B 2 8.06 11.34 6.63
N ARG B 3 7.24 12.37 6.85
CA ARG B 3 6.01 12.65 6.11
C ARG B 3 4.96 11.54 6.22
N LEU B 4 3.81 11.74 5.56
CA LEU B 4 2.66 10.85 5.49
C LEU B 4 2.40 10.11 6.80
N SER B 5 2.39 10.86 7.90
CA SER B 5 2.18 10.34 9.25
C SER B 5 1.39 11.31 10.12
N ARG B 6 0.88 12.41 9.56
CA ARG B 6 0.09 13.39 10.27
C ARG B 6 -1.18 12.71 10.78
N LEU B 7 -1.95 12.11 9.85
CA LEU B 7 -3.18 11.42 10.17
C LEU B 7 -2.97 10.34 11.21
N LEU B 8 -1.88 9.57 11.14
CA LEU B 8 -1.64 8.46 12.05
C LEU B 8 -1.52 8.88 13.51
N SER B 9 -1.40 10.18 13.80
CA SER B 9 -1.39 10.69 15.17
C SER B 9 -2.75 10.45 15.84
N TYR B 10 -3.78 10.14 15.03
CA TYR B 10 -5.16 9.88 15.43
C TYR B 10 -5.39 8.53 16.10
N ALA B 11 -4.36 7.68 16.22
CA ALA B 11 -4.51 6.34 16.75
C ALA B 11 -3.16 5.78 17.24
N ARG A 1 11.86 -0.61 20.20
CA ARG A 1 12.17 0.83 20.32
C ARG A 1 11.81 1.55 19.02
N ALA A 2 12.09 2.85 18.94
CA ALA A 2 11.81 3.70 17.79
C ALA A 2 12.39 3.08 16.51
N GLY A 3 11.59 2.91 15.45
CA GLY A 3 12.01 2.33 14.18
C GLY A 3 12.71 0.98 14.38
N LEU A 4 12.13 0.10 15.21
CA LEU A 4 12.68 -1.21 15.53
C LEU A 4 11.52 -2.18 15.75
N SER A 5 11.81 -3.48 15.62
CA SER A 5 10.87 -4.58 15.83
C SER A 5 9.64 -4.48 14.90
N LYS A 6 9.78 -5.05 13.70
CA LYS A 6 8.74 -5.09 12.69
C LYS A 6 7.94 -6.39 12.94
N LEU A 7 6.68 -6.30 13.42
CA LEU A 7 5.82 -7.44 13.72
C LEU A 7 6.46 -8.39 14.74
N PRO A 8 6.69 -7.93 15.99
CA PRO A 8 7.28 -8.74 17.05
C PRO A 8 6.29 -9.78 17.58
N ASP A 9 5.44 -9.39 18.53
CA ASP A 9 4.46 -10.29 19.15
C ASP A 9 3.22 -10.47 18.26
N LEU A 10 2.76 -9.37 17.65
CA LEU A 10 1.62 -9.28 16.74
C LEU A 10 0.24 -9.37 17.38
N LYS A 11 0.10 -9.93 18.59
CA LYS A 11 -1.20 -10.02 19.26
C LYS A 11 -1.60 -8.65 19.82
N ASP A 12 -0.63 -7.85 20.27
CA ASP A 12 -0.92 -6.53 20.83
C ASP A 12 -1.18 -5.51 19.73
N ALA A 13 -2.13 -4.63 20.00
CA ALA A 13 -2.59 -3.58 19.10
C ALA A 13 -1.51 -2.51 18.90
N GLU A 14 -0.94 -2.02 20.00
CA GLU A 14 0.10 -1.01 19.98
C GLU A 14 1.30 -1.51 19.15
N ALA A 15 1.64 -2.79 19.29
CA ALA A 15 2.75 -3.40 18.56
C ALA A 15 2.43 -3.47 17.06
N VAL A 16 1.15 -3.44 16.72
CA VAL A 16 0.67 -3.47 15.34
C VAL A 16 0.58 -2.03 14.86
N GLN A 17 0.26 -1.08 15.74
CA GLN A 17 0.17 0.33 15.39
C GLN A 17 1.55 0.85 15.03
N LYS A 18 2.54 0.56 15.91
CA LYS A 18 3.90 1.03 15.71
C LYS A 18 4.45 0.54 14.36
N PHE A 19 4.22 -0.74 14.04
CA PHE A 19 4.67 -1.33 12.80
C PHE A 19 3.87 -0.79 11.60
N PHE A 20 2.54 -0.76 11.72
CA PHE A 20 1.64 -0.30 10.65
C PHE A 20 2.16 1.05 10.13
N LEU A 21 2.38 1.98 11.06
CA LEU A 21 2.92 3.31 10.80
C LEU A 21 4.34 3.21 10.25
N GLU A 22 5.18 2.33 10.81
CA GLU A 22 6.54 2.13 10.34
C GLU A 22 6.54 1.77 8.85
N GLU A 23 5.56 1.00 8.37
CA GLU A 23 5.47 0.56 6.99
C GLU A 23 4.87 1.68 6.13
N ILE A 24 3.88 2.41 6.66
CA ILE A 24 3.26 3.56 5.98
C ILE A 24 4.38 4.57 5.66
N GLN A 25 5.22 4.85 6.66
CA GLN A 25 6.34 5.80 6.54
C GLN A 25 7.46 5.23 5.66
N LEU A 26 7.92 4.03 5.98
CA LEU A 26 8.98 3.33 5.23
C LEU A 26 8.60 3.30 3.75
N GLY A 27 7.32 3.02 3.43
CA GLY A 27 6.83 3.00 2.07
C GLY A 27 6.99 4.38 1.45
N GLU A 28 6.28 5.40 1.95
CA GLU A 28 6.47 6.73 1.35
C GLU A 28 7.95 7.15 1.24
N GLU A 29 8.81 6.73 2.17
CA GLU A 29 10.24 7.03 2.15
C GLU A 29 10.93 6.29 1.01
N LEU A 30 10.61 5.01 0.79
CA LEU A 30 11.20 4.27 -0.32
C LEU A 30 10.72 4.90 -1.62
N LEU A 31 9.46 5.31 -1.68
CA LEU A 31 8.92 5.98 -2.87
C LEU A 31 9.59 7.34 -3.03
N ALA A 32 9.97 7.96 -1.92
CA ALA A 32 10.75 9.19 -1.95
C ALA A 32 12.07 8.97 -2.68
N GLN A 33 12.51 7.70 -2.77
CA GLN A 33 13.70 7.28 -3.49
C GLN A 33 13.28 6.91 -4.92
N GLY A 34 12.10 6.31 -5.04
CA GLY A 34 11.44 5.91 -6.28
C GLY A 34 11.06 4.44 -6.33
N ASP A 35 11.05 3.72 -5.20
CA ASP A 35 10.74 2.27 -5.22
C ASP A 35 9.23 1.96 -5.09
N TYR A 36 8.42 2.51 -6.01
CA TYR A 36 6.98 2.35 -6.11
C TYR A 36 6.54 0.90 -5.98
N GLU A 37 7.29 0.02 -6.65
CA GLU A 37 7.10 -1.41 -6.67
C GLU A 37 7.03 -1.95 -5.24
N LYS A 38 7.96 -1.49 -4.40
CA LYS A 38 7.99 -1.86 -3.01
C LYS A 38 6.91 -1.13 -2.23
N GLY A 39 6.53 0.09 -2.65
CA GLY A 39 5.46 0.81 -1.98
C GLY A 39 4.16 0.03 -2.06
N VAL A 40 3.89 -0.58 -3.22
CA VAL A 40 2.68 -1.36 -3.38
C VAL A 40 2.63 -2.50 -2.35
N ASP A 41 3.72 -3.26 -2.25
CA ASP A 41 3.85 -4.40 -1.34
C ASP A 41 3.74 -3.95 0.12
N HIS A 42 4.53 -2.95 0.47
CA HIS A 42 4.60 -2.40 1.81
C HIS A 42 3.26 -1.78 2.21
N LEU A 43 2.55 -1.16 1.26
CA LEU A 43 1.25 -0.62 1.60
C LEU A 43 0.32 -1.81 1.79
N THR A 44 0.38 -2.83 0.91
CA THR A 44 -0.44 -4.03 1.05
C THR A 44 -0.28 -4.63 2.46
N ASN A 45 0.95 -4.58 2.98
CA ASN A 45 1.29 -5.08 4.31
C ASN A 45 0.54 -4.25 5.35
N ALA A 46 0.56 -2.92 5.17
CA ALA A 46 -0.12 -2.00 6.06
C ALA A 46 -1.61 -2.41 6.15
N ILE A 47 -2.26 -2.66 5.00
CA ILE A 47 -3.65 -3.11 4.97
C ILE A 47 -3.81 -4.46 5.66
N ALA A 48 -2.83 -5.34 5.51
CA ALA A 48 -2.84 -6.69 6.05
C ALA A 48 -2.95 -6.67 7.56
N VAL A 49 -2.35 -5.65 8.18
CA VAL A 49 -2.38 -5.52 9.62
C VAL A 49 -3.43 -4.54 10.09
N CYS A 50 -3.97 -3.69 9.19
CA CYS A 50 -5.00 -2.73 9.57
C CYS A 50 -6.39 -3.36 9.48
N GLY A 51 -6.69 -4.00 8.34
CA GLY A 51 -7.97 -4.65 8.12
C GLY A 51 -9.08 -3.67 7.72
N GLN A 52 -8.74 -2.39 7.56
CA GLN A 52 -9.66 -1.33 7.17
C GLN A 52 -9.03 -0.65 5.94
N PRO A 53 -8.87 -1.38 4.83
CA PRO A 53 -8.26 -0.82 3.63
C PRO A 53 -8.92 0.48 3.22
N GLN A 54 -10.23 0.44 3.00
CA GLN A 54 -11.01 1.59 2.55
C GLN A 54 -10.85 2.80 3.48
N GLN A 55 -10.86 2.58 4.80
CA GLN A 55 -10.67 3.66 5.75
C GLN A 55 -9.30 4.28 5.48
N LEU A 56 -8.28 3.42 5.37
CA LEU A 56 -6.94 3.88 5.09
C LEU A 56 -6.89 4.57 3.72
N LEU A 57 -7.63 4.10 2.72
CA LEU A 57 -7.60 4.73 1.40
C LEU A 57 -8.14 6.15 1.45
N GLN A 58 -9.25 6.39 2.17
CA GLN A 58 -9.74 7.76 2.25
C GLN A 58 -8.72 8.61 2.98
N VAL A 59 -8.14 8.06 4.07
CA VAL A 59 -7.12 8.72 4.88
C VAL A 59 -5.87 9.04 4.05
N LEU A 60 -5.51 8.18 3.09
CA LEU A 60 -4.34 8.38 2.25
C LEU A 60 -4.67 9.38 1.14
N GLN A 61 -5.90 9.44 0.66
CA GLN A 61 -6.27 10.37 -0.41
C GLN A 61 -6.37 11.79 0.14
N GLN A 62 -6.96 11.86 1.33
CA GLN A 62 -7.24 13.04 2.12
C GLN A 62 -5.94 13.73 2.52
N THR A 63 -4.92 12.95 2.93
CA THR A 63 -3.66 13.54 3.35
C THR A 63 -2.79 13.97 2.16
N LEU A 64 -2.89 13.25 1.03
CA LEU A 64 -2.15 13.60 -0.18
C LEU A 64 -2.65 12.85 -1.42
N PRO A 65 -2.56 13.41 -2.64
CA PRO A 65 -2.96 12.72 -3.86
C PRO A 65 -2.00 11.54 -4.07
N PRO A 66 -2.45 10.27 -4.02
CA PRO A 66 -1.58 9.10 -4.12
C PRO A 66 -1.52 8.48 -5.53
N PRO A 67 -0.47 8.75 -6.34
CA PRO A 67 -0.34 8.13 -7.66
C PRO A 67 0.01 6.64 -7.49
N VAL A 68 0.78 6.32 -6.44
CA VAL A 68 1.22 4.98 -6.08
C VAL A 68 0.03 4.07 -5.92
N PHE A 69 -0.98 4.52 -5.17
CA PHE A 69 -2.23 3.81 -4.95
C PHE A 69 -2.76 3.25 -6.28
N GLN A 70 -2.76 4.08 -7.32
CA GLN A 70 -3.24 3.68 -8.65
C GLN A 70 -2.41 2.51 -9.20
N MET A 71 -1.11 2.52 -8.94
CA MET A 71 -0.18 1.48 -9.36
C MET A 71 -0.41 0.24 -8.51
N LEU A 72 -0.79 0.41 -7.23
CA LEU A 72 -1.12 -0.71 -6.37
C LEU A 72 -2.34 -1.38 -6.99
N LEU A 73 -3.31 -0.59 -7.44
CA LEU A 73 -4.50 -1.15 -8.06
C LEU A 73 -4.23 -1.79 -9.41
N THR A 74 -3.20 -1.31 -10.13
CA THR A 74 -2.86 -1.84 -11.44
C THR A 74 -2.02 -3.11 -11.29
N LYS A 75 -1.28 -3.22 -10.17
CA LYS A 75 -0.44 -4.38 -9.91
C LYS A 75 -1.25 -5.68 -9.80
N LEU A 76 -2.27 -5.75 -8.94
CA LEU A 76 -3.08 -6.93 -8.75
C LEU A 76 -3.66 -7.57 -10.03
N PRO A 77 -4.47 -6.88 -10.85
CA PRO A 77 -5.06 -7.45 -12.05
C PRO A 77 -4.04 -7.66 -13.15
N THR A 78 -3.61 -8.90 -13.31
CA THR A 78 -2.64 -9.31 -14.31
C THR A 78 -3.35 -9.78 -15.58
N ILE A 79 -4.43 -10.56 -15.43
CA ILE A 79 -5.18 -11.10 -16.56
C ILE A 79 -5.86 -9.99 -17.35
N SER A 80 -6.67 -9.19 -16.65
CA SER A 80 -7.40 -8.08 -17.25
C SER A 80 -6.41 -7.16 -17.97
N GLN A 81 -5.33 -6.80 -17.26
CA GLN A 81 -4.27 -5.98 -17.79
C GLN A 81 -3.72 -6.57 -19.09
N ARG A 82 -3.50 -7.89 -19.09
CA ARG A 82 -2.99 -8.60 -20.25
C ARG A 82 -3.94 -8.53 -21.45
N ILE A 83 -5.25 -8.63 -21.27
CA ILE A 83 -6.18 -8.56 -22.40
C ILE A 83 -6.05 -7.19 -23.03
N VAL A 84 -6.16 -6.15 -22.19
CA VAL A 84 -6.03 -4.77 -22.66
C VAL A 84 -4.70 -4.60 -23.38
N SER A 85 -3.63 -5.13 -22.80
CA SER A 85 -2.29 -5.09 -23.36
C SER A 85 -2.11 -6.16 -24.46
N ALA A 86 -3.17 -6.42 -25.23
CA ALA A 86 -3.24 -7.37 -26.32
C ALA A 86 -4.57 -7.16 -27.06
N GLN A 87 -5.00 -5.89 -27.17
CA GLN A 87 -6.24 -5.48 -27.81
C GLN A 87 -6.10 -5.54 -29.33
N SER A 88 -5.87 -6.75 -29.85
CA SER A 88 -5.67 -7.11 -31.26
C SER A 88 -5.32 -8.58 -31.30
N LEU A 89 -4.36 -8.98 -30.46
CA LEU A 89 -3.87 -10.35 -30.31
C LEU A 89 -4.50 -10.97 -29.06
N GLY A 90 -5.81 -10.75 -28.91
CA GLY A 90 -6.58 -11.25 -27.79
C GLY A 90 -6.59 -12.77 -27.74
N GLU A 91 -6.76 -13.41 -28.92
CA GLU A 91 -6.79 -14.85 -29.09
C GLU A 91 -6.34 -15.15 -30.53
N ASP A 92 -5.73 -16.31 -30.76
CA ASP A 92 -5.24 -16.71 -32.08
C ASP A 92 -6.39 -17.18 -32.98
N ASP A 93 -6.08 -17.42 -34.26
CA ASP A 93 -7.03 -17.91 -35.26
C ASP A 93 -6.23 -18.66 -36.34
N VAL A 94 -6.93 -19.39 -37.22
CA VAL A 94 -6.33 -20.17 -38.30
C VAL A 94 -7.20 -20.02 -39.56
N GLU A 95 -6.55 -20.01 -40.72
CA GLU A 95 -7.16 -19.90 -42.04
C GLU A 95 -6.51 -20.96 -42.93
N GLY B 1 5.33 12.82 1.20
CA GLY B 1 6.69 13.19 1.68
C GLY B 1 7.43 11.91 2.08
N PRO B 2 8.62 11.98 2.67
CA PRO B 2 9.32 10.76 3.07
C PRO B 2 8.51 10.08 4.18
N ARG B 3 8.27 10.78 5.29
CA ARG B 3 7.48 10.27 6.40
C ARG B 3 6.03 10.67 6.16
N LEU B 4 5.19 9.67 5.84
CA LEU B 4 3.76 9.86 5.59
C LEU B 4 3.08 10.41 6.84
N SER B 5 2.82 9.54 7.82
CA SER B 5 2.14 9.81 9.08
C SER B 5 1.13 10.97 9.01
N ARG B 6 1.27 12.00 9.84
CA ARG B 6 0.38 13.16 9.90
C ARG B 6 -1.00 12.74 10.42
N LEU B 7 -1.80 12.03 9.61
CA LEU B 7 -3.12 11.55 10.01
C LEU B 7 -2.95 10.55 11.14
N LEU B 8 -1.99 9.63 11.01
CA LEU B 8 -1.66 8.63 11.99
C LEU B 8 -1.06 9.40 13.16
N SER B 9 -1.86 9.51 14.21
CA SER B 9 -1.73 10.22 15.47
C SER B 9 -3.17 10.25 16.02
N TYR B 10 -4.14 10.40 15.11
CA TYR B 10 -5.58 10.37 15.31
C TYR B 10 -6.07 9.04 15.91
N ALA B 11 -5.19 8.03 15.99
CA ALA B 11 -5.45 6.68 16.46
C ALA B 11 -4.11 6.11 16.93
N ARG A 1 19.75 -18.12 23.21
CA ARG A 1 18.92 -17.00 23.68
C ARG A 1 18.88 -15.95 22.57
N ALA A 2 17.75 -15.24 22.42
CA ALA A 2 17.56 -14.21 21.41
C ALA A 2 16.35 -13.35 21.78
N GLY A 3 16.06 -12.33 20.97
CA GLY A 3 14.95 -11.42 21.16
C GLY A 3 14.57 -10.79 19.83
N LEU A 4 13.32 -10.31 19.71
CA LEU A 4 12.79 -9.69 18.52
C LEU A 4 13.03 -8.18 18.53
N SER A 5 12.56 -7.49 17.48
CA SER A 5 12.65 -6.06 17.28
C SER A 5 11.52 -5.70 16.31
N LYS A 6 10.44 -5.13 16.85
CA LYS A 6 9.21 -4.78 16.13
C LYS A 6 8.45 -6.07 15.79
N LEU A 7 7.21 -5.93 15.31
CA LEU A 7 6.31 -7.00 14.92
C LEU A 7 6.41 -8.25 15.80
N PRO A 8 6.07 -8.16 17.10
CA PRO A 8 6.13 -9.31 18.00
C PRO A 8 4.99 -10.28 17.70
N ASP A 9 3.76 -9.76 17.68
CA ASP A 9 2.54 -10.51 17.43
C ASP A 9 1.47 -9.54 16.91
N LEU A 10 0.30 -10.09 16.58
CA LEU A 10 -0.90 -9.43 16.11
C LEU A 10 -1.93 -9.37 17.23
N LYS A 11 -1.78 -10.22 18.26
CA LYS A 11 -2.62 -10.22 19.44
C LYS A 11 -2.54 -8.83 20.08
N ASP A 12 -1.32 -8.26 20.09
CA ASP A 12 -1.09 -6.93 20.61
C ASP A 12 -1.35 -5.93 19.50
N ALA A 13 -2.07 -4.86 19.83
CA ALA A 13 -2.44 -3.79 18.91
C ALA A 13 -1.40 -2.68 18.88
N GLU A 14 -1.01 -2.19 20.05
CA GLU A 14 -0.04 -1.12 20.21
C GLU A 14 1.30 -1.46 19.55
N ALA A 15 1.68 -2.74 19.59
CA ALA A 15 2.91 -3.24 18.99
C ALA A 15 2.79 -3.32 17.47
N VAL A 16 1.55 -3.33 16.97
CA VAL A 16 1.23 -3.40 15.56
C VAL A 16 1.04 -1.98 15.04
N GLN A 17 0.55 -1.05 15.87
CA GLN A 17 0.35 0.33 15.46
C GLN A 17 1.69 0.94 15.09
N LYS A 18 2.70 0.73 15.94
CA LYS A 18 4.03 1.27 15.71
C LYS A 18 4.65 0.68 14.43
N PHE A 19 4.61 -0.65 14.27
CA PHE A 19 5.12 -1.32 13.09
C PHE A 19 4.35 -0.92 11.82
N PHE A 20 3.02 -0.78 11.94
CA PHE A 20 2.14 -0.39 10.84
C PHE A 20 2.60 0.99 10.37
N LEU A 21 2.78 1.92 11.31
CA LEU A 21 3.27 3.26 11.05
C LEU A 21 4.69 3.20 10.50
N GLU A 22 5.50 2.25 10.97
CA GLU A 22 6.87 2.08 10.50
C GLU A 22 6.84 1.72 9.01
N GLU A 23 5.85 0.95 8.55
CA GLU A 23 5.76 0.54 7.16
C GLU A 23 5.14 1.66 6.34
N ILE A 24 4.11 2.31 6.90
CA ILE A 24 3.45 3.45 6.29
C ILE A 24 4.53 4.49 5.92
N GLN A 25 5.36 4.81 6.91
CA GLN A 25 6.40 5.82 6.78
C GLN A 25 7.59 5.37 5.95
N LEU A 26 8.07 4.14 6.18
CA LEU A 26 9.19 3.55 5.45
C LEU A 26 8.85 3.53 3.97
N GLY A 27 7.70 2.94 3.63
CA GLY A 27 7.23 2.87 2.26
C GLY A 27 7.13 4.25 1.67
N GLU A 28 6.20 5.10 2.13
CA GLU A 28 6.13 6.45 1.56
C GLU A 28 7.51 7.12 1.41
N GLU A 29 8.43 6.90 2.35
CA GLU A 29 9.79 7.45 2.28
C GLU A 29 10.57 6.82 1.10
N LEU A 30 10.50 5.51 0.90
CA LEU A 30 11.18 4.90 -0.25
C LEU A 30 10.54 5.40 -1.54
N LEU A 31 9.23 5.62 -1.54
CA LEU A 31 8.53 6.19 -2.70
C LEU A 31 9.02 7.61 -2.90
N ALA A 32 9.34 8.29 -1.81
CA ALA A 32 9.96 9.61 -1.88
C ALA A 32 11.25 9.55 -2.70
N GLN A 33 11.86 8.36 -2.81
CA GLN A 33 13.07 8.11 -3.59
C GLN A 33 12.64 7.66 -4.99
N GLY A 34 11.54 6.90 -5.05
CA GLY A 34 10.90 6.41 -6.26
C GLY A 34 10.64 4.90 -6.27
N ASP A 35 10.75 4.19 -5.13
CA ASP A 35 10.55 2.73 -5.12
C ASP A 35 9.08 2.26 -5.11
N TYR A 36 8.25 2.83 -5.98
CA TYR A 36 6.82 2.55 -6.14
C TYR A 36 6.52 1.06 -6.32
N GLU A 37 7.39 0.33 -7.02
CA GLU A 37 7.22 -1.10 -7.24
C GLU A 37 7.14 -1.83 -5.90
N LYS A 38 7.97 -1.40 -4.95
CA LYS A 38 7.96 -1.94 -3.60
C LYS A 38 6.85 -1.26 -2.82
N GLY A 39 6.53 -0.01 -3.13
CA GLY A 39 5.49 0.71 -2.45
C GLY A 39 4.15 -0.02 -2.47
N VAL A 40 3.81 -0.59 -3.62
CA VAL A 40 2.57 -1.31 -3.76
C VAL A 40 2.49 -2.43 -2.71
N ASP A 41 3.61 -3.14 -2.54
CA ASP A 41 3.76 -4.24 -1.59
C ASP A 41 3.73 -3.69 -0.16
N HIS A 42 4.45 -2.59 0.08
CA HIS A 42 4.54 -1.93 1.38
C HIS A 42 3.16 -1.61 1.89
N LEU A 43 2.34 -1.07 0.99
CA LEU A 43 1.03 -0.67 1.39
C LEU A 43 0.21 -1.92 1.59
N THR A 44 0.32 -2.90 0.69
CA THR A 44 -0.43 -4.15 0.82
C THR A 44 -0.22 -4.76 2.22
N ASN A 45 1.02 -4.64 2.71
CA ASN A 45 1.39 -5.16 4.02
C ASN A 45 0.74 -4.32 5.12
N ALA A 46 0.73 -2.99 4.95
CA ALA A 46 0.10 -2.13 5.93
C ALA A 46 -1.38 -2.52 6.06
N ILE A 47 -2.05 -2.85 4.94
CA ILE A 47 -3.45 -3.34 4.97
C ILE A 47 -3.53 -4.67 5.72
N ALA A 48 -2.57 -5.55 5.47
CA ALA A 48 -2.51 -6.89 6.05
C ALA A 48 -2.52 -6.87 7.56
N VAL A 49 -1.89 -5.84 8.12
CA VAL A 49 -1.78 -5.72 9.56
C VAL A 49 -2.82 -4.74 10.11
N CYS A 50 -3.43 -3.92 9.24
CA CYS A 50 -4.45 -2.98 9.69
C CYS A 50 -5.82 -3.66 9.72
N GLY A 51 -6.25 -4.27 8.61
CA GLY A 51 -7.53 -4.94 8.52
C GLY A 51 -8.67 -3.98 8.24
N GLN A 52 -8.35 -2.72 7.94
CA GLN A 52 -9.30 -1.65 7.61
C GLN A 52 -8.74 -0.98 6.35
N PRO A 53 -8.57 -1.73 5.24
CA PRO A 53 -8.03 -1.20 4.02
C PRO A 53 -8.67 0.10 3.57
N GLN A 54 -9.99 0.06 3.39
CA GLN A 54 -10.78 1.18 2.91
C GLN A 54 -10.60 2.42 3.76
N GLN A 55 -10.59 2.24 5.10
CA GLN A 55 -10.38 3.36 6.00
C GLN A 55 -9.02 3.98 5.70
N LEU A 56 -7.98 3.15 5.61
CA LEU A 56 -6.66 3.64 5.31
C LEU A 56 -6.62 4.26 3.92
N LEU A 57 -7.29 3.70 2.91
CA LEU A 57 -7.24 4.28 1.57
C LEU A 57 -7.85 5.68 1.55
N GLN A 58 -8.95 5.92 2.28
CA GLN A 58 -9.49 7.28 2.31
C GLN A 58 -8.52 8.19 3.05
N VAL A 59 -7.91 7.69 4.14
CA VAL A 59 -6.93 8.43 4.92
C VAL A 59 -5.72 8.82 4.08
N LEU A 60 -5.32 7.93 3.16
CA LEU A 60 -4.18 8.16 2.27
C LEU A 60 -4.60 9.08 1.12
N GLN A 61 -5.86 9.05 0.69
CA GLN A 61 -6.30 9.89 -0.42
C GLN A 61 -6.46 11.34 0.04
N GLN A 62 -6.95 11.53 1.28
CA GLN A 62 -7.20 12.86 1.82
C GLN A 62 -5.92 13.52 2.29
N THR A 63 -4.93 12.73 2.72
CA THR A 63 -3.68 13.29 3.21
C THR A 63 -2.78 13.70 2.04
N LEU A 64 -2.86 13.00 0.90
CA LEU A 64 -2.10 13.36 -0.29
C LEU A 64 -2.62 12.62 -1.52
N PRO A 65 -2.48 13.16 -2.75
CA PRO A 65 -2.88 12.47 -3.96
C PRO A 65 -1.89 11.29 -4.11
N PRO A 66 -2.33 10.02 -4.02
CA PRO A 66 -1.44 8.87 -4.06
C PRO A 66 -1.31 8.24 -5.47
N PRO A 67 -0.20 8.49 -6.20
CA PRO A 67 0.00 7.89 -7.51
C PRO A 67 0.29 6.39 -7.36
N VAL A 68 0.98 6.03 -6.28
CA VAL A 68 1.33 4.65 -5.95
C VAL A 68 0.06 3.81 -5.87
N PHE A 69 -0.93 4.30 -5.10
CA PHE A 69 -2.24 3.67 -4.95
C PHE A 69 -2.80 3.28 -6.31
N GLN A 70 -2.75 4.18 -7.29
CA GLN A 70 -3.25 3.93 -8.64
C GLN A 70 -2.55 2.72 -9.26
N MET A 71 -1.24 2.56 -8.99
CA MET A 71 -0.46 1.45 -9.47
C MET A 71 -0.84 0.21 -8.66
N LEU A 72 -1.15 0.38 -7.37
CA LEU A 72 -1.62 -0.70 -6.52
C LEU A 72 -2.83 -1.34 -7.20
N LEU A 73 -3.69 -0.49 -7.76
CA LEU A 73 -4.89 -0.97 -8.44
C LEU A 73 -4.57 -1.64 -9.78
N THR A 74 -3.47 -1.25 -10.41
CA THR A 74 -3.08 -1.79 -11.70
C THR A 74 -2.24 -3.06 -11.52
N LYS A 75 -1.59 -3.20 -10.36
CA LYS A 75 -0.76 -4.36 -10.07
C LYS A 75 -1.60 -5.59 -9.75
N LEU A 76 -2.87 -5.41 -9.36
CA LEU A 76 -3.79 -6.48 -9.05
C LEU A 76 -4.11 -7.32 -10.31
N PRO A 77 -4.77 -6.77 -11.35
CA PRO A 77 -5.10 -7.49 -12.56
C PRO A 77 -3.82 -7.88 -13.31
N THR A 78 -3.47 -9.17 -13.20
CA THR A 78 -2.28 -9.77 -13.77
C THR A 78 -2.60 -10.48 -15.10
N ILE A 79 -3.73 -11.19 -15.15
CA ILE A 79 -4.17 -11.92 -16.34
C ILE A 79 -4.68 -10.96 -17.39
N SER A 80 -5.49 -9.98 -16.98
CA SER A 80 -6.08 -8.99 -17.87
C SER A 80 -5.02 -8.38 -18.79
N GLN A 81 -3.89 -7.97 -18.20
CA GLN A 81 -2.77 -7.38 -18.92
C GLN A 81 -2.28 -8.32 -20.02
N ARG A 82 -2.20 -9.61 -19.70
CA ARG A 82 -1.73 -10.64 -20.61
C ARG A 82 -2.67 -10.83 -21.79
N ILE A 83 -4.01 -10.75 -21.60
CA ILE A 83 -4.94 -10.90 -22.72
C ILE A 83 -4.66 -9.79 -23.72
N VAL A 84 -4.63 -8.55 -23.19
CA VAL A 84 -4.37 -7.37 -24.00
C VAL A 84 -3.07 -7.55 -24.77
N SER A 85 -2.00 -7.91 -24.06
CA SER A 85 -0.69 -8.16 -24.64
C SER A 85 -0.60 -9.54 -25.31
N ALA A 86 -1.71 -9.99 -25.93
CA ALA A 86 -1.83 -11.25 -26.63
C ALA A 86 -3.11 -11.28 -27.49
N GLN A 87 -3.58 -10.11 -27.95
CA GLN A 87 -4.78 -9.97 -28.76
C GLN A 87 -4.49 -10.45 -30.20
N SER A 88 -4.31 -11.77 -30.36
CA SER A 88 -3.99 -12.52 -31.58
C SER A 88 -3.47 -13.91 -31.22
N LEU A 89 -2.88 -14.07 -30.02
CA LEU A 89 -2.31 -15.30 -29.51
C LEU A 89 -2.78 -15.50 -28.07
N GLY A 90 -4.09 -15.42 -27.82
CA GLY A 90 -4.68 -15.56 -26.50
C GLY A 90 -6.09 -16.14 -26.61
N GLU A 91 -6.21 -17.24 -27.37
CA GLU A 91 -7.47 -17.92 -27.60
C GLU A 91 -7.71 -18.95 -26.48
N ASP A 92 -8.93 -19.50 -26.39
CA ASP A 92 -9.32 -20.46 -25.37
C ASP A 92 -9.37 -21.89 -25.93
N ASP A 93 -8.81 -22.87 -25.20
CA ASP A 93 -8.85 -24.28 -25.59
C ASP A 93 -10.17 -24.85 -25.09
N VAL A 94 -11.28 -24.38 -25.69
CA VAL A 94 -12.64 -24.77 -25.33
C VAL A 94 -12.80 -26.30 -25.25
N GLU A 95 -13.50 -26.77 -24.22
CA GLU A 95 -13.79 -28.16 -23.95
C GLU A 95 -15.20 -28.21 -23.33
N GLY B 1 3.87 12.68 1.87
CA GLY B 1 5.27 13.17 1.81
C GLY B 1 6.19 12.17 2.48
N PRO B 2 7.52 12.41 2.46
CA PRO B 2 8.48 11.51 3.09
C PRO B 2 8.12 11.34 4.57
N ARG B 3 8.11 10.09 5.03
CA ARG B 3 7.78 9.70 6.39
C ARG B 3 6.31 10.00 6.71
N LEU B 4 5.41 9.47 5.87
CA LEU B 4 3.96 9.60 5.95
C LEU B 4 3.47 9.36 7.39
N SER B 5 2.94 10.40 8.04
CA SER B 5 2.41 10.27 9.40
C SER B 5 1.63 11.50 9.88
N ARG B 6 1.05 12.29 8.97
CA ARG B 6 0.26 13.45 9.36
C ARG B 6 -1.02 12.93 10.01
N LEU B 7 -1.87 12.28 9.21
CA LEU B 7 -3.12 11.70 9.64
C LEU B 7 -2.93 10.75 10.81
N LEU B 8 -1.85 9.96 10.82
CA LEU B 8 -1.63 8.96 11.85
C LEU B 8 -1.52 9.57 13.26
N SER B 9 -1.31 10.89 13.38
CA SER B 9 -1.29 11.54 14.68
C SER B 9 -2.66 11.41 15.36
N TYR B 10 -3.70 11.03 14.60
CA TYR B 10 -5.07 10.84 15.05
C TYR B 10 -5.27 9.55 15.87
N ALA B 11 -4.21 8.74 16.04
CA ALA B 11 -4.28 7.45 16.71
C ALA B 11 -2.86 7.03 17.12
N ARG A 1 18.26 -17.77 10.56
CA ARG A 1 17.89 -19.04 11.17
C ARG A 1 16.46 -19.39 10.75
N ALA A 2 15.51 -19.54 11.69
CA ALA A 2 14.13 -19.84 11.35
C ALA A 2 13.54 -18.68 10.53
N GLY A 3 12.56 -18.97 9.66
CA GLY A 3 11.94 -17.96 8.82
C GLY A 3 11.19 -16.93 9.67
N LEU A 4 11.47 -15.63 9.44
CA LEU A 4 10.81 -14.56 10.16
C LEU A 4 9.33 -14.57 9.83
N SER A 5 8.50 -14.10 10.77
CA SER A 5 7.07 -14.03 10.62
C SER A 5 6.53 -13.07 11.67
N LYS A 6 6.07 -11.90 11.20
CA LYS A 6 5.48 -10.83 11.97
C LYS A 6 6.52 -10.14 12.88
N LEU A 7 6.33 -8.85 13.20
CA LEU A 7 7.23 -8.15 14.11
C LEU A 7 6.76 -8.54 15.51
N PRO A 8 5.62 -8.02 16.04
CA PRO A 8 5.11 -8.49 17.31
C PRO A 8 4.35 -9.79 17.01
N ASP A 9 3.64 -10.35 17.99
CA ASP A 9 2.87 -11.57 17.74
C ASP A 9 1.51 -11.26 17.09
N LEU A 10 1.22 -9.97 16.90
CA LEU A 10 -0.02 -9.39 16.39
C LEU A 10 -1.08 -9.26 17.47
N LYS A 11 -0.92 -10.07 18.51
CA LYS A 11 -1.75 -10.05 19.70
C LYS A 11 -1.52 -8.69 20.39
N ASP A 12 -0.29 -8.17 20.27
CA ASP A 12 0.13 -6.89 20.82
C ASP A 12 -0.37 -5.79 19.91
N ALA A 13 -0.93 -4.74 20.51
CA ALA A 13 -1.53 -3.61 19.80
C ALA A 13 -0.58 -2.46 19.50
N GLU A 14 0.04 -1.90 20.54
CA GLU A 14 0.95 -0.77 20.48
C GLU A 14 2.04 -0.99 19.43
N ALA A 15 2.60 -2.19 19.41
CA ALA A 15 3.65 -2.58 18.48
C ALA A 15 3.11 -2.73 17.06
N VAL A 16 1.81 -3.07 16.94
CA VAL A 16 1.17 -3.21 15.64
C VAL A 16 0.88 -1.82 15.12
N GLN A 17 0.60 -0.88 16.03
CA GLN A 17 0.35 0.51 15.65
C GLN A 17 1.67 1.10 15.16
N LYS A 18 2.74 0.88 15.94
CA LYS A 18 4.07 1.36 15.61
C LYS A 18 4.47 0.83 14.23
N PHE A 19 4.32 -0.48 14.04
CA PHE A 19 4.63 -1.22 12.82
C PHE A 19 3.81 -0.73 11.63
N PHE A 20 2.47 -0.70 11.76
CA PHE A 20 1.56 -0.26 10.70
C PHE A 20 2.09 1.07 10.12
N LEU A 21 2.35 2.00 11.03
CA LEU A 21 2.90 3.31 10.73
C LEU A 21 4.32 3.21 10.18
N GLU A 22 5.17 2.37 10.75
CA GLU A 22 6.55 2.20 10.29
C GLU A 22 6.55 1.81 8.82
N GLU A 23 5.56 1.03 8.38
CA GLU A 23 5.44 0.55 7.01
C GLU A 23 4.82 1.64 6.14
N ILE A 24 3.82 2.36 6.67
CA ILE A 24 3.17 3.47 5.96
C ILE A 24 4.27 4.49 5.59
N GLN A 25 5.11 4.84 6.57
CA GLN A 25 6.20 5.79 6.42
C GLN A 25 7.34 5.23 5.58
N LEU A 26 7.78 4.01 5.88
CA LEU A 26 8.86 3.33 5.15
C LEU A 26 8.51 3.29 3.66
N GLY A 27 7.28 2.91 3.31
CA GLY A 27 6.85 2.87 1.92
C GLY A 27 6.94 4.28 1.34
N GLU A 28 6.18 5.24 1.87
CA GLU A 28 6.26 6.61 1.35
C GLU A 28 7.70 7.14 1.24
N GLU A 29 8.60 6.73 2.13
CA GLU A 29 10.01 7.11 2.12
C GLU A 29 10.74 6.42 0.97
N LEU A 30 10.53 5.11 0.77
CA LEU A 30 11.17 4.40 -0.34
C LEU A 30 10.71 5.01 -1.65
N LEU A 31 9.43 5.38 -1.74
CA LEU A 31 8.88 6.05 -2.91
C LEU A 31 9.53 7.41 -3.06
N ALA A 32 9.85 8.05 -1.93
CA ALA A 32 10.57 9.31 -1.94
C ALA A 32 11.92 9.14 -2.68
N GLN A 33 12.41 7.90 -2.79
CA GLN A 33 13.63 7.55 -3.51
C GLN A 33 13.21 7.18 -4.94
N GLY A 34 12.09 6.44 -5.04
CA GLY A 34 11.47 6.01 -6.29
C GLY A 34 11.10 4.53 -6.31
N ASP A 35 11.15 3.80 -5.18
CA ASP A 35 10.84 2.36 -5.21
C ASP A 35 9.33 2.04 -5.09
N TYR A 36 8.55 2.56 -6.04
CA TYR A 36 7.11 2.39 -6.19
C TYR A 36 6.65 0.96 -5.98
N GLU A 37 7.41 0.02 -6.55
CA GLU A 37 7.12 -1.40 -6.46
C GLU A 37 7.11 -1.85 -5.01
N LYS A 38 8.09 -1.37 -4.24
CA LYS A 38 8.16 -1.68 -2.82
C LYS A 38 7.03 -0.98 -2.08
N GLY A 39 6.63 0.22 -2.52
CA GLY A 39 5.51 0.89 -1.86
C GLY A 39 4.24 0.08 -2.03
N VAL A 40 4.04 -0.53 -3.20
CA VAL A 40 2.83 -1.33 -3.43
C VAL A 40 2.82 -2.51 -2.46
N ASP A 41 3.95 -3.20 -2.33
CA ASP A 41 4.12 -4.36 -1.47
C ASP A 41 3.93 -3.98 0.01
N HIS A 42 4.67 -2.97 0.46
CA HIS A 42 4.63 -2.48 1.83
C HIS A 42 3.26 -1.94 2.16
N LEU A 43 2.60 -1.26 1.22
CA LEU A 43 1.27 -0.77 1.50
C LEU A 43 0.38 -2.00 1.62
N THR A 44 0.50 -2.98 0.71
CA THR A 44 -0.29 -4.21 0.77
C THR A 44 -0.18 -4.84 2.16
N ASN A 45 1.03 -4.79 2.73
CA ASN A 45 1.31 -5.33 4.06
C ASN A 45 0.58 -4.48 5.12
N ALA A 46 0.62 -3.16 4.97
CA ALA A 46 -0.07 -2.27 5.89
C ALA A 46 -1.56 -2.66 5.92
N ILE A 47 -2.16 -2.95 4.76
CA ILE A 47 -3.55 -3.41 4.66
C ILE A 47 -3.72 -4.73 5.40
N ALA A 48 -2.73 -5.61 5.28
CA ALA A 48 -2.74 -6.94 5.88
C ALA A 48 -2.84 -6.87 7.40
N VAL A 49 -2.24 -5.83 7.98
CA VAL A 49 -2.26 -5.67 9.43
C VAL A 49 -3.34 -4.67 9.86
N CYS A 50 -3.93 -3.92 8.92
CA CYS A 50 -4.99 -2.98 9.25
C CYS A 50 -6.34 -3.70 9.20
N GLY A 51 -6.65 -4.34 8.06
CA GLY A 51 -7.91 -5.07 7.89
C GLY A 51 -9.07 -4.16 7.48
N GLN A 52 -8.82 -2.85 7.42
CA GLN A 52 -9.78 -1.83 7.03
C GLN A 52 -9.07 -1.00 5.95
N PRO A 53 -8.68 -1.63 4.82
CA PRO A 53 -7.96 -0.97 3.74
C PRO A 53 -8.59 0.32 3.26
N GLN A 54 -9.87 0.26 2.91
CA GLN A 54 -10.62 1.38 2.36
C GLN A 54 -10.58 2.60 3.27
N GLN A 55 -10.60 2.40 4.60
CA GLN A 55 -10.49 3.53 5.51
C GLN A 55 -9.13 4.17 5.30
N LEU A 56 -8.09 3.34 5.23
CA LEU A 56 -6.74 3.81 5.02
C LEU A 56 -6.62 4.51 3.66
N LEU A 57 -7.21 3.96 2.60
CA LEU A 57 -7.11 4.59 1.29
C LEU A 57 -7.76 5.98 1.32
N GLN A 58 -8.88 6.12 2.02
CA GLN A 58 -9.53 7.42 2.18
C GLN A 58 -8.62 8.34 3.00
N VAL A 59 -8.05 7.82 4.09
CA VAL A 59 -7.17 8.56 4.98
C VAL A 59 -5.92 9.06 4.28
N LEU A 60 -5.45 8.30 3.28
CA LEU A 60 -4.27 8.69 2.54
C LEU A 60 -4.71 9.78 1.57
N GLN A 61 -5.90 9.62 0.97
CA GLN A 61 -6.41 10.61 0.03
C GLN A 61 -6.69 11.95 0.71
N GLN A 62 -7.05 11.91 2.00
CA GLN A 62 -7.36 13.11 2.78
C GLN A 62 -6.11 13.96 2.96
N THR A 63 -4.96 13.30 3.19
CA THR A 63 -3.71 14.03 3.39
C THR A 63 -3.02 14.37 2.07
N LEU A 64 -3.06 13.47 1.09
CA LEU A 64 -2.42 13.69 -0.20
C LEU A 64 -2.90 12.68 -1.25
N PRO A 65 -3.07 13.08 -2.53
CA PRO A 65 -3.50 12.15 -3.58
C PRO A 65 -2.38 11.12 -3.79
N PRO A 66 -2.62 9.82 -3.50
CA PRO A 66 -1.62 8.78 -3.63
C PRO A 66 -1.49 8.29 -5.08
N PRO A 67 -0.35 8.51 -5.76
CA PRO A 67 -0.15 8.07 -7.13
C PRO A 67 0.13 6.56 -7.13
N VAL A 68 0.90 6.10 -6.14
CA VAL A 68 1.28 4.70 -5.96
C VAL A 68 0.04 3.86 -5.79
N PHE A 69 -0.93 4.34 -5.01
CA PHE A 69 -2.22 3.68 -4.82
C PHE A 69 -2.77 3.23 -6.17
N GLN A 70 -2.74 4.11 -7.17
CA GLN A 70 -3.26 3.81 -8.51
C GLN A 70 -2.48 2.65 -9.15
N MET A 71 -1.19 2.55 -8.84
CA MET A 71 -0.28 1.53 -9.33
C MET A 71 -0.44 0.25 -8.51
N LEU A 72 -0.86 0.36 -7.24
CA LEU A 72 -1.14 -0.78 -6.39
C LEU A 72 -2.35 -1.47 -6.99
N LEU A 73 -3.35 -0.67 -7.36
CA LEU A 73 -4.57 -1.19 -7.94
C LEU A 73 -4.35 -1.84 -9.30
N THR A 74 -3.30 -1.40 -10.00
CA THR A 74 -2.93 -1.92 -11.30
C THR A 74 -1.97 -3.09 -11.16
N LYS A 75 -1.22 -3.16 -10.04
CA LYS A 75 -0.29 -4.26 -9.79
C LYS A 75 -1.04 -5.54 -9.43
N LEU A 76 -2.17 -5.42 -8.72
CA LEU A 76 -3.00 -6.54 -8.31
C LEU A 76 -3.43 -7.39 -9.53
N PRO A 77 -4.22 -6.87 -10.48
CA PRO A 77 -4.63 -7.58 -11.68
C PRO A 77 -3.50 -7.51 -12.72
N THR A 78 -3.76 -8.06 -13.92
CA THR A 78 -2.82 -8.06 -15.03
C THR A 78 -3.49 -7.41 -16.24
N ILE A 79 -4.68 -7.90 -16.57
CA ILE A 79 -5.51 -7.44 -17.69
C ILE A 79 -5.65 -5.93 -17.70
N SER A 80 -5.91 -5.34 -16.52
CA SER A 80 -6.09 -3.90 -16.37
C SER A 80 -4.90 -3.14 -16.95
N GLN A 81 -3.68 -3.64 -16.69
CA GLN A 81 -2.45 -3.04 -17.19
C GLN A 81 -2.45 -3.00 -18.72
N ARG A 82 -3.01 -4.03 -19.34
CA ARG A 82 -3.07 -4.15 -20.79
C ARG A 82 -4.01 -3.10 -21.39
N ILE A 83 -5.16 -2.81 -20.76
CA ILE A 83 -6.10 -1.82 -21.29
C ILE A 83 -5.41 -0.47 -21.27
N VAL A 84 -4.82 -0.13 -20.13
CA VAL A 84 -4.10 1.14 -19.99
C VAL A 84 -2.98 1.21 -21.03
N SER A 85 -2.24 0.11 -21.18
CA SER A 85 -1.15 0.01 -22.13
C SER A 85 -1.63 -0.38 -23.53
N ALA A 86 -2.83 0.04 -23.91
CA ALA A 86 -3.41 -0.24 -25.22
C ALA A 86 -2.85 0.73 -26.28
N GLN A 87 -1.52 0.76 -26.43
CA GLN A 87 -0.84 1.63 -27.37
C GLN A 87 -0.93 1.05 -28.80
N SER A 88 -2.15 0.99 -29.34
CA SER A 88 -2.51 0.49 -30.66
C SER A 88 -4.01 0.21 -30.67
N LEU A 89 -4.48 -0.52 -29.65
CA LEU A 89 -5.88 -0.89 -29.46
C LEU A 89 -6.58 0.14 -28.58
N GLY A 90 -6.20 1.41 -28.79
CA GLY A 90 -6.74 2.56 -28.06
C GLY A 90 -6.75 3.78 -28.94
N GLU A 91 -7.42 3.68 -30.09
CA GLU A 91 -7.58 4.74 -31.09
C GLU A 91 -8.94 4.52 -31.75
N ASP A 92 -9.69 5.60 -32.03
CA ASP A 92 -11.02 5.58 -32.61
C ASP A 92 -12.02 4.75 -31.79
N ASP A 93 -13.27 4.66 -32.26
CA ASP A 93 -14.36 3.92 -31.63
C ASP A 93 -15.54 3.87 -32.61
N VAL A 94 -16.51 2.99 -32.34
CA VAL A 94 -17.73 2.77 -33.12
C VAL A 94 -17.51 2.89 -34.63
N GLU A 95 -16.60 2.08 -35.15
CA GLU A 95 -16.23 2.02 -36.56
C GLU A 95 -15.71 0.60 -36.83
N GLY B 1 7.26 14.42 0.97
CA GLY B 1 8.35 14.29 1.96
C GLY B 1 8.61 12.81 2.25
N PRO B 2 9.78 12.45 2.80
CA PRO B 2 10.14 11.07 3.11
C PRO B 2 9.46 10.57 4.39
N ARG B 3 8.13 10.64 4.44
CA ARG B 3 7.30 10.21 5.55
C ARG B 3 5.83 10.48 5.20
N LEU B 4 4.93 9.87 5.96
CA LEU B 4 3.49 9.96 5.81
C LEU B 4 2.90 9.56 7.17
N SER B 5 2.62 10.54 8.03
CA SER B 5 2.09 10.27 9.36
C SER B 5 1.30 11.46 9.92
N ARG B 6 0.81 12.34 9.05
CA ARG B 6 0.02 13.50 9.46
C ARG B 6 -1.30 12.98 10.03
N LEU B 7 -2.08 12.28 9.20
CA LEU B 7 -3.34 11.70 9.61
C LEU B 7 -3.17 10.75 10.77
N LEU B 8 -2.10 9.94 10.80
CA LEU B 8 -1.91 8.93 11.83
C LEU B 8 -1.81 9.53 13.24
N SER B 9 -1.60 10.84 13.37
CA SER B 9 -1.59 11.50 14.67
C SER B 9 -2.97 11.37 15.34
N TYR B 10 -4.01 11.06 14.56
CA TYR B 10 -5.40 10.90 14.98
C TYR B 10 -5.69 9.66 15.83
N ALA B 11 -4.72 8.77 16.02
CA ALA B 11 -4.89 7.52 16.73
C ALA B 11 -3.58 7.08 17.37
N ARG A 1 3.62 -6.39 25.80
CA ARG A 1 4.25 -5.62 26.88
C ARG A 1 5.11 -4.48 26.30
N ALA A 2 6.42 -4.66 26.26
CA ALA A 2 7.39 -3.69 25.75
C ALA A 2 7.71 -3.96 24.29
N GLY A 3 8.54 -3.10 23.68
CA GLY A 3 8.94 -3.22 22.30
C GLY A 3 9.95 -4.36 22.11
N LEU A 4 10.12 -4.79 20.86
CA LEU A 4 11.04 -5.87 20.50
C LEU A 4 11.55 -5.60 19.08
N SER A 5 10.68 -5.68 18.06
CA SER A 5 11.02 -5.39 16.67
C SER A 5 9.77 -5.18 15.81
N LYS A 6 9.71 -5.80 14.62
CA LYS A 6 8.60 -5.72 13.67
C LYS A 6 7.71 -6.95 13.89
N LEU A 7 6.37 -6.79 13.92
CA LEU A 7 5.43 -7.87 14.19
C LEU A 7 5.90 -8.79 15.32
N PRO A 8 6.16 -8.24 16.51
CA PRO A 8 6.64 -8.99 17.65
C PRO A 8 5.48 -9.79 18.27
N ASP A 9 4.91 -9.29 19.37
CA ASP A 9 3.79 -9.92 20.06
C ASP A 9 2.56 -9.98 19.14
N LEU A 10 2.28 -8.89 18.40
CA LEU A 10 1.19 -8.75 17.45
C LEU A 10 -0.21 -8.66 18.08
N LYS A 11 -0.41 -9.17 19.29
CA LYS A 11 -1.69 -9.10 19.99
C LYS A 11 -1.89 -7.67 20.53
N ASP A 12 -0.80 -6.99 20.91
CA ASP A 12 -0.89 -5.64 21.44
C ASP A 12 -1.07 -4.68 20.27
N ALA A 13 -1.92 -3.69 20.50
CA ALA A 13 -2.30 -2.67 19.53
C ALA A 13 -1.13 -1.76 19.20
N GLU A 14 -0.44 -1.31 20.24
CA GLU A 14 0.72 -0.42 20.11
C GLU A 14 1.82 -1.07 19.25
N ALA A 15 1.96 -2.39 19.35
CA ALA A 15 2.94 -3.16 18.59
C ALA A 15 2.53 -3.26 17.12
N VAL A 16 1.24 -3.06 16.85
CA VAL A 16 0.67 -3.09 15.52
C VAL A 16 0.71 -1.68 14.97
N GLN A 17 0.51 -0.66 15.82
CA GLN A 17 0.56 0.73 15.37
C GLN A 17 1.99 1.06 14.96
N LYS A 18 2.97 0.74 15.82
CA LYS A 18 4.36 1.05 15.52
C LYS A 18 4.77 0.49 14.16
N PHE A 19 4.46 -0.78 13.91
CA PHE A 19 4.79 -1.45 12.67
C PHE A 19 3.98 -0.89 11.50
N PHE A 20 2.68 -0.71 11.68
CA PHE A 20 1.78 -0.22 10.64
C PHE A 20 2.34 1.11 10.13
N LEU A 21 2.62 2.04 11.05
CA LEU A 21 3.20 3.33 10.73
C LEU A 21 4.62 3.16 10.18
N GLU A 22 5.40 2.21 10.68
CA GLU A 22 6.74 1.99 10.15
C GLU A 22 6.65 1.63 8.67
N GLU A 23 5.60 0.91 8.26
CA GLU A 23 5.41 0.45 6.90
C GLU A 23 4.87 1.60 6.03
N ILE A 24 3.87 2.32 6.55
CA ILE A 24 3.31 3.52 5.91
C ILE A 24 4.52 4.40 5.52
N GLN A 25 5.35 4.72 6.53
CA GLN A 25 6.52 5.57 6.36
C GLN A 25 7.61 4.96 5.48
N LEU A 26 7.97 3.70 5.74
CA LEU A 26 9.00 2.98 4.99
C LEU A 26 8.66 3.00 3.50
N GLY A 27 7.40 2.71 3.15
CA GLY A 27 6.95 2.75 1.76
C GLY A 27 7.13 4.17 1.24
N GLU A 28 6.43 5.15 1.80
CA GLU A 28 6.56 6.55 1.38
C GLU A 28 8.02 6.97 1.17
N GLU A 29 8.90 6.53 2.07
CA GLU A 29 10.33 6.80 2.04
C GLU A 29 11.01 6.08 0.87
N LEU A 30 10.66 4.81 0.60
CA LEU A 30 11.21 4.09 -0.54
C LEU A 30 10.76 4.79 -1.82
N LEU A 31 9.51 5.27 -1.86
CA LEU A 31 8.99 6.01 -3.00
C LEU A 31 9.71 7.33 -3.11
N ALA A 32 10.15 7.88 -1.97
CA ALA A 32 10.98 9.08 -1.96
C ALA A 32 12.28 8.82 -2.74
N GLN A 33 12.66 7.55 -2.88
CA GLN A 33 13.82 7.10 -3.64
C GLN A 33 13.34 6.83 -5.07
N GLY A 34 12.14 6.28 -5.19
CA GLY A 34 11.43 5.97 -6.42
C GLY A 34 10.95 4.52 -6.50
N ASP A 35 10.99 3.74 -5.42
CA ASP A 35 10.61 2.32 -5.50
C ASP A 35 9.09 2.05 -5.36
N TYR A 36 8.29 2.68 -6.21
CA TYR A 36 6.82 2.57 -6.32
C TYR A 36 6.38 1.11 -6.37
N GLU A 37 7.16 0.28 -7.05
CA GLU A 37 6.94 -1.15 -7.17
C GLU A 37 6.83 -1.75 -5.78
N LYS A 38 7.77 -1.39 -4.91
CA LYS A 38 7.79 -1.82 -3.53
C LYS A 38 6.72 -1.10 -2.71
N GLY A 39 6.40 0.16 -3.03
CA GLY A 39 5.35 0.88 -2.33
C GLY A 39 4.05 0.10 -2.37
N VAL A 40 3.71 -0.48 -3.52
CA VAL A 40 2.48 -1.25 -3.66
C VAL A 40 2.48 -2.41 -2.66
N ASP A 41 3.59 -3.15 -2.61
CA ASP A 41 3.75 -4.31 -1.75
C ASP A 41 3.68 -3.93 -0.26
N HIS A 42 4.45 -2.94 0.13
CA HIS A 42 4.49 -2.49 1.51
C HIS A 42 3.15 -1.90 1.91
N LEU A 43 2.47 -1.19 1.00
CA LEU A 43 1.17 -0.68 1.37
C LEU A 43 0.27 -1.89 1.53
N THR A 44 0.31 -2.84 0.59
CA THR A 44 -0.50 -4.06 0.66
C THR A 44 -0.32 -4.75 2.04
N ASN A 45 0.91 -4.72 2.55
CA ASN A 45 1.24 -5.32 3.85
C ASN A 45 0.59 -4.48 4.96
N ALA A 46 0.65 -3.16 4.84
CA ALA A 46 0.01 -2.27 5.81
C ALA A 46 -1.48 -2.65 5.90
N ILE A 47 -2.13 -2.89 4.75
CA ILE A 47 -3.52 -3.35 4.70
C ILE A 47 -3.66 -4.71 5.39
N ALA A 48 -2.67 -5.58 5.24
CA ALA A 48 -2.69 -6.93 5.80
C ALA A 48 -2.75 -6.88 7.31
N VAL A 49 -2.19 -5.84 7.91
CA VAL A 49 -2.20 -5.69 9.35
C VAL A 49 -3.32 -4.75 9.81
N CYS A 50 -3.90 -3.94 8.90
CA CYS A 50 -4.98 -3.04 9.27
C CYS A 50 -6.33 -3.73 9.16
N GLY A 51 -6.60 -4.41 8.03
CA GLY A 51 -7.85 -5.13 7.79
C GLY A 51 -8.96 -4.23 7.27
N GLN A 52 -8.73 -2.92 7.18
CA GLN A 52 -9.67 -1.92 6.68
C GLN A 52 -8.98 -1.20 5.53
N PRO A 53 -8.74 -1.87 4.40
CA PRO A 53 -8.07 -1.27 3.25
C PRO A 53 -8.64 0.07 2.86
N GLN A 54 -9.94 0.09 2.58
CA GLN A 54 -10.67 1.26 2.13
C GLN A 54 -10.54 2.42 3.09
N GLN A 55 -10.58 2.17 4.41
CA GLN A 55 -10.40 3.26 5.36
C GLN A 55 -9.02 3.84 5.15
N LEU A 56 -7.99 2.99 5.04
CA LEU A 56 -6.65 3.48 4.83
C LEU A 56 -6.53 4.20 3.49
N LEU A 57 -7.15 3.70 2.42
CA LEU A 57 -7.04 4.38 1.13
C LEU A 57 -7.69 5.77 1.22
N GLN A 58 -8.80 5.86 1.95
CA GLN A 58 -9.49 7.12 2.18
C GLN A 58 -8.56 8.05 2.98
N VAL A 59 -7.98 7.53 4.07
CA VAL A 59 -7.07 8.26 4.95
C VAL A 59 -5.84 8.76 4.20
N LEU A 60 -5.36 8.00 3.20
CA LEU A 60 -4.20 8.36 2.39
C LEU A 60 -4.62 9.40 1.36
N GLN A 61 -5.85 9.34 0.87
CA GLN A 61 -6.35 10.27 -0.15
C GLN A 61 -6.77 11.62 0.47
N GLN A 62 -6.59 11.79 1.79
CA GLN A 62 -6.93 13.00 2.52
C GLN A 62 -5.68 13.76 2.92
N THR A 63 -4.60 13.03 3.26
CA THR A 63 -3.37 13.66 3.71
C THR A 63 -2.50 14.20 2.57
N LEU A 64 -2.13 13.35 1.61
CA LEU A 64 -1.29 13.69 0.46
C LEU A 64 -1.80 12.93 -0.75
N PRO A 65 -1.72 13.46 -1.99
CA PRO A 65 -2.14 12.75 -3.19
C PRO A 65 -1.24 11.53 -3.39
N PRO A 66 -1.76 10.29 -3.30
CA PRO A 66 -0.96 9.07 -3.42
C PRO A 66 -0.85 8.59 -4.87
N PRO A 67 0.34 8.66 -5.51
CA PRO A 67 0.52 8.18 -6.88
C PRO A 67 0.57 6.65 -6.89
N VAL A 68 1.28 6.07 -5.91
CA VAL A 68 1.44 4.63 -5.72
C VAL A 68 0.07 3.99 -5.62
N PHE A 69 -0.86 4.58 -4.88
CA PHE A 69 -2.23 4.10 -4.75
C PHE A 69 -2.83 3.76 -6.12
N GLN A 70 -2.53 4.58 -7.14
CA GLN A 70 -3.06 4.32 -8.48
C GLN A 70 -2.45 3.05 -9.09
N MET A 71 -1.18 2.76 -8.78
CA MET A 71 -0.49 1.58 -9.25
C MET A 71 -0.97 0.40 -8.42
N LEU A 72 -1.20 0.61 -7.13
CA LEU A 72 -1.71 -0.37 -6.19
C LEU A 72 -2.98 -0.93 -6.79
N LEU A 73 -3.84 -0.01 -7.22
CA LEU A 73 -5.12 -0.33 -7.84
C LEU A 73 -4.97 -1.04 -9.17
N THR A 74 -3.94 -0.67 -9.92
CA THR A 74 -3.69 -1.26 -11.22
C THR A 74 -3.04 -2.62 -11.06
N LYS A 75 -2.35 -2.86 -9.93
CA LYS A 75 -1.72 -4.14 -9.69
C LYS A 75 -2.74 -5.27 -9.53
N LEU A 76 -3.97 -5.03 -9.03
CA LEU A 76 -5.02 -6.04 -8.91
C LEU A 76 -5.31 -6.74 -10.26
N PRO A 77 -5.84 -6.06 -11.29
CA PRO A 77 -6.16 -6.66 -12.57
C PRO A 77 -4.90 -7.03 -13.36
N THR A 78 -4.69 -8.33 -13.58
CA THR A 78 -3.57 -8.88 -14.32
C THR A 78 -4.09 -9.51 -15.62
N ILE A 79 -5.10 -10.37 -15.51
CA ILE A 79 -5.69 -11.06 -16.66
C ILE A 79 -6.40 -10.03 -17.54
N SER A 80 -7.19 -9.17 -16.90
CA SER A 80 -7.95 -8.13 -17.56
C SER A 80 -7.05 -7.31 -18.49
N GLN A 81 -5.87 -6.93 -18.00
CA GLN A 81 -4.88 -6.18 -18.77
C GLN A 81 -4.53 -6.92 -20.05
N ARG A 82 -4.33 -8.24 -19.93
CA ARG A 82 -3.97 -9.10 -21.06
C ARG A 82 -5.07 -9.09 -22.12
N ILE A 83 -6.36 -9.16 -21.74
CA ILE A 83 -7.44 -9.18 -22.72
C ILE A 83 -7.43 -7.86 -23.48
N VAL A 84 -7.45 -6.75 -22.73
CA VAL A 84 -7.45 -5.41 -23.34
C VAL A 84 -6.29 -5.25 -24.31
N SER A 85 -5.10 -5.72 -23.91
CA SER A 85 -3.90 -5.67 -24.72
C SER A 85 -3.89 -6.74 -25.84
N ALA A 86 -5.04 -6.92 -26.50
CA ALA A 86 -5.25 -7.88 -27.58
C ALA A 86 -6.62 -7.70 -28.23
N GLN A 87 -7.65 -7.37 -27.43
CA GLN A 87 -9.04 -7.16 -27.85
C GLN A 87 -9.15 -6.43 -29.18
N SER A 88 -8.37 -5.36 -29.25
CA SER A 88 -8.20 -4.48 -30.39
C SER A 88 -6.70 -4.21 -30.58
N LEU A 89 -5.87 -5.18 -30.17
CA LEU A 89 -4.41 -5.18 -30.19
C LEU A 89 -3.86 -3.82 -29.74
N GLY A 90 -4.44 -3.28 -28.67
CA GLY A 90 -4.10 -2.00 -28.09
C GLY A 90 -5.37 -1.17 -27.90
N GLU A 91 -5.43 -0.01 -28.56
CA GLU A 91 -6.57 0.92 -28.47
C GLU A 91 -7.75 0.41 -29.32
N ASP A 92 -8.99 0.73 -28.91
CA ASP A 92 -10.24 0.36 -29.56
C ASP A 92 -11.09 1.61 -29.83
N ASP A 93 -12.29 1.42 -30.37
CA ASP A 93 -13.25 2.48 -30.66
C ASP A 93 -14.67 1.92 -30.45
N VAL A 94 -15.66 2.80 -30.50
CA VAL A 94 -17.08 2.51 -30.32
C VAL A 94 -17.83 2.80 -31.62
N GLU A 95 -17.40 3.83 -32.38
CA GLU A 95 -18.03 4.24 -33.62
C GLU A 95 -17.63 3.32 -34.77
N GLY B 1 13.39 10.29 3.57
CA GLY B 1 12.31 10.88 2.76
C GLY B 1 11.45 11.81 3.62
N PRO B 2 10.48 12.53 3.01
CA PRO B 2 9.61 13.45 3.72
C PRO B 2 8.62 12.68 4.60
N ARG B 3 8.08 11.56 4.09
CA ARG B 3 7.12 10.69 4.74
C ARG B 3 5.75 11.37 4.90
N LEU B 4 4.72 10.59 5.20
CA LEU B 4 3.35 11.05 5.40
C LEU B 4 2.88 10.61 6.79
N SER B 5 1.93 11.35 7.34
CA SER B 5 1.31 11.07 8.63
C SER B 5 0.12 12.01 8.80
N ARG B 6 0.01 12.67 9.97
CA ARG B 6 -1.07 13.56 10.36
C ARG B 6 -2.25 12.69 10.80
N LEU B 7 -2.79 11.90 9.86
CA LEU B 7 -3.91 11.02 10.14
C LEU B 7 -3.59 9.95 11.18
N LEU B 8 -2.41 9.34 11.14
CA LEU B 8 -2.05 8.25 12.04
C LEU B 8 -2.08 8.64 13.52
N SER B 9 -2.11 9.94 13.84
CA SER B 9 -2.23 10.39 15.23
C SER B 9 -3.60 10.01 15.81
N TYR B 10 -4.56 9.62 14.94
CA TYR B 10 -5.91 9.20 15.27
C TYR B 10 -6.00 7.82 15.94
N ALA B 11 -4.88 7.12 16.11
CA ALA B 11 -4.84 5.77 16.63
C ALA B 11 -3.43 5.45 17.16
N ARG A 1 13.03 -14.44 28.66
CA ARG A 1 13.53 -13.50 27.64
C ARG A 1 12.55 -12.34 27.49
N ALA A 2 11.76 -12.32 26.40
CA ALA A 2 10.77 -11.30 26.09
C ALA A 2 11.42 -9.95 25.74
N GLY A 3 10.60 -9.01 25.25
CA GLY A 3 11.03 -7.68 24.85
C GLY A 3 10.13 -7.17 23.73
N LEU A 4 10.48 -6.02 23.14
CA LEU A 4 9.74 -5.44 22.04
C LEU A 4 9.95 -6.24 20.76
N SER A 5 9.10 -6.01 19.76
CA SER A 5 9.12 -6.64 18.46
C SER A 5 8.26 -5.81 17.52
N LYS A 6 8.59 -5.85 16.23
CA LYS A 6 7.89 -5.12 15.17
C LYS A 6 6.52 -5.77 14.98
N LEU A 7 6.54 -7.07 14.73
CA LEU A 7 5.40 -7.95 14.54
C LEU A 7 5.52 -9.02 15.63
N PRO A 8 4.85 -8.82 16.77
CA PRO A 8 4.87 -9.76 17.89
C PRO A 8 3.88 -10.89 17.57
N ASP A 9 2.81 -11.04 18.37
CA ASP A 9 1.77 -12.04 18.15
C ASP A 9 0.59 -11.39 17.42
N LEU A 10 0.69 -10.10 17.12
CA LEU A 10 -0.32 -9.25 16.47
C LEU A 10 -1.47 -8.88 17.40
N LYS A 11 -1.70 -9.71 18.41
CA LYS A 11 -2.67 -9.47 19.47
C LYS A 11 -2.34 -8.13 20.12
N ASP A 12 -1.04 -7.80 20.21
CA ASP A 12 -0.55 -6.54 20.73
C ASP A 12 -0.72 -5.53 19.61
N ALA A 13 -1.37 -4.42 19.94
CA ALA A 13 -1.72 -3.35 19.03
C ALA A 13 -0.67 -2.25 18.94
N GLU A 14 -0.19 -1.79 20.09
CA GLU A 14 0.79 -0.71 20.19
C GLU A 14 2.02 -1.00 19.33
N ALA A 15 2.53 -2.23 19.44
CA ALA A 15 3.69 -2.70 18.70
C ALA A 15 3.41 -2.68 17.19
N VAL A 16 2.16 -3.01 16.87
CA VAL A 16 1.68 -3.10 15.50
C VAL A 16 1.37 -1.69 14.99
N GLN A 17 1.07 -0.73 15.87
CA GLN A 17 0.86 0.64 15.43
C GLN A 17 2.24 1.14 15.01
N LYS A 18 3.26 0.82 15.82
CA LYS A 18 4.63 1.24 15.52
C LYS A 18 5.05 0.66 14.17
N PHE A 19 4.91 -0.66 14.00
CA PHE A 19 5.26 -1.34 12.76
C PHE A 19 4.43 -0.83 11.57
N PHE A 20 3.11 -0.68 11.76
CA PHE A 20 2.18 -0.25 10.71
C PHE A 20 2.67 1.09 10.18
N LEU A 21 2.93 2.03 11.10
CA LEU A 21 3.46 3.34 10.76
C LEU A 21 4.86 3.22 10.19
N GLU A 22 5.68 2.29 10.68
CA GLU A 22 7.01 2.12 10.13
C GLU A 22 6.89 1.73 8.65
N GLU A 23 5.86 0.96 8.29
CA GLU A 23 5.64 0.51 6.92
C GLU A 23 5.08 1.65 6.07
N ILE A 24 4.09 2.39 6.61
CA ILE A 24 3.51 3.57 5.95
C ILE A 24 4.68 4.52 5.62
N GLN A 25 5.56 4.77 6.62
CA GLN A 25 6.73 5.63 6.51
C GLN A 25 7.76 5.10 5.52
N LEU A 26 8.19 3.85 5.74
CA LEU A 26 9.19 3.13 4.95
C LEU A 26 8.78 3.16 3.47
N GLY A 27 7.52 2.86 3.18
CA GLY A 27 7.00 2.90 1.81
C GLY A 27 7.19 4.31 1.31
N GLU A 28 6.48 5.30 1.89
CA GLU A 28 6.63 6.70 1.50
C GLU A 28 8.07 7.13 1.23
N GLU A 29 9.00 6.73 2.11
CA GLU A 29 10.44 7.01 2.01
C GLU A 29 11.05 6.34 0.78
N LEU A 30 10.76 5.06 0.55
CA LEU A 30 11.27 4.36 -0.61
C LEU A 30 10.73 5.04 -1.87
N LEU A 31 9.46 5.45 -1.85
CA LEU A 31 8.84 6.16 -2.96
C LEU A 31 9.50 7.52 -3.10
N ALA A 32 9.93 8.10 -1.97
CA ALA A 32 10.68 9.35 -1.97
C ALA A 32 11.99 9.16 -2.75
N GLN A 33 12.44 7.90 -2.93
CA GLN A 33 13.61 7.53 -3.71
C GLN A 33 13.14 7.21 -5.13
N GLY A 34 11.96 6.59 -5.24
CA GLY A 34 11.27 6.23 -6.46
C GLY A 34 10.91 4.75 -6.55
N ASP A 35 10.95 3.99 -5.45
CA ASP A 35 10.65 2.55 -5.48
C ASP A 35 9.18 2.19 -5.26
N TYR A 36 8.32 2.80 -6.09
CA TYR A 36 6.86 2.66 -6.16
C TYR A 36 6.38 1.23 -6.03
N GLU A 37 7.04 0.31 -6.72
CA GLU A 37 6.66 -1.10 -6.69
C GLU A 37 6.77 -1.66 -5.29
N LYS A 38 7.80 -1.25 -4.57
CA LYS A 38 7.99 -1.66 -3.18
C LYS A 38 6.92 -0.99 -2.32
N GLY A 39 6.50 0.23 -2.68
CA GLY A 39 5.44 0.90 -1.97
C GLY A 39 4.15 0.10 -2.08
N VAL A 40 3.88 -0.51 -3.24
CA VAL A 40 2.67 -1.30 -3.41
C VAL A 40 2.68 -2.45 -2.41
N ASP A 41 3.81 -3.16 -2.30
CA ASP A 41 3.99 -4.28 -1.38
C ASP A 41 3.83 -3.86 0.07
N HIS A 42 4.59 -2.84 0.46
CA HIS A 42 4.61 -2.32 1.81
C HIS A 42 3.27 -1.73 2.19
N LEU A 43 2.56 -1.11 1.25
CA LEU A 43 1.26 -0.59 1.58
C LEU A 43 0.34 -1.79 1.76
N THR A 44 0.40 -2.78 0.86
CA THR A 44 -0.42 -3.98 0.97
C THR A 44 -0.26 -4.62 2.36
N ASN A 45 0.98 -4.61 2.85
CA ASN A 45 1.36 -5.16 4.13
C ASN A 45 0.73 -4.32 5.25
N ALA A 46 0.77 -2.98 5.09
CA ALA A 46 0.18 -2.08 6.06
C ALA A 46 -1.32 -2.48 6.21
N ILE A 47 -2.01 -2.77 5.10
CA ILE A 47 -3.39 -3.24 5.12
C ILE A 47 -3.51 -4.58 5.83
N ALA A 48 -2.52 -5.46 5.64
CA ALA A 48 -2.52 -6.81 6.19
C ALA A 48 -2.51 -6.78 7.71
N VAL A 49 -1.90 -5.75 8.29
CA VAL A 49 -1.83 -5.63 9.74
C VAL A 49 -2.89 -4.66 10.25
N CYS A 50 -3.47 -3.82 9.38
CA CYS A 50 -4.50 -2.87 9.80
C CYS A 50 -5.87 -3.56 9.80
N GLY A 51 -6.23 -4.21 8.69
CA GLY A 51 -7.51 -4.90 8.57
C GLY A 51 -8.67 -3.97 8.23
N GLN A 52 -8.38 -2.68 8.01
CA GLN A 52 -9.34 -1.65 7.64
C GLN A 52 -8.79 -0.96 6.40
N PRO A 53 -8.62 -1.71 5.28
CA PRO A 53 -8.07 -1.15 4.06
C PRO A 53 -8.72 0.14 3.62
N GLN A 54 -10.04 0.13 3.46
CA GLN A 54 -10.83 1.24 2.97
C GLN A 54 -10.62 2.51 3.77
N GLN A 55 -10.61 2.43 5.11
CA GLN A 55 -10.36 3.61 5.93
C GLN A 55 -9.00 4.17 5.59
N LEU A 56 -8.01 3.28 5.50
CA LEU A 56 -6.66 3.69 5.17
C LEU A 56 -6.60 4.28 3.75
N LEU A 57 -7.28 3.68 2.76
CA LEU A 57 -7.24 4.22 1.41
C LEU A 57 -7.84 5.62 1.39
N GLN A 58 -8.89 5.86 2.19
CA GLN A 58 -9.49 7.18 2.29
C GLN A 58 -8.46 8.12 2.91
N VAL A 59 -7.80 7.68 3.99
CA VAL A 59 -6.76 8.45 4.69
C VAL A 59 -5.59 8.80 3.77
N LEU A 60 -5.24 7.90 2.86
CA LEU A 60 -4.15 8.11 1.90
C LEU A 60 -4.61 8.99 0.75
N GLN A 61 -5.92 8.99 0.42
CA GLN A 61 -6.45 9.78 -0.68
C GLN A 61 -6.74 11.22 -0.27
N GLN A 62 -7.16 11.42 0.98
CA GLN A 62 -7.56 12.73 1.47
C GLN A 62 -6.41 13.55 2.07
N THR A 63 -5.36 12.89 2.57
CA THR A 63 -4.24 13.60 3.18
C THR A 63 -3.31 14.16 2.10
N LEU A 64 -3.27 13.52 0.93
CA LEU A 64 -2.44 13.93 -0.21
C LEU A 64 -2.84 13.11 -1.44
N PRO A 65 -2.66 13.61 -2.68
CA PRO A 65 -2.97 12.87 -3.89
C PRO A 65 -1.96 11.72 -4.03
N PRO A 66 -2.39 10.44 -3.95
CA PRO A 66 -1.51 9.28 -4.01
C PRO A 66 -1.43 8.63 -5.41
N PRO A 67 -0.45 8.96 -6.26
CA PRO A 67 -0.30 8.34 -7.56
C PRO A 67 0.13 6.87 -7.43
N VAL A 68 0.73 6.52 -6.29
CA VAL A 68 1.19 5.17 -5.99
C VAL A 68 -0.01 4.25 -5.79
N PHE A 69 -0.96 4.69 -4.98
CA PHE A 69 -2.21 3.98 -4.69
C PHE A 69 -2.81 3.38 -5.96
N GLN A 70 -2.92 4.19 -7.03
CA GLN A 70 -3.48 3.69 -8.29
C GLN A 70 -2.59 2.60 -8.91
N MET A 71 -1.27 2.75 -8.81
CA MET A 71 -0.26 1.80 -9.28
C MET A 71 -0.42 0.49 -8.49
N LEU A 72 -0.84 0.60 -7.21
CA LEU A 72 -1.12 -0.51 -6.33
C LEU A 72 -2.38 -1.21 -6.85
N LEU A 73 -3.36 -0.44 -7.29
CA LEU A 73 -4.59 -1.03 -7.80
C LEU A 73 -4.39 -1.74 -9.14
N THR A 74 -3.49 -1.21 -9.95
CA THR A 74 -3.16 -1.71 -11.27
C THR A 74 -2.23 -2.91 -11.13
N LYS A 75 -1.45 -2.98 -10.04
CA LYS A 75 -0.56 -4.11 -9.80
C LYS A 75 -1.35 -5.41 -9.53
N LEU A 76 -2.67 -5.32 -9.30
CA LEU A 76 -3.52 -6.48 -9.02
C LEU A 76 -3.77 -7.35 -10.27
N PRO A 77 -4.51 -6.88 -11.29
CA PRO A 77 -4.80 -7.64 -12.49
C PRO A 77 -3.53 -7.99 -13.27
N THR A 78 -3.43 -9.25 -13.71
CA THR A 78 -2.29 -9.79 -14.44
C THR A 78 -2.76 -10.65 -15.62
N ILE A 79 -3.75 -11.51 -15.42
CA ILE A 79 -4.26 -12.41 -16.44
C ILE A 79 -4.80 -11.59 -17.62
N SER A 80 -5.62 -10.60 -17.29
CA SER A 80 -6.22 -9.71 -18.29
C SER A 80 -5.12 -9.09 -19.18
N GLN A 81 -4.02 -8.66 -18.57
CA GLN A 81 -2.91 -8.07 -19.29
C GLN A 81 -2.33 -9.07 -20.28
N ARG A 82 -2.23 -10.34 -19.88
CA ARG A 82 -1.70 -11.40 -20.74
C ARG A 82 -2.52 -11.55 -22.01
N ILE A 83 -3.86 -11.56 -21.91
CA ILE A 83 -4.72 -11.74 -23.07
C ILE A 83 -4.44 -10.63 -24.08
N VAL A 84 -4.51 -9.38 -23.60
CA VAL A 84 -4.27 -8.21 -24.42
C VAL A 84 -2.88 -8.24 -25.04
N SER A 85 -1.87 -8.61 -24.25
CA SER A 85 -0.49 -8.73 -24.69
C SER A 85 -0.26 -10.05 -25.42
N ALA A 86 -1.17 -10.39 -26.35
CA ALA A 86 -1.17 -11.56 -27.20
C ALA A 86 -2.46 -11.52 -28.03
N GLN A 87 -2.85 -12.65 -28.63
CA GLN A 87 -4.06 -12.76 -29.47
C GLN A 87 -4.05 -11.62 -30.51
N SER A 88 -2.88 -11.44 -31.12
CA SER A 88 -2.58 -10.42 -32.11
C SER A 88 -1.14 -10.66 -32.58
N LEU A 89 -0.22 -10.80 -31.61
CA LEU A 89 1.19 -11.06 -31.83
C LEU A 89 1.47 -12.57 -31.88
N GLY A 90 0.52 -13.31 -32.45
CA GLY A 90 0.56 -14.75 -32.61
C GLY A 90 -0.48 -15.13 -33.67
N GLU A 91 -0.26 -16.24 -34.37
CA GLU A 91 -1.13 -16.71 -35.42
C GLU A 91 -2.42 -17.31 -34.84
N ASP A 92 -3.43 -17.52 -35.70
CA ASP A 92 -4.72 -18.10 -35.36
C ASP A 92 -4.75 -19.52 -35.94
N ASP A 93 -5.92 -20.13 -36.09
CA ASP A 93 -6.04 -21.47 -36.65
C ASP A 93 -5.79 -21.42 -38.17
N VAL A 94 -5.74 -22.60 -38.80
CA VAL A 94 -5.51 -22.79 -40.22
C VAL A 94 -6.65 -23.63 -40.84
N GLU A 95 -7.32 -24.47 -40.03
CA GLU A 95 -8.41 -25.32 -40.49
C GLU A 95 -9.72 -24.53 -40.52
N GLY B 1 3.69 10.34 -1.11
CA GLY B 1 4.22 11.54 -0.46
C GLY B 1 5.63 11.30 0.08
N PRO B 2 6.21 12.28 0.78
CA PRO B 2 7.55 12.20 1.34
C PRO B 2 7.60 11.27 2.55
N ARG B 3 6.84 11.60 3.61
CA ARG B 3 6.78 10.83 4.84
C ARG B 3 5.41 10.97 5.50
N LEU B 4 4.34 10.51 4.83
CA LEU B 4 2.98 10.55 5.34
C LEU B 4 2.89 9.95 6.75
N SER B 5 2.35 10.71 7.71
CA SER B 5 2.17 10.28 9.09
C SER B 5 1.26 11.19 9.93
N ARG B 6 1.08 12.46 9.53
CA ARG B 6 0.22 13.44 10.20
C ARG B 6 -1.10 12.81 10.65
N LEU B 7 -1.75 12.10 9.72
CA LEU B 7 -3.01 11.40 9.95
C LEU B 7 -2.91 10.35 11.05
N LEU B 8 -1.83 9.56 11.10
CA LEU B 8 -1.61 8.50 12.08
C LEU B 8 -1.22 9.14 13.42
N SER B 9 -2.24 9.76 14.00
CA SER B 9 -2.35 10.51 15.25
C SER B 9 -3.83 10.42 15.67
N TYR B 10 -4.73 10.37 14.67
CA TYR B 10 -6.17 10.19 14.74
C TYR B 10 -6.58 8.88 15.42
N ALA B 11 -5.61 8.00 15.72
CA ALA B 11 -5.75 6.69 16.32
C ALA B 11 -4.46 6.38 17.07
N ARG A 1 5.21 -6.04 26.80
CA ARG A 1 6.17 -5.63 27.84
C ARG A 1 6.98 -4.42 27.36
N ALA A 2 7.93 -3.95 28.18
CA ALA A 2 8.78 -2.81 27.89
C ALA A 2 9.77 -3.11 26.76
N GLY A 3 9.31 -3.08 25.50
CA GLY A 3 10.12 -3.34 24.32
C GLY A 3 9.48 -2.73 23.10
N LEU A 4 10.25 -2.59 22.01
CA LEU A 4 9.80 -2.02 20.75
C LEU A 4 10.63 -2.63 19.63
N SER A 5 9.95 -3.23 18.65
CA SER A 5 10.51 -3.88 17.48
C SER A 5 9.46 -3.84 16.37
N LYS A 6 9.76 -4.45 15.21
CA LYS A 6 8.87 -4.53 14.07
C LYS A 6 8.09 -5.85 14.23
N LEU A 7 6.75 -5.84 14.16
CA LEU A 7 5.92 -7.03 14.37
C LEU A 7 6.34 -7.76 15.66
N PRO A 8 6.32 -7.09 16.82
CA PRO A 8 6.72 -7.68 18.08
C PRO A 8 5.69 -8.69 18.58
N ASP A 9 4.54 -8.21 19.09
CA ASP A 9 3.49 -9.05 19.63
C ASP A 9 2.50 -9.50 18.55
N LEU A 10 2.08 -8.57 17.69
CA LEU A 10 1.14 -8.72 16.58
C LEU A 10 -0.32 -8.89 16.98
N LYS A 11 -0.59 -9.45 18.17
CA LYS A 11 -1.97 -9.59 18.65
C LYS A 11 -2.43 -8.25 19.23
N ASP A 12 -1.52 -7.50 19.85
CA ASP A 12 -1.83 -6.21 20.43
C ASP A 12 -1.89 -5.16 19.32
N ALA A 13 -2.78 -4.19 19.51
CA ALA A 13 -3.04 -3.11 18.57
C ALA A 13 -1.85 -2.16 18.49
N GLU A 14 -1.29 -1.80 19.64
CA GLU A 14 -0.13 -0.92 19.70
C GLU A 14 1.03 -1.53 18.92
N ALA A 15 1.22 -2.85 19.07
CA ALA A 15 2.28 -3.60 18.39
C ALA A 15 2.09 -3.60 16.88
N VAL A 16 0.86 -3.33 16.45
CA VAL A 16 0.48 -3.29 15.05
C VAL A 16 0.50 -1.82 14.61
N GLN A 17 0.22 -0.87 15.50
CA GLN A 17 0.21 0.55 15.17
C GLN A 17 1.63 1.01 14.87
N LYS A 18 2.55 0.71 15.79
CA LYS A 18 3.94 1.12 15.64
C LYS A 18 4.52 0.59 14.33
N PHE A 19 4.34 -0.70 14.06
CA PHE A 19 4.83 -1.28 12.81
C PHE A 19 4.04 -0.76 11.60
N PHE A 20 2.71 -0.68 11.68
CA PHE A 20 1.85 -0.22 10.58
C PHE A 20 2.35 1.13 10.09
N LEU A 21 2.61 2.04 11.04
CA LEU A 21 3.15 3.36 10.77
C LEU A 21 4.54 3.24 10.17
N GLU A 22 5.40 2.39 10.73
CA GLU A 22 6.74 2.21 10.17
C GLU A 22 6.64 1.75 8.70
N GLU A 23 5.59 1.00 8.35
CA GLU A 23 5.39 0.50 7.00
C GLU A 23 4.92 1.66 6.11
N ILE A 24 3.93 2.42 6.59
CA ILE A 24 3.40 3.62 5.95
C ILE A 24 4.62 4.48 5.57
N GLN A 25 5.48 4.79 6.56
CA GLN A 25 6.67 5.61 6.37
C GLN A 25 7.73 4.96 5.50
N LEU A 26 7.92 3.65 5.61
CA LEU A 26 8.92 2.88 4.86
C LEU A 26 8.57 2.92 3.37
N GLY A 27 7.33 2.57 2.99
CA GLY A 27 6.91 2.59 1.60
C GLY A 27 7.01 4.01 1.08
N GLU A 28 6.35 4.97 1.73
CA GLU A 28 6.41 6.36 1.30
C GLU A 28 7.87 6.84 1.11
N GLU A 29 8.78 6.40 1.97
CA GLU A 29 10.21 6.73 1.88
C GLU A 29 10.83 6.07 0.65
N LEU A 30 10.55 4.78 0.41
CA LEU A 30 11.10 4.11 -0.77
C LEU A 30 10.61 4.81 -2.03
N LEU A 31 9.35 5.23 -2.05
CA LEU A 31 8.80 5.99 -3.18
C LEU A 31 9.50 7.34 -3.26
N ALA A 32 9.87 7.89 -2.11
CA ALA A 32 10.66 9.10 -2.06
C ALA A 32 11.97 8.90 -2.84
N GLN A 33 12.41 7.65 -3.01
CA GLN A 33 13.59 7.27 -3.78
C GLN A 33 13.13 6.98 -5.22
N GLY A 34 11.93 6.39 -5.35
CA GLY A 34 11.26 6.06 -6.60
C GLY A 34 10.83 4.60 -6.70
N ASP A 35 10.88 3.81 -5.62
CA ASP A 35 10.54 2.38 -5.69
C ASP A 35 9.04 2.08 -5.56
N TYR A 36 8.24 2.64 -6.48
CA TYR A 36 6.80 2.50 -6.62
C TYR A 36 6.31 1.08 -6.41
N GLU A 37 7.01 0.12 -7.01
CA GLU A 37 6.65 -1.29 -6.90
C GLU A 37 6.75 -1.74 -5.46
N LYS A 38 7.81 -1.32 -4.78
CA LYS A 38 7.99 -1.65 -3.37
C LYS A 38 6.92 -0.96 -2.54
N GLY A 39 6.49 0.25 -2.92
CA GLY A 39 5.43 0.92 -2.18
C GLY A 39 4.14 0.11 -2.28
N VAL A 40 3.88 -0.52 -3.42
CA VAL A 40 2.66 -1.31 -3.57
C VAL A 40 2.71 -2.47 -2.56
N ASP A 41 3.85 -3.17 -2.49
CA ASP A 41 4.08 -4.30 -1.59
C ASP A 41 3.97 -3.88 -0.13
N HIS A 42 4.76 -2.87 0.25
CA HIS A 42 4.80 -2.38 1.61
C HIS A 42 3.48 -1.76 2.02
N LEU A 43 2.74 -1.14 1.08
CA LEU A 43 1.44 -0.64 1.46
C LEU A 43 0.59 -1.89 1.69
N THR A 44 0.67 -2.88 0.80
CA THR A 44 -0.09 -4.14 0.95
C THR A 44 0.12 -4.72 2.36
N ASN A 45 1.35 -4.61 2.88
CA ASN A 45 1.70 -5.09 4.21
C ASN A 45 0.93 -4.28 5.26
N ALA A 46 0.94 -2.94 5.09
CA ALA A 46 0.21 -2.05 5.97
C ALA A 46 -1.25 -2.52 6.05
N ILE A 47 -1.89 -2.78 4.90
CA ILE A 47 -3.26 -3.27 4.86
C ILE A 47 -3.38 -4.66 5.51
N ALA A 48 -2.35 -5.49 5.40
CA ALA A 48 -2.34 -6.84 5.93
C ALA A 48 -2.46 -6.83 7.45
N VAL A 49 -1.92 -5.76 8.07
CA VAL A 49 -1.98 -5.63 9.51
C VAL A 49 -3.11 -4.71 9.95
N CYS A 50 -3.65 -3.88 9.05
CA CYS A 50 -4.75 -2.98 9.38
C CYS A 50 -6.12 -3.65 9.18
N GLY A 51 -6.34 -4.30 8.04
CA GLY A 51 -7.59 -4.98 7.71
C GLY A 51 -8.71 -4.02 7.34
N GLN A 52 -8.37 -2.79 6.96
CA GLN A 52 -9.30 -1.74 6.56
C GLN A 52 -8.59 -0.93 5.48
N PRO A 53 -8.37 -1.51 4.28
CA PRO A 53 -7.69 -0.83 3.19
C PRO A 53 -8.30 0.54 2.90
N GLN A 54 -9.58 0.52 2.55
CA GLN A 54 -10.34 1.71 2.17
C GLN A 54 -10.32 2.81 3.22
N GLN A 55 -10.45 2.46 4.51
CA GLN A 55 -10.40 3.47 5.55
C GLN A 55 -9.06 4.19 5.48
N LEU A 56 -7.98 3.42 5.39
CA LEU A 56 -6.66 3.98 5.25
C LEU A 56 -6.57 4.74 3.93
N LEU A 57 -7.13 4.24 2.83
CA LEU A 57 -7.04 4.94 1.55
C LEU A 57 -7.65 6.32 1.63
N GLN A 58 -8.76 6.49 2.34
CA GLN A 58 -9.35 7.81 2.50
C GLN A 58 -8.40 8.68 3.32
N VAL A 59 -7.85 8.12 4.40
CA VAL A 59 -6.93 8.82 5.29
C VAL A 59 -5.61 9.21 4.62
N LEU A 60 -5.16 8.35 3.72
CA LEU A 60 -3.92 8.45 3.00
C LEU A 60 -4.15 9.37 1.80
N GLN A 61 -5.35 9.39 1.21
CA GLN A 61 -5.61 10.23 0.05
C GLN A 61 -5.81 11.69 0.47
N GLN A 62 -6.50 11.90 1.59
CA GLN A 62 -6.76 13.23 2.10
C GLN A 62 -5.47 13.92 2.53
N THR A 63 -4.53 13.16 3.13
CA THR A 63 -3.26 13.72 3.56
C THR A 63 -2.27 13.84 2.41
N LEU A 64 -2.33 12.93 1.43
CA LEU A 64 -1.41 12.93 0.29
C LEU A 64 -1.90 11.98 -0.81
N PRO A 65 -2.51 12.44 -1.91
CA PRO A 65 -2.99 11.56 -2.97
C PRO A 65 -1.81 10.78 -3.58
N PRO A 66 -1.66 9.47 -3.32
CA PRO A 66 -0.56 8.68 -3.83
C PRO A 66 -0.84 8.18 -5.25
N PRO A 67 -0.03 8.53 -6.26
CA PRO A 67 -0.24 8.02 -7.62
C PRO A 67 -0.04 6.50 -7.58
N VAL A 68 0.83 6.05 -6.67
CA VAL A 68 1.16 4.66 -6.39
C VAL A 68 -0.11 3.91 -6.03
N PHE A 69 -0.96 4.51 -5.18
CA PHE A 69 -2.22 3.89 -4.79
C PHE A 69 -2.98 3.39 -6.03
N GLN A 70 -3.02 4.19 -7.09
CA GLN A 70 -3.69 3.82 -8.33
C GLN A 70 -3.05 2.58 -8.97
N MET A 71 -1.72 2.45 -8.83
CA MET A 71 -0.93 1.35 -9.33
C MET A 71 -1.04 0.16 -8.40
N LEU A 72 -1.31 0.37 -7.11
CA LEU A 72 -1.52 -0.70 -6.15
C LEU A 72 -2.81 -1.38 -6.60
N LEU A 73 -3.82 -0.58 -6.93
CA LEU A 73 -5.09 -1.12 -7.38
C LEU A 73 -4.98 -1.91 -8.67
N THR A 74 -4.00 -1.56 -9.50
CA THR A 74 -3.76 -2.22 -10.77
C THR A 74 -2.80 -3.41 -10.59
N LYS A 75 -1.98 -3.38 -9.54
CA LYS A 75 -1.04 -4.48 -9.27
C LYS A 75 -1.76 -5.67 -8.63
N LEU A 76 -2.77 -5.42 -7.80
CA LEU A 76 -3.56 -6.45 -7.13
C LEU A 76 -4.10 -7.48 -8.15
N PRO A 77 -5.00 -7.11 -9.07
CA PRO A 77 -5.53 -8.00 -10.09
C PRO A 77 -4.54 -8.03 -11.28
N THR A 78 -4.96 -8.63 -12.40
CA THR A 78 -4.18 -8.74 -13.61
C THR A 78 -5.12 -8.96 -14.80
N ILE A 79 -6.04 -9.93 -14.67
CA ILE A 79 -7.01 -10.28 -15.70
C ILE A 79 -7.88 -9.07 -16.02
N SER A 80 -8.29 -8.35 -14.97
CA SER A 80 -9.12 -7.16 -15.11
C SER A 80 -8.52 -6.18 -16.12
N GLN A 81 -7.21 -5.94 -16.00
CA GLN A 81 -6.45 -5.07 -16.88
C GLN A 81 -6.67 -5.47 -18.34
N ARG A 82 -6.57 -6.78 -18.58
CA ARG A 82 -6.75 -7.36 -19.90
C ARG A 82 -8.15 -7.09 -20.47
N ILE A 83 -9.21 -7.27 -19.67
CA ILE A 83 -10.57 -7.06 -20.17
C ILE A 83 -10.73 -5.59 -20.55
N VAL A 84 -10.38 -4.70 -19.62
CA VAL A 84 -10.49 -3.25 -19.84
C VAL A 84 -9.81 -2.83 -21.13
N SER A 85 -8.65 -3.41 -21.43
CA SER A 85 -7.89 -3.15 -22.64
C SER A 85 -8.49 -3.84 -23.87
N ALA A 86 -9.82 -3.80 -24.01
CA ALA A 86 -10.58 -4.39 -25.10
C ALA A 86 -12.06 -3.98 -24.99
N GLN A 87 -12.63 -4.12 -23.78
CA GLN A 87 -14.01 -3.83 -23.40
C GLN A 87 -14.63 -2.71 -24.22
N SER A 88 -13.93 -1.58 -24.17
CA SER A 88 -14.22 -0.35 -24.87
C SER A 88 -12.91 0.18 -25.45
N LEU A 89 -12.15 -0.72 -26.09
CA LEU A 89 -10.85 -0.51 -26.74
C LEU A 89 -9.94 0.45 -25.98
N GLY A 90 -9.90 0.27 -24.66
CA GLY A 90 -9.08 1.07 -23.76
C GLY A 90 -9.78 2.36 -23.38
N GLU A 91 -9.74 3.38 -24.26
CA GLU A 91 -10.37 4.67 -23.99
C GLU A 91 -11.87 4.57 -24.32
N ASP A 92 -12.75 5.07 -23.43
CA ASP A 92 -14.20 4.98 -23.62
C ASP A 92 -14.71 6.12 -24.52
N ASP A 93 -15.88 5.93 -25.15
CA ASP A 93 -16.48 6.93 -26.03
C ASP A 93 -17.46 7.84 -25.27
N VAL A 94 -18.14 8.72 -26.00
CA VAL A 94 -19.13 9.65 -25.48
C VAL A 94 -20.24 9.78 -26.52
N GLU A 95 -21.50 9.72 -26.07
CA GLU A 95 -22.68 9.84 -26.91
C GLU A 95 -23.01 11.32 -27.09
N GLY B 1 10.80 16.79 8.40
CA GLY B 1 9.57 16.33 9.06
C GLY B 1 9.37 14.83 8.87
N PRO B 2 8.33 14.24 9.46
CA PRO B 2 8.04 12.81 9.34
C PRO B 2 7.53 12.50 7.93
N ARG B 3 7.68 11.24 7.51
CA ARG B 3 7.24 10.79 6.20
C ARG B 3 5.76 10.42 6.27
N LEU B 4 4.91 11.45 6.37
CA LEU B 4 3.45 11.34 6.45
C LEU B 4 3.00 10.70 7.75
N SER B 5 2.30 11.49 8.57
CA SER B 5 1.73 11.06 9.84
C SER B 5 0.70 12.07 10.35
N ARG B 6 0.12 12.87 9.44
CA ARG B 6 -0.90 13.87 9.78
C ARG B 6 -2.28 13.21 9.84
N LEU B 7 -2.36 12.04 10.49
CA LEU B 7 -3.55 11.24 10.66
C LEU B 7 -3.29 10.08 11.61
N LEU B 8 -2.15 9.39 11.50
CA LEU B 8 -1.85 8.20 12.28
C LEU B 8 -1.88 8.41 13.81
N SER B 9 -1.85 9.65 14.29
CA SER B 9 -1.97 9.95 15.71
C SER B 9 -3.37 9.57 16.22
N TYR B 10 -4.33 9.35 15.31
CA TYR B 10 -5.71 8.98 15.57
C TYR B 10 -5.91 7.55 16.07
N ALA B 11 -4.83 6.77 16.20
CA ALA B 11 -4.87 5.37 16.58
C ALA B 11 -3.55 4.96 17.22
N ARG A 1 24.27 -12.85 18.88
CA ARG A 1 23.90 -13.32 20.24
C ARG A 1 22.57 -12.70 20.70
N ALA A 2 21.60 -12.58 19.80
CA ALA A 2 20.28 -12.02 20.05
C ALA A 2 19.39 -12.35 18.86
N GLY A 3 18.09 -12.03 18.95
CA GLY A 3 17.12 -12.26 17.90
C GLY A 3 16.09 -11.14 17.90
N LEU A 4 15.89 -10.49 16.74
CA LEU A 4 14.95 -9.41 16.55
C LEU A 4 14.47 -9.41 15.11
N SER A 5 13.32 -8.74 14.89
CA SER A 5 12.65 -8.57 13.63
C SER A 5 11.40 -7.71 13.88
N LYS A 6 10.95 -6.99 12.85
CA LYS A 6 9.77 -6.15 12.92
C LYS A 6 8.50 -7.02 13.00
N LEU A 7 7.33 -6.37 12.97
CA LEU A 7 6.02 -6.97 13.04
C LEU A 7 5.87 -7.91 14.24
N PRO A 8 5.73 -7.37 15.46
CA PRO A 8 5.56 -8.15 16.68
C PRO A 8 4.15 -8.76 16.74
N ASP A 9 3.76 -9.26 17.91
CA ASP A 9 2.48 -9.92 18.17
C ASP A 9 1.28 -9.15 17.58
N LEU A 10 0.25 -9.90 17.14
CA LEU A 10 -0.99 -9.41 16.57
C LEU A 10 -2.06 -9.33 17.65
N LYS A 11 -1.85 -10.01 18.78
CA LYS A 11 -2.76 -9.95 19.91
C LYS A 11 -2.71 -8.51 20.42
N ASP A 12 -1.51 -7.90 20.39
CA ASP A 12 -1.32 -6.52 20.77
C ASP A 12 -1.49 -5.67 19.52
N ALA A 13 -2.21 -4.56 19.68
CA ALA A 13 -2.51 -3.63 18.59
C ALA A 13 -1.44 -2.55 18.52
N GLU A 14 -1.07 -2.01 19.67
CA GLU A 14 -0.08 -0.95 19.85
C GLU A 14 1.24 -1.37 19.21
N ALA A 15 1.66 -2.61 19.48
CA ALA A 15 2.88 -3.20 18.96
C ALA A 15 2.86 -3.26 17.43
N VAL A 16 1.66 -3.45 16.88
CA VAL A 16 1.41 -3.54 15.45
C VAL A 16 1.26 -2.13 14.89
N GLN A 17 0.78 -1.18 15.70
CA GLN A 17 0.62 0.20 15.29
C GLN A 17 1.99 0.75 14.95
N LYS A 18 2.99 0.42 15.78
CA LYS A 18 4.36 0.89 15.56
C LYS A 18 4.84 0.45 14.18
N PHE A 19 4.83 -0.86 13.93
CA PHE A 19 5.25 -1.44 12.66
C PHE A 19 4.41 -0.94 11.48
N PHE A 20 3.09 -0.87 11.65
CA PHE A 20 2.16 -0.46 10.61
C PHE A 20 2.58 0.92 10.13
N LEU A 21 2.79 1.85 11.08
CA LEU A 21 3.27 3.19 10.79
C LEU A 21 4.65 3.12 10.18
N GLU A 22 5.54 2.26 10.69
CA GLU A 22 6.87 2.13 10.13
C GLU A 22 6.78 1.78 8.64
N GLU A 23 5.76 1.02 8.22
CA GLU A 23 5.54 0.62 6.83
C GLU A 23 4.92 1.76 6.03
N ILE A 24 3.90 2.44 6.60
CA ILE A 24 3.25 3.61 6.00
C ILE A 24 4.37 4.60 5.62
N GLN A 25 5.26 4.88 6.58
CA GLN A 25 6.36 5.82 6.43
C GLN A 25 7.47 5.29 5.52
N LEU A 26 7.96 4.07 5.79
CA LEU A 26 9.02 3.42 5.01
C LEU A 26 8.64 3.44 3.53
N GLY A 27 7.41 3.02 3.22
CA GLY A 27 6.90 3.02 1.86
C GLY A 27 6.95 4.44 1.32
N GLU A 28 6.15 5.36 1.88
CA GLU A 28 6.16 6.74 1.40
C GLU A 28 7.56 7.34 1.21
N GLU A 29 8.53 6.97 2.06
CA GLU A 29 9.91 7.42 1.94
C GLU A 29 10.59 6.77 0.73
N LEU A 30 10.39 5.46 0.52
CA LEU A 30 10.96 4.78 -0.64
C LEU A 30 10.37 5.39 -1.91
N LEU A 31 9.08 5.73 -1.89
CA LEU A 31 8.41 6.36 -3.02
C LEU A 31 8.94 7.77 -3.19
N ALA A 32 9.37 8.38 -2.09
CA ALA A 32 10.04 9.67 -2.12
C ALA A 32 11.33 9.56 -2.93
N GLN A 33 11.85 8.34 -3.11
CA GLN A 33 13.03 8.03 -3.90
C GLN A 33 12.53 7.68 -5.31
N GLY A 34 11.41 6.95 -5.36
CA GLY A 34 10.71 6.52 -6.56
C GLY A 34 10.43 5.02 -6.62
N ASP A 35 10.53 4.27 -5.51
CA ASP A 35 10.32 2.81 -5.57
C ASP A 35 8.85 2.38 -5.38
N TYR A 36 7.95 2.96 -6.20
CA TYR A 36 6.51 2.70 -6.24
C TYR A 36 6.18 1.22 -6.28
N GLU A 37 6.97 0.44 -7.02
CA GLU A 37 6.79 -1.00 -7.12
C GLU A 37 6.87 -1.63 -5.74
N LYS A 38 7.85 -1.19 -4.95
CA LYS A 38 8.01 -1.66 -3.58
C LYS A 38 6.94 -1.05 -2.69
N GLY A 39 6.52 0.19 -2.97
CA GLY A 39 5.46 0.84 -2.23
C GLY A 39 4.21 -0.01 -2.19
N VAL A 40 3.87 -0.65 -3.32
CA VAL A 40 2.69 -1.50 -3.39
C VAL A 40 2.83 -2.62 -2.36
N ASP A 41 4.00 -3.25 -2.28
CA ASP A 41 4.28 -4.35 -1.35
C ASP A 41 4.20 -3.86 0.10
N HIS A 42 4.95 -2.80 0.41
CA HIS A 42 5.01 -2.23 1.75
C HIS A 42 3.65 -1.72 2.20
N LEU A 43 2.85 -1.20 1.27
CA LEU A 43 1.52 -0.75 1.62
C LEU A 43 0.70 -2.01 1.84
N THR A 44 0.82 -3.02 0.95
CA THR A 44 0.09 -4.28 1.10
C THR A 44 0.25 -4.83 2.52
N ASN A 45 1.46 -4.71 3.07
CA ASN A 45 1.78 -5.16 4.42
C ASN A 45 0.93 -4.37 5.44
N ALA A 46 0.89 -3.04 5.27
CA ALA A 46 0.12 -2.17 6.13
C ALA A 46 -1.35 -2.67 6.15
N ILE A 47 -1.92 -2.96 4.97
CA ILE A 47 -3.28 -3.49 4.87
C ILE A 47 -3.41 -4.86 5.54
N ALA A 48 -2.37 -5.67 5.45
CA ALA A 48 -2.35 -7.02 5.98
C ALA A 48 -2.47 -7.03 7.48
N VAL A 49 -1.95 -5.98 8.13
CA VAL A 49 -2.04 -5.87 9.57
C VAL A 49 -3.18 -4.95 10.01
N CYS A 50 -3.71 -4.13 9.10
CA CYS A 50 -4.81 -3.22 9.44
C CYS A 50 -6.15 -3.92 9.26
N GLY A 51 -6.39 -4.53 8.08
CA GLY A 51 -7.63 -5.22 7.78
C GLY A 51 -8.78 -4.28 7.40
N GLN A 52 -8.51 -2.98 7.32
CA GLN A 52 -9.45 -1.93 6.95
C GLN A 52 -8.73 -1.08 5.90
N PRO A 53 -8.42 -1.64 4.71
CA PRO A 53 -7.72 -0.91 3.68
C PRO A 53 -8.40 0.40 3.31
N GLN A 54 -9.67 0.33 2.93
CA GLN A 54 -10.46 1.45 2.46
C GLN A 54 -10.47 2.66 3.41
N GLN A 55 -10.59 2.45 4.72
CA GLN A 55 -10.55 3.57 5.64
C GLN A 55 -9.20 4.26 5.54
N LEU A 56 -8.15 3.43 5.57
CA LEU A 56 -6.78 3.92 5.44
C LEU A 56 -6.62 4.56 4.07
N LEU A 57 -7.24 4.06 3.00
CA LEU A 57 -7.10 4.65 1.69
C LEU A 57 -7.69 6.04 1.67
N GLN A 58 -8.80 6.26 2.39
CA GLN A 58 -9.37 7.59 2.47
C GLN A 58 -8.34 8.48 3.16
N VAL A 59 -7.83 8.03 4.30
CA VAL A 59 -6.84 8.75 5.08
C VAL A 59 -5.58 9.09 4.28
N LEU A 60 -5.11 8.12 3.49
CA LEU A 60 -3.92 8.16 2.70
C LEU A 60 -4.15 8.93 1.39
N GLN A 61 -5.40 9.02 0.90
CA GLN A 61 -5.71 9.75 -0.32
C GLN A 61 -5.98 11.22 -0.03
N GLN A 62 -6.52 11.53 1.17
CA GLN A 62 -6.85 12.89 1.56
C GLN A 62 -5.64 13.63 2.13
N THR A 63 -4.65 12.89 2.66
CA THR A 63 -3.45 13.51 3.21
C THR A 63 -2.50 13.88 2.08
N LEU A 64 -2.40 13.04 1.05
CA LEU A 64 -1.53 13.24 -0.10
C LEU A 64 -2.07 12.49 -1.31
N PRO A 65 -1.80 12.96 -2.54
CA PRO A 65 -2.20 12.28 -3.76
C PRO A 65 -1.37 10.98 -3.82
N PRO A 66 -1.98 9.78 -3.81
CA PRO A 66 -1.26 8.52 -3.78
C PRO A 66 -0.99 7.90 -5.16
N PRO A 67 0.22 8.06 -5.75
CA PRO A 67 0.54 7.46 -7.04
C PRO A 67 0.73 5.95 -6.91
N VAL A 68 0.97 5.46 -5.69
CA VAL A 68 1.15 4.05 -5.42
C VAL A 68 -0.21 3.37 -5.45
N PHE A 69 -1.19 3.94 -4.75
CA PHE A 69 -2.56 3.42 -4.72
C PHE A 69 -3.04 2.99 -6.10
N GLN A 70 -2.89 3.85 -7.11
CA GLN A 70 -3.32 3.53 -8.47
C GLN A 70 -2.56 2.34 -9.05
N MET A 71 -1.30 2.15 -8.64
CA MET A 71 -0.50 1.02 -9.05
C MET A 71 -0.96 -0.18 -8.24
N LEU A 72 -1.38 0.01 -6.99
CA LEU A 72 -1.89 -1.07 -6.16
C LEU A 72 -3.03 -1.70 -6.94
N LEU A 73 -3.87 -0.85 -7.53
CA LEU A 73 -4.99 -1.28 -8.34
C LEU A 73 -4.56 -2.02 -9.60
N THR A 74 -3.36 -1.73 -10.10
CA THR A 74 -2.85 -2.38 -11.30
C THR A 74 -2.03 -3.62 -10.94
N LYS A 75 -1.54 -3.72 -9.69
CA LYS A 75 -0.76 -4.86 -9.23
C LYS A 75 -1.68 -5.99 -8.77
N LEU A 76 -2.82 -5.65 -8.12
CA LEU A 76 -3.81 -6.60 -7.65
C LEU A 76 -4.27 -7.57 -8.75
N PRO A 77 -4.84 -7.10 -9.88
CA PRO A 77 -5.28 -7.96 -10.97
C PRO A 77 -4.08 -8.49 -11.77
N THR A 78 -4.37 -9.40 -12.69
CA THR A 78 -3.39 -10.04 -13.58
C THR A 78 -3.98 -10.14 -14.98
N ILE A 79 -5.23 -10.62 -15.05
CA ILE A 79 -5.97 -10.79 -16.29
C ILE A 79 -5.96 -9.50 -17.09
N SER A 80 -6.28 -8.38 -16.42
CA SER A 80 -6.31 -7.05 -17.01
C SER A 80 -5.00 -6.74 -17.73
N GLN A 81 -3.87 -6.99 -17.05
CA GLN A 81 -2.54 -6.76 -17.59
C GLN A 81 -2.33 -7.61 -18.84
N ARG A 82 -2.83 -8.84 -18.82
CA ARG A 82 -2.70 -9.74 -19.97
C ARG A 82 -3.46 -9.20 -21.19
N ILE A 83 -4.66 -8.63 -21.01
CA ILE A 83 -5.41 -8.10 -22.14
C ILE A 83 -4.60 -6.99 -22.79
N VAL A 84 -4.18 -6.02 -21.96
CA VAL A 84 -3.39 -4.89 -22.46
C VAL A 84 -2.12 -5.37 -23.16
N SER A 85 -1.43 -6.34 -22.58
CA SER A 85 -0.21 -6.92 -23.12
C SER A 85 -0.49 -7.88 -24.29
N ALA A 86 -1.39 -7.48 -25.20
CA ALA A 86 -1.81 -8.21 -26.37
C ALA A 86 -2.60 -7.26 -27.27
N GLN A 87 -3.62 -6.61 -26.70
CA GLN A 87 -4.50 -5.66 -27.36
C GLN A 87 -3.80 -4.30 -27.48
N SER A 88 -2.64 -4.29 -28.13
CA SER A 88 -1.77 -3.15 -28.40
C SER A 88 -0.47 -3.66 -29.03
N LEU A 89 0.11 -4.71 -28.43
CA LEU A 89 1.33 -5.36 -28.87
C LEU A 89 0.96 -6.65 -29.60
N GLY A 90 -0.06 -6.56 -30.46
CA GLY A 90 -0.54 -7.68 -31.25
C GLY A 90 0.50 -8.19 -32.24
N GLU A 91 0.36 -9.45 -32.65
CA GLU A 91 1.28 -10.09 -33.60
C GLU A 91 1.09 -9.47 -34.99
N ASP A 92 2.15 -9.44 -35.82
CA ASP A 92 2.14 -8.90 -37.17
C ASP A 92 2.74 -9.93 -38.14
N ASP A 93 2.59 -9.71 -39.45
CA ASP A 93 3.08 -10.59 -40.50
C ASP A 93 4.47 -10.14 -40.96
N VAL A 94 5.15 -10.97 -41.77
CA VAL A 94 6.48 -10.71 -42.29
C VAL A 94 6.50 -11.05 -43.79
N GLU A 95 7.32 -10.31 -44.55
CA GLU A 95 7.50 -10.48 -45.98
C GLU A 95 8.87 -9.91 -46.33
N GLY B 1 11.50 12.01 2.68
CA GLY B 1 10.14 12.04 2.13
C GLY B 1 9.17 12.74 3.08
N PRO B 2 7.87 12.81 2.71
CA PRO B 2 6.87 13.44 3.54
C PRO B 2 6.57 12.56 4.75
N ARG B 3 6.42 13.17 5.93
CA ARG B 3 6.14 12.44 7.15
C ARG B 3 4.68 11.96 7.15
N LEU B 4 4.44 10.77 6.58
CA LEU B 4 3.12 10.15 6.51
C LEU B 4 2.79 9.64 7.92
N SER B 5 2.43 10.58 8.81
CA SER B 5 2.08 10.32 10.20
C SER B 5 1.29 11.46 10.82
N ARG B 6 1.16 12.61 10.13
CA ARG B 6 0.38 13.75 10.59
C ARG B 6 -1.02 13.23 10.93
N LEU B 7 -1.60 12.46 10.00
CA LEU B 7 -2.89 11.83 10.18
C LEU B 7 -2.84 10.78 11.29
N LEU B 8 -1.83 9.90 11.30
CA LEU B 8 -1.76 8.81 12.27
C LEU B 8 -1.75 9.28 13.73
N SER B 9 -1.47 10.55 13.99
CA SER B 9 -1.55 11.11 15.33
C SER B 9 -3.00 11.11 15.85
N TYR B 10 -3.97 10.86 14.95
CA TYR B 10 -5.40 10.81 15.21
C TYR B 10 -5.85 9.53 15.96
N ALA B 11 -4.92 8.62 16.24
CA ALA B 11 -5.20 7.34 16.86
C ALA B 11 -3.94 6.81 17.54
N ARG A 1 11.31 -5.46 28.68
CA ARG A 1 12.05 -4.20 28.90
C ARG A 1 12.60 -3.70 27.57
N ALA A 2 13.85 -4.04 27.23
CA ALA A 2 14.45 -3.64 25.97
C ALA A 2 13.93 -4.52 24.84
N GLY A 3 14.17 -4.12 23.58
CA GLY A 3 13.74 -4.85 22.40
C GLY A 3 12.28 -4.53 22.05
N LEU A 4 11.96 -4.56 20.75
CA LEU A 4 10.62 -4.28 20.24
C LEU A 4 10.51 -4.85 18.82
N SER A 5 11.36 -4.36 17.91
CA SER A 5 11.42 -4.82 16.51
C SER A 5 10.12 -4.57 15.74
N LYS A 6 9.91 -5.37 14.68
CA LYS A 6 8.77 -5.35 13.76
C LYS A 6 7.99 -6.65 14.00
N LEU A 7 6.63 -6.62 13.98
CA LEU A 7 5.77 -7.79 14.18
C LEU A 7 6.27 -8.73 15.29
N PRO A 8 6.27 -8.28 16.56
CA PRO A 8 6.73 -9.06 17.69
C PRO A 8 5.73 -10.19 18.00
N ASP A 9 4.89 -10.03 19.03
CA ASP A 9 3.89 -11.04 19.39
C ASP A 9 2.67 -10.92 18.48
N LEU A 10 2.45 -9.73 17.88
CA LEU A 10 1.37 -9.41 16.96
C LEU A 10 -0.03 -9.28 17.56
N LYS A 11 -0.22 -9.78 18.79
CA LYS A 11 -1.50 -9.72 19.50
C LYS A 11 -1.79 -8.30 20.00
N ASP A 12 -0.75 -7.53 20.33
CA ASP A 12 -0.89 -6.19 20.90
C ASP A 12 -1.20 -5.17 19.81
N ALA A 13 -2.09 -4.23 20.16
CA ALA A 13 -2.55 -3.17 19.28
C ALA A 13 -1.46 -2.14 19.02
N GLU A 14 -0.78 -1.72 20.10
CA GLU A 14 0.30 -0.75 20.07
C GLU A 14 1.46 -1.24 19.20
N ALA A 15 1.75 -2.54 19.27
CA ALA A 15 2.83 -3.17 18.49
C ALA A 15 2.44 -3.27 17.02
N VAL A 16 1.12 -3.35 16.75
CA VAL A 16 0.59 -3.43 15.40
C VAL A 16 0.55 -2.02 14.85
N GLN A 17 0.20 -1.04 15.69
CA GLN A 17 0.12 0.35 15.27
C GLN A 17 1.51 0.86 14.93
N LYS A 18 2.48 0.61 15.81
CA LYS A 18 3.83 1.09 15.59
C LYS A 18 4.40 0.54 14.28
N PHE A 19 4.22 -0.77 14.04
CA PHE A 19 4.70 -1.42 12.84
C PHE A 19 3.93 -0.93 11.60
N PHE A 20 2.60 -0.86 11.71
CA PHE A 20 1.72 -0.43 10.62
C PHE A 20 2.22 0.93 10.12
N LEU A 21 2.43 1.86 11.06
CA LEU A 21 2.97 3.18 10.80
C LEU A 21 4.38 3.11 10.24
N GLU A 22 5.23 2.25 10.83
CA GLU A 22 6.60 2.09 10.36
C GLU A 22 6.62 1.72 8.87
N GLU A 23 5.64 0.94 8.42
CA GLU A 23 5.51 0.47 7.05
C GLU A 23 4.91 1.57 6.18
N ILE A 24 3.87 2.24 6.68
CA ILE A 24 3.21 3.38 6.01
C ILE A 24 4.30 4.40 5.66
N GLN A 25 5.14 4.74 6.64
CA GLN A 25 6.20 5.74 6.47
C GLN A 25 7.40 5.23 5.68
N LEU A 26 7.80 3.98 5.92
CA LEU A 26 8.92 3.34 5.24
C LEU A 26 8.59 3.31 3.74
N GLY A 27 7.36 2.93 3.39
CA GLY A 27 6.89 2.90 2.02
C GLY A 27 6.96 4.30 1.46
N GLU A 28 6.22 5.26 2.03
CA GLU A 28 6.28 6.63 1.52
C GLU A 28 7.71 7.13 1.29
N GLU A 29 8.62 6.85 2.23
CA GLU A 29 10.05 7.21 2.13
C GLU A 29 10.70 6.49 0.94
N LEU A 30 10.47 5.19 0.75
CA LEU A 30 11.02 4.47 -0.38
C LEU A 30 10.51 5.08 -1.69
N LEU A 31 9.24 5.46 -1.72
CA LEU A 31 8.65 6.11 -2.89
C LEU A 31 9.29 7.48 -3.07
N ALA A 32 9.65 8.12 -1.96
CA ALA A 32 10.39 9.37 -1.98
C ALA A 32 11.72 9.19 -2.75
N GLN A 33 12.20 7.94 -2.85
CA GLN A 33 13.40 7.57 -3.58
C GLN A 33 13.01 7.18 -5.00
N GLY A 34 11.84 6.54 -5.14
CA GLY A 34 11.23 6.12 -6.40
C GLY A 34 10.89 4.63 -6.44
N ASP A 35 10.84 3.93 -5.30
CA ASP A 35 10.54 2.49 -5.31
C ASP A 35 9.04 2.15 -5.15
N TYR A 36 8.23 2.75 -6.03
CA TYR A 36 6.78 2.58 -6.12
C TYR A 36 6.30 1.14 -6.02
N GLU A 37 6.99 0.20 -6.68
CA GLU A 37 6.59 -1.19 -6.63
C GLU A 37 6.72 -1.74 -5.21
N LYS A 38 7.75 -1.30 -4.49
CA LYS A 38 7.91 -1.70 -3.10
C LYS A 38 6.82 -1.04 -2.28
N GLY A 39 6.38 0.17 -2.66
CA GLY A 39 5.29 0.84 -1.99
C GLY A 39 4.03 0.02 -2.09
N VAL A 40 3.78 -0.61 -3.24
CA VAL A 40 2.57 -1.42 -3.40
C VAL A 40 2.61 -2.59 -2.42
N ASP A 41 3.73 -3.30 -2.37
CA ASP A 41 3.95 -4.46 -1.51
C ASP A 41 3.81 -4.08 -0.02
N HIS A 42 4.59 -3.08 0.38
CA HIS A 42 4.65 -2.59 1.74
C HIS A 42 3.31 -2.00 2.15
N LEU A 43 2.62 -1.32 1.24
CA LEU A 43 1.32 -0.78 1.62
C LEU A 43 0.40 -1.99 1.78
N THR A 44 0.45 -2.95 0.85
CA THR A 44 -0.38 -4.15 0.94
C THR A 44 -0.21 -4.83 2.31
N ASN A 45 1.02 -4.82 2.83
CA ASN A 45 1.33 -5.40 4.14
C ASN A 45 0.65 -4.58 5.23
N ALA A 46 0.68 -3.25 5.11
CA ALA A 46 0.02 -2.36 6.06
C ALA A 46 -1.45 -2.77 6.12
N ILE A 47 -2.10 -2.99 4.97
CA ILE A 47 -3.49 -3.44 4.92
C ILE A 47 -3.64 -4.82 5.55
N ALA A 48 -2.62 -5.68 5.42
CA ALA A 48 -2.65 -7.03 5.95
C ALA A 48 -2.76 -7.01 7.47
N VAL A 49 -2.21 -5.97 8.10
CA VAL A 49 -2.27 -5.85 9.54
C VAL A 49 -3.39 -4.91 9.98
N CYS A 50 -3.93 -4.08 9.07
CA CYS A 50 -5.02 -3.18 9.42
C CYS A 50 -6.38 -3.85 9.25
N GLY A 51 -6.61 -4.52 8.12
CA GLY A 51 -7.86 -5.22 7.80
C GLY A 51 -8.99 -4.27 7.42
N GLN A 52 -8.64 -3.07 6.93
CA GLN A 52 -9.59 -2.05 6.50
C GLN A 52 -8.90 -1.23 5.41
N PRO A 53 -8.68 -1.81 4.21
CA PRO A 53 -8.01 -1.11 3.13
C PRO A 53 -8.62 0.24 2.82
N GLN A 54 -9.93 0.25 2.55
CA GLN A 54 -10.68 1.42 2.14
C GLN A 54 -10.54 2.58 3.13
N GLN A 55 -10.64 2.30 4.43
CA GLN A 55 -10.51 3.36 5.42
C GLN A 55 -9.13 3.99 5.28
N LEU A 56 -8.10 3.14 5.14
CA LEU A 56 -6.76 3.64 4.97
C LEU A 56 -6.64 4.40 3.65
N LEU A 57 -7.25 3.93 2.56
CA LEU A 57 -7.13 4.64 1.29
C LEU A 57 -7.74 6.04 1.37
N GLN A 58 -8.87 6.24 2.06
CA GLN A 58 -9.41 7.58 2.19
C GLN A 58 -8.46 8.42 3.06
N VAL A 59 -7.91 7.81 4.12
CA VAL A 59 -6.97 8.47 5.02
C VAL A 59 -5.70 8.89 4.29
N LEU A 60 -5.27 8.12 3.30
CA LEU A 60 -4.09 8.44 2.52
C LEU A 60 -4.42 9.50 1.48
N GLN A 61 -5.63 9.47 0.91
CA GLN A 61 -6.01 10.40 -0.15
C GLN A 61 -6.23 11.79 0.43
N GLN A 62 -6.85 11.85 1.60
CA GLN A 62 -7.17 13.09 2.26
C GLN A 62 -5.89 13.84 2.64
N THR A 63 -4.84 13.12 3.08
CA THR A 63 -3.58 13.75 3.42
C THR A 63 -2.74 14.06 2.18
N LEU A 64 -2.81 13.19 1.16
CA LEU A 64 -2.00 13.35 -0.04
C LEU A 64 -2.46 12.38 -1.14
N PRO A 65 -3.03 12.84 -2.27
CA PRO A 65 -3.45 11.94 -3.35
C PRO A 65 -2.22 11.19 -3.88
N PRO A 66 -2.06 9.88 -3.61
CA PRO A 66 -0.89 9.13 -4.03
C PRO A 66 -1.02 8.60 -5.45
N PRO A 67 -0.15 8.99 -6.40
CA PRO A 67 -0.19 8.45 -7.75
C PRO A 67 0.17 6.96 -7.67
N VAL A 68 1.05 6.62 -6.71
CA VAL A 68 1.49 5.27 -6.41
C VAL A 68 0.28 4.39 -6.15
N PHE A 69 -0.66 4.88 -5.34
CA PHE A 69 -1.90 4.17 -5.01
C PHE A 69 -2.58 3.67 -6.30
N GLN A 70 -2.60 4.54 -7.32
CA GLN A 70 -3.19 4.28 -8.64
C GLN A 70 -2.51 3.11 -9.36
N MET A 71 -1.27 2.80 -8.98
CA MET A 71 -0.44 1.72 -9.46
C MET A 71 -0.70 0.50 -8.57
N LEU A 72 -0.88 0.73 -7.26
CA LEU A 72 -1.15 -0.32 -6.30
C LEU A 72 -2.37 -1.10 -6.72
N LEU A 73 -3.49 -0.41 -6.97
CA LEU A 73 -4.72 -1.12 -7.34
C LEU A 73 -4.71 -1.66 -8.77
N THR A 74 -3.65 -1.36 -9.54
CA THR A 74 -3.46 -1.83 -10.89
C THR A 74 -2.51 -3.03 -10.85
N LYS A 75 -1.64 -3.10 -9.84
CA LYS A 75 -0.73 -4.23 -9.65
C LYS A 75 -1.57 -5.50 -9.45
N LEU A 76 -2.60 -5.42 -8.59
CA LEU A 76 -3.50 -6.52 -8.26
C LEU A 76 -4.11 -7.24 -9.49
N PRO A 77 -5.01 -6.60 -10.25
CA PRO A 77 -5.67 -7.20 -11.40
C PRO A 77 -4.76 -7.22 -12.63
N THR A 78 -5.02 -8.17 -13.53
CA THR A 78 -4.30 -8.33 -14.78
C THR A 78 -5.23 -8.06 -15.97
N ILE A 79 -6.51 -8.39 -15.80
CA ILE A 79 -7.57 -8.27 -16.78
C ILE A 79 -7.57 -6.93 -17.50
N SER A 80 -7.75 -5.86 -16.74
CA SER A 80 -7.77 -4.49 -17.25
C SER A 80 -6.52 -4.21 -18.07
N GLN A 81 -5.35 -4.53 -17.49
CA GLN A 81 -4.07 -4.35 -18.15
C GLN A 81 -4.04 -5.10 -19.49
N ARG A 82 -4.63 -6.30 -19.53
CA ARG A 82 -4.67 -7.10 -20.74
C ARG A 82 -5.49 -6.44 -21.84
N ILE A 83 -6.64 -5.82 -21.51
CA ILE A 83 -7.47 -5.17 -22.52
C ILE A 83 -6.67 -4.05 -23.16
N VAL A 84 -6.11 -3.18 -22.32
CA VAL A 84 -5.31 -2.05 -22.78
C VAL A 84 -4.12 -2.52 -23.60
N SER A 85 -3.41 -3.53 -23.10
CA SER A 85 -2.26 -4.12 -23.77
C SER A 85 -2.67 -5.06 -24.90
N ALA A 86 -3.68 -4.66 -25.69
CA ALA A 86 -4.19 -5.43 -26.81
C ALA A 86 -5.02 -4.51 -27.71
N GLN A 87 -6.10 -3.94 -27.17
CA GLN A 87 -7.01 -3.05 -27.88
C GLN A 87 -6.42 -1.64 -27.97
N SER A 88 -5.22 -1.54 -28.53
CA SER A 88 -4.40 -0.35 -28.75
C SER A 88 -3.09 -0.77 -29.39
N LEU A 89 -2.51 -1.88 -28.90
CA LEU A 89 -1.26 -2.46 -29.38
C LEU A 89 -1.57 -3.80 -30.04
N GLY A 90 -2.59 -3.80 -30.89
CA GLY A 90 -3.06 -4.97 -31.63
C GLY A 90 -4.12 -4.55 -32.64
N GLU A 91 -4.77 -5.54 -33.26
CA GLU A 91 -5.80 -5.30 -34.26
C GLU A 91 -7.01 -4.60 -33.62
N ASP A 92 -7.71 -3.74 -34.36
CA ASP A 92 -8.87 -3.01 -33.89
C ASP A 92 -9.73 -2.64 -35.12
N ASP A 93 -11.06 -2.63 -34.98
CA ASP A 93 -12.00 -2.29 -36.05
C ASP A 93 -13.38 -2.10 -35.41
N VAL A 94 -14.18 -1.14 -35.89
CA VAL A 94 -15.52 -0.89 -35.39
C VAL A 94 -16.41 -0.53 -36.60
N GLU A 95 -16.23 -1.27 -37.71
CA GLU A 95 -16.92 -1.11 -38.98
C GLU A 95 -16.43 0.12 -39.75
N GLY B 1 10.15 15.55 7.14
CA GLY B 1 10.68 14.67 6.07
C GLY B 1 9.54 13.87 5.43
N PRO B 2 9.82 13.16 4.34
CA PRO B 2 8.84 12.35 3.61
C PRO B 2 8.52 11.06 4.37
N ARG B 3 7.86 11.20 5.52
CA ARG B 3 7.42 10.11 6.39
C ARG B 3 5.93 10.32 6.64
N LEU B 4 5.11 9.49 5.99
CA LEU B 4 3.66 9.51 6.05
C LEU B 4 3.17 9.28 7.49
N SER B 5 2.73 10.34 8.18
CA SER B 5 2.20 10.23 9.53
C SER B 5 1.43 11.49 9.92
N ARG B 6 0.80 12.15 8.93
CA ARG B 6 0.01 13.35 9.15
C ARG B 6 -1.27 12.92 9.86
N LEU B 7 -2.05 12.06 9.19
CA LEU B 7 -3.30 11.52 9.70
C LEU B 7 -3.08 10.59 10.87
N LEU B 8 -1.99 9.81 10.89
CA LEU B 8 -1.77 8.82 11.92
C LEU B 8 -1.67 9.39 13.34
N SER B 9 -1.48 10.70 13.49
CA SER B 9 -1.47 11.36 14.78
C SER B 9 -2.86 11.28 15.45
N TYR B 10 -3.89 10.91 14.68
CA TYR B 10 -5.28 10.75 15.10
C TYR B 10 -5.53 9.49 15.95
N ALA B 11 -4.50 8.67 16.21
CA ALA B 11 -4.62 7.41 16.91
C ALA B 11 -3.29 7.07 17.58
#